data_4Q1V
#
_entry.id   4Q1V
#
_cell.length_a   92.487
_cell.length_b   133.703
_cell.length_c   159.127
_cell.angle_alpha   90.000
_cell.angle_beta   90.000
_cell.angle_gamma   90.000
#
_symmetry.space_group_name_H-M   'P 21 21 21'
#
loop_
_entity.id
_entity.type
_entity.pdbx_description
1 polymer 'putative dipeptidyl aminopeptidase IV'
2 non-polymer DI(HYDROXYETHYL)ETHER
3 non-polymer 'MAGNESIUM ION'
4 water water
#
_entity_poly.entity_id   1
_entity_poly.type   'polypeptide(L)'
_entity_poly.pdbx_seq_one_letter_code
;GQETKKPTLEELIPGGESYLYAENLYGLQWWGDECIKPGVDTLYSIQPKTGKET(MSE)VITREQINKVLEENKAGKLSH
LYSVRFPWTDKAQ(MSE)LFTIAGKFIVYNFKNNQVVSTFKPKDGANNEDYCAASGNVAYTIDNNLYVNEKAVTNEPEGI
VCGQTVHRNEFGINKGTFWSPKGNLLAFYR(MSE)DES(MSE)VTQYPLVDITARVGEVNNVRYP(MSE)AG(MSE)TSH
QVKVGIYNPATGKSIYLNAGDPTDRYFTNISWAPDEKSLYLIEVNRDQNHAKLCQYNAETGEP(MSE)GVLYEE(MSE)H
PKYVEPQNPIVFLPWDPTKFIYQSQRDGYNHLYLFETNAAN(MSE)KGETYNSANGGSYFQAGKVKQLTKGNWLVSEILG
FNTKRKEVIFTAVEGLRSGHFAVNVSNGKISQPFENCKESEHSGTLSASGTYLIDRYSTKDQPRVINLVDTKNFKETANL
LTAENPYDGYQ(MSE)PSIETGTIKAADGTTDLHYRL(MSE)KPANFDPAKKYPVIVYVYGGPHAQCVTGGWQNGARGWD
TY(MSE)ASKGYI(MSE)FTIDNRGSSNRGLTFENATFRRLGIEEGKDQVKGVEFLKSLPYVDSERIGVHGWSFGGH
(MSE)TTAL(MSE)LRYPEIFKVGVAGGPVIDWGYYEI(MSE)YGERY(MSE)DTPESNPEGYKECNLKNLADQLKGHLL
IIHDDHDDTCVPQHTLSF(MSE)KACVDARTYPDLFIYPCHKHNVAGRDRVHLHEKITRYFEQNL
;
_entity_poly.pdbx_strand_id   A,B
#
# COMPACT_ATOMS: atom_id res chain seq x y z
N THR A 4 4.00 -1.74 43.85
CA THR A 4 2.64 -1.47 43.35
C THR A 4 2.67 -0.80 41.95
N LYS A 5 3.74 -0.01 41.60
CA LYS A 5 3.81 0.64 40.29
C LYS A 5 4.24 -0.37 39.21
N LYS A 6 3.56 -0.31 38.07
CA LYS A 6 3.80 -1.17 36.92
C LYS A 6 4.52 -0.38 35.81
N PRO A 7 5.53 -0.95 35.10
CA PRO A 7 6.16 -0.18 34.01
C PRO A 7 5.20 -0.01 32.82
N THR A 8 5.38 1.09 32.11
CA THR A 8 4.61 1.55 30.96
CA THR A 8 4.58 1.46 30.95
C THR A 8 5.30 1.01 29.70
N LEU A 9 4.65 1.10 28.54
CA LEU A 9 5.25 0.72 27.26
C LEU A 9 6.45 1.68 26.95
N GLU A 10 6.42 2.93 27.46
CA GLU A 10 7.52 3.90 27.31
C GLU A 10 8.77 3.43 28.06
N GLU A 11 8.59 2.62 29.12
CA GLU A 11 9.68 2.07 29.92
C GLU A 11 10.11 0.67 29.50
N LEU A 12 9.24 -0.08 28.82
CA LEU A 12 9.46 -1.46 28.42
C LEU A 12 9.78 -1.67 26.96
N ILE A 13 9.49 -0.69 26.08
CA ILE A 13 9.71 -0.88 24.64
C ILE A 13 10.87 -0.02 24.13
N PRO A 14 11.88 -0.63 23.45
CA PRO A 14 12.98 0.18 22.86
C PRO A 14 12.39 1.15 21.84
N GLY A 15 12.69 2.45 22.04
CA GLY A 15 12.11 3.56 21.31
C GLY A 15 11.30 4.43 22.27
N GLY A 16 10.99 3.86 23.44
CA GLY A 16 10.30 4.53 24.53
C GLY A 16 11.13 5.69 25.09
N GLU A 17 10.44 6.75 25.53
CA GLU A 17 11.04 7.98 26.07
C GLU A 17 11.86 7.68 27.32
N SER A 18 11.43 6.69 28.14
CA SER A 18 12.07 6.35 29.42
C SER A 18 12.41 4.85 29.51
N TYR A 19 12.86 4.30 28.38
CA TYR A 19 13.20 2.89 28.24
C TYR A 19 14.25 2.46 29.31
N LEU A 20 13.88 1.46 30.14
CA LEU A 20 14.73 0.94 31.22
C LEU A 20 15.64 -0.19 30.73
N TYR A 21 16.92 -0.07 31.02
CA TYR A 21 17.84 -1.13 30.63
C TYR A 21 18.93 -1.24 31.69
N ALA A 22 19.47 -2.45 31.85
CA ALA A 22 20.53 -2.74 32.82
C ALA A 22 21.82 -2.03 32.45
N GLU A 23 22.52 -1.50 33.47
CA GLU A 23 23.81 -0.80 33.28
C GLU A 23 24.81 -1.70 32.54
N ASN A 24 25.68 -1.05 31.78
CA ASN A 24 26.68 -1.68 30.93
C ASN A 24 28.03 -0.93 30.99
N LEU A 25 29.10 -1.57 30.43
CA LEU A 25 30.41 -0.98 30.26
C LEU A 25 30.70 -0.95 28.77
N TYR A 26 30.44 0.19 28.11
CA TYR A 26 30.66 0.31 26.67
C TYR A 26 32.14 0.53 26.35
N GLY A 27 32.56 -0.04 25.24
CA GLY A 27 33.91 0.08 24.69
C GLY A 27 34.99 -0.71 25.40
N LEU A 28 34.59 -1.64 26.30
CA LEU A 28 35.47 -2.49 27.09
C LEU A 28 36.21 -3.44 26.13
N GLN A 29 37.56 -3.31 26.08
CA GLN A 29 38.36 -4.03 25.12
C GLN A 29 39.76 -4.31 25.61
N TRP A 30 40.63 -4.79 24.69
CA TRP A 30 42.01 -5.14 25.00
C TRP A 30 43.01 -4.27 24.26
N TRP A 31 44.05 -3.87 24.97
CA TRP A 31 45.26 -3.24 24.45
C TRP A 31 46.35 -4.23 24.82
N GLY A 32 46.60 -5.19 23.92
CA GLY A 32 47.50 -6.30 24.20
C GLY A 32 46.85 -7.22 25.20
N ASP A 33 47.44 -7.34 26.40
CA ASP A 33 46.90 -8.13 27.50
C ASP A 33 46.47 -7.26 28.70
N GLU A 34 46.22 -5.96 28.43
CA GLU A 34 45.71 -4.99 29.39
C GLU A 34 44.28 -4.66 29.00
N CYS A 35 43.40 -4.67 29.98
CA CYS A 35 41.99 -4.39 29.76
C CYS A 35 41.72 -2.87 29.84
N ILE A 36 41.10 -2.32 28.80
CA ILE A 36 40.78 -0.90 28.72
C ILE A 36 39.31 -0.67 29.05
N LYS A 37 39.04 0.13 30.07
CA LYS A 37 37.67 0.49 30.46
C LYS A 37 37.43 2.01 30.15
N PRO A 38 36.84 2.33 28.97
CA PRO A 38 36.49 3.73 28.67
C PRO A 38 35.38 4.25 29.57
N GLY A 39 35.25 5.56 29.62
CA GLY A 39 34.22 6.27 30.36
C GLY A 39 33.87 7.50 29.57
N VAL A 40 33.07 8.41 30.15
CA VAL A 40 32.73 9.67 29.49
C VAL A 40 33.93 10.63 29.60
N ASP A 41 34.68 10.60 30.73
CA ASP A 41 35.76 11.55 30.97
C ASP A 41 37.14 10.95 31.15
N THR A 42 37.23 9.65 31.42
CA THR A 42 38.52 8.96 31.60
C THR A 42 38.56 7.59 30.93
N LEU A 43 39.77 7.12 30.68
CA LEU A 43 40.10 5.78 30.20
C LEU A 43 40.95 5.13 31.29
N TYR A 44 40.53 3.97 31.76
CA TYR A 44 41.30 3.23 32.74
C TYR A 44 41.87 1.94 32.10
N SER A 45 42.95 1.45 32.71
CA SER A 45 43.63 0.24 32.34
C SER A 45 43.45 -0.70 33.48
N ILE A 46 43.12 -1.96 33.22
CA ILE A 46 42.94 -2.93 34.31
C ILE A 46 43.91 -4.08 34.11
N GLN A 47 44.71 -4.35 35.15
CA GLN A 47 45.63 -5.46 35.15
C GLN A 47 44.79 -6.72 35.40
N PRO A 48 44.68 -7.65 34.41
CA PRO A 48 43.81 -8.81 34.61
C PRO A 48 44.21 -9.76 35.75
N LYS A 49 45.51 -10.00 36.00
CA LYS A 49 45.95 -10.90 37.07
C LYS A 49 45.38 -10.49 38.43
N THR A 50 45.49 -9.20 38.74
CA THR A 50 45.12 -8.58 40.03
C THR A 50 43.73 -7.90 40.06
N GLY A 51 43.33 -7.27 38.97
CA GLY A 51 42.10 -6.50 38.90
C GLY A 51 42.33 -5.04 39.22
N LYS A 52 43.62 -4.63 39.39
CA LYS A 52 44.02 -3.27 39.72
C LYS A 52 43.77 -2.33 38.55
N GLU A 53 42.98 -1.26 38.83
CA GLU A 53 42.62 -0.18 37.89
C GLU A 53 43.70 0.91 37.93
N THR A 54 44.21 1.32 36.74
CA THR A 54 45.21 2.38 36.55
C THR A 54 44.68 3.40 35.56
N VAL A 56 44.79 5.94 32.60
CA VAL A 56 45.61 6.09 31.40
C VAL A 56 45.58 7.56 30.98
N ILE A 57 44.35 8.08 30.68
CA ILE A 57 44.18 9.41 30.14
C ILE A 57 42.77 9.97 30.43
N THR A 58 42.66 11.29 30.38
CA THR A 58 41.42 12.03 30.55
C THR A 58 41.01 12.63 29.20
N ARG A 59 39.69 12.87 29.04
CA ARG A 59 39.12 13.49 27.84
CA ARG A 59 39.14 13.49 27.83
C ARG A 59 39.64 14.92 27.70
N GLU A 60 39.79 15.66 28.84
CA GLU A 60 40.32 17.05 28.86
C GLU A 60 41.71 17.08 28.23
N GLN A 61 42.58 16.12 28.61
CA GLN A 61 43.95 16.01 28.09
C GLN A 61 43.93 15.82 26.57
N ILE A 62 43.08 14.91 26.06
CA ILE A 62 42.96 14.61 24.63
C ILE A 62 42.41 15.84 23.89
N ASN A 63 41.31 16.42 24.37
CA ASN A 63 40.68 17.60 23.74
C ASN A 63 41.61 18.80 23.69
N LYS A 64 42.50 18.93 24.70
CA LYS A 64 43.51 19.97 24.72
C LYS A 64 44.40 19.80 23.47
N VAL A 65 44.94 18.58 23.22
CA VAL A 65 45.82 18.28 22.08
C VAL A 65 45.03 18.36 20.74
N LEU A 66 43.78 17.92 20.72
CA LEU A 66 42.97 18.02 19.50
C LEU A 66 42.76 19.49 19.08
N GLU A 67 42.50 20.40 20.05
CA GLU A 67 42.32 21.84 19.79
C GLU A 67 43.62 22.52 19.28
N GLU A 68 44.79 22.05 19.75
CA GLU A 68 46.09 22.54 19.26
C GLU A 68 46.31 22.12 17.79
N ASN A 69 45.60 21.06 17.33
CA ASN A 69 45.69 20.51 15.98
C ASN A 69 44.47 20.85 15.13
N LYS A 70 43.50 21.59 15.73
CA LYS A 70 42.21 21.99 15.14
C LYS A 70 41.50 20.73 14.54
N ALA A 71 41.52 19.64 15.33
CA ALA A 71 41.03 18.34 14.93
C ALA A 71 39.62 18.06 15.45
N GLY A 72 39.13 18.94 16.29
CA GLY A 72 37.79 18.82 16.86
C GLY A 72 37.78 18.56 18.35
N LYS A 73 36.71 17.86 18.81
CA LYS A 73 36.45 17.58 20.21
C LYS A 73 35.69 16.26 20.40
N LEU A 74 36.07 15.47 21.44
CA LEU A 74 35.39 14.24 21.82
C LEU A 74 34.35 14.57 22.89
N SER A 75 33.17 13.94 22.80
CA SER A 75 32.09 14.12 23.78
C SER A 75 32.19 13.06 24.87
N HIS A 76 32.90 11.96 24.57
CA HIS A 76 33.11 10.80 25.45
C HIS A 76 34.24 9.94 24.87
N LEU A 77 34.74 8.98 25.67
CA LEU A 77 35.85 8.11 25.25
C LEU A 77 35.36 6.70 24.92
N TYR A 78 34.03 6.48 24.77
CA TYR A 78 33.51 5.14 24.50
C TYR A 78 33.81 4.61 23.08
N SER A 79 34.10 5.49 22.11
CA SER A 79 34.31 5.02 20.75
C SER A 79 35.78 4.88 20.35
N VAL A 80 36.68 4.90 21.32
CA VAL A 80 38.11 4.76 21.09
CA VAL A 80 38.10 4.74 21.06
C VAL A 80 38.44 3.26 20.84
N ARG A 81 39.49 2.99 20.03
CA ARG A 81 39.96 1.61 19.78
C ARG A 81 41.48 1.60 19.99
N PHE A 82 42.00 0.43 20.32
CA PHE A 82 43.42 0.18 20.55
C PHE A 82 43.88 -1.00 19.66
N PRO A 83 43.92 -0.85 18.31
CA PRO A 83 44.33 -1.97 17.44
C PRO A 83 45.85 -2.32 17.39
N TRP A 84 46.75 -1.58 18.07
CA TRP A 84 48.19 -1.94 18.11
C TRP A 84 48.58 -2.43 19.49
N THR A 85 49.11 -3.64 19.56
CA THR A 85 49.54 -4.28 20.81
C THR A 85 50.81 -3.62 21.38
N ASP A 86 51.73 -3.19 20.49
CA ASP A 86 53.06 -2.68 20.81
C ASP A 86 53.21 -1.14 20.72
N LYS A 87 52.26 -0.44 20.09
CA LYS A 87 52.29 1.01 20.00
C LYS A 87 51.33 1.57 21.03
N ALA A 88 51.73 2.63 21.77
CA ALA A 88 50.87 3.30 22.76
C ALA A 88 49.97 4.29 22.04
N GLN A 89 49.22 3.80 21.04
CA GLN A 89 48.34 4.55 20.15
C GLN A 89 46.87 4.13 20.28
N LEU A 91 42.77 4.95 18.32
CA LEU A 91 42.07 5.36 17.11
C LEU A 91 40.68 5.82 17.48
N PHE A 92 40.27 6.95 16.90
CA PHE A 92 38.92 7.47 17.05
C PHE A 92 38.53 8.27 15.84
N THR A 93 37.23 8.59 15.74
CA THR A 93 36.65 9.39 14.66
C THR A 93 35.90 10.59 15.25
N ILE A 94 36.14 11.80 14.71
CA ILE A 94 35.44 13.03 15.04
C ILE A 94 34.89 13.56 13.72
N ALA A 95 33.54 13.50 13.53
CA ALA A 95 32.82 14.00 12.33
C ALA A 95 33.43 13.45 11.02
N GLY A 96 33.56 12.12 10.97
CA GLY A 96 34.11 11.43 9.80
C GLY A 96 35.64 11.41 9.68
N LYS A 97 36.35 12.17 10.52
CA LYS A 97 37.80 12.25 10.49
C LYS A 97 38.42 11.23 11.45
N PHE A 98 39.26 10.34 10.92
CA PHE A 98 40.01 9.33 11.69
C PHE A 98 41.20 10.00 12.34
N ILE A 99 41.43 9.77 13.64
CA ILE A 99 42.60 10.36 14.32
C ILE A 99 43.40 9.26 15.00
N VAL A 100 44.71 9.26 14.80
CA VAL A 100 45.59 8.35 15.51
C VAL A 100 46.27 9.21 16.57
N TYR A 101 46.13 8.81 17.87
CA TYR A 101 46.65 9.56 19.01
C TYR A 101 47.60 8.74 19.88
N ASN A 102 48.78 9.30 20.17
CA ASN A 102 49.74 8.66 21.08
C ASN A 102 49.41 9.07 22.52
N PHE A 103 49.11 8.10 23.42
CA PHE A 103 48.73 8.48 24.79
C PHE A 103 49.90 8.56 25.78
N LYS A 104 51.15 8.29 25.33
CA LYS A 104 52.33 8.45 26.17
C LYS A 104 52.92 9.84 26.02
N ASN A 105 52.95 10.36 24.77
CA ASN A 105 53.51 11.67 24.44
C ASN A 105 52.44 12.76 24.28
N ASN A 106 51.13 12.37 24.26
CA ASN A 106 49.96 13.24 24.02
C ASN A 106 50.10 14.00 22.71
N GLN A 107 50.20 13.24 21.62
CA GLN A 107 50.37 13.80 20.28
C GLN A 107 49.45 13.19 19.26
N VAL A 108 48.98 14.00 18.33
CA VAL A 108 48.22 13.50 17.18
C VAL A 108 49.28 12.91 16.21
N VAL A 109 49.17 11.60 15.90
CA VAL A 109 50.10 10.89 15.02
C VAL A 109 49.72 11.14 13.55
N SER A 110 48.42 11.03 13.23
CA SER A 110 47.89 11.27 11.89
C SER A 110 46.37 11.47 11.91
N THR A 111 45.86 12.08 10.85
CA THR A 111 44.44 12.34 10.61
C THR A 111 44.15 11.96 9.18
N PHE A 112 42.97 11.39 8.96
CA PHE A 112 42.54 11.07 7.62
C PHE A 112 41.04 11.24 7.57
N LYS A 113 40.58 11.97 6.58
CA LYS A 113 39.17 12.22 6.38
C LYS A 113 38.72 11.61 5.04
N PRO A 114 38.01 10.45 5.06
CA PRO A 114 37.49 9.88 3.81
C PRO A 114 36.50 10.84 3.12
N LYS A 115 36.17 10.61 1.82
CA LYS A 115 35.21 11.42 1.06
C LYS A 115 33.83 11.42 1.74
N ASP A 116 33.05 12.50 1.54
CA ASP A 116 31.75 12.69 2.17
C ASP A 116 30.73 11.65 1.71
N GLY A 117 30.02 11.10 2.68
CA GLY A 117 29.02 10.06 2.46
C GLY A 117 29.57 8.66 2.64
N ALA A 118 30.76 8.54 3.27
CA ALA A 118 31.47 7.28 3.52
C ALA A 118 30.70 6.38 4.45
N ASN A 119 30.57 5.09 4.07
CA ASN A 119 29.93 4.02 4.85
C ASN A 119 30.83 2.79 4.87
N ASN A 120 30.48 1.81 5.73
CA ASN A 120 31.12 0.49 5.84
C ASN A 120 32.66 0.58 5.97
N GLU A 121 33.13 1.57 6.75
CA GLU A 121 34.53 1.86 6.94
C GLU A 121 35.21 0.66 7.58
N ASP A 122 36.29 0.18 6.96
CA ASP A 122 37.05 -0.96 7.45
C ASP A 122 38.51 -0.57 7.46
N TYR A 123 38.99 -0.22 8.66
CA TYR A 123 40.36 0.21 8.94
C TYR A 123 41.28 -0.99 9.21
N CYS A 124 42.48 -0.94 8.59
CA CYS A 124 43.51 -1.96 8.82
C CYS A 124 44.70 -1.35 9.52
N ALA A 125 44.77 -1.55 10.84
CA ALA A 125 45.79 -1.01 11.72
C ALA A 125 47.25 -1.38 11.30
N ALA A 126 47.45 -2.56 10.69
CA ALA A 126 48.76 -3.04 10.26
C ALA A 126 49.36 -2.22 9.13
N SER A 127 48.52 -1.73 8.22
CA SER A 127 49.00 -0.96 7.08
C SER A 127 48.58 0.52 7.13
N GLY A 128 47.57 0.84 7.92
CA GLY A 128 47.03 2.20 8.01
C GLY A 128 46.03 2.54 6.91
N ASN A 129 45.69 1.55 6.06
CA ASN A 129 44.72 1.72 4.96
C ASN A 129 43.30 1.58 5.49
N VAL A 130 42.37 2.30 4.85
CA VAL A 130 40.94 2.29 5.19
C VAL A 130 40.14 2.10 3.91
N ALA A 131 39.21 1.12 3.93
CA ALA A 131 38.31 0.86 2.81
C ALA A 131 36.97 1.27 3.28
N TYR A 132 36.20 1.87 2.38
CA TYR A 132 34.87 2.36 2.69
C TYR A 132 34.09 2.50 1.38
N THR A 133 32.77 2.63 1.48
CA THR A 133 31.96 2.75 0.28
C THR A 133 31.24 4.09 0.24
N ILE A 134 30.99 4.55 -0.99
CA ILE A 134 30.27 5.77 -1.37
CA ILE A 134 30.22 5.74 -1.33
C ILE A 134 29.24 5.29 -2.38
N ASP A 135 27.96 5.22 -1.96
CA ASP A 135 26.84 4.72 -2.75
C ASP A 135 27.13 3.22 -3.08
N ASN A 136 27.30 2.87 -4.38
CA ASN A 136 27.50 1.48 -4.84
C ASN A 136 29.00 1.13 -5.09
N ASN A 137 29.91 2.09 -4.92
CA ASN A 137 31.32 1.92 -5.23
C ASN A 137 32.20 1.84 -4.00
N LEU A 138 33.37 1.18 -4.19
CA LEU A 138 34.39 0.94 -3.17
C LEU A 138 35.55 1.92 -3.31
N TYR A 139 36.05 2.35 -2.15
CA TYR A 139 37.16 3.29 -2.01
C TYR A 139 38.16 2.79 -1.02
N VAL A 140 39.43 3.04 -1.30
CA VAL A 140 40.53 2.78 -0.38
C VAL A 140 41.29 4.10 -0.26
N ASN A 141 41.34 4.65 0.96
CA ASN A 141 42.02 5.90 1.29
C ASN A 141 41.40 7.05 0.45
N GLU A 142 42.19 7.72 -0.41
CA GLU A 142 41.74 8.85 -1.22
C GLU A 142 41.21 8.44 -2.62
N LYS A 143 41.36 7.17 -3.01
CA LYS A 143 41.04 6.67 -4.35
C LYS A 143 39.83 5.75 -4.42
N ALA A 144 39.15 5.79 -5.58
CA ALA A 144 38.06 4.92 -5.93
C ALA A 144 38.63 3.63 -6.46
N VAL A 145 38.22 2.48 -5.90
CA VAL A 145 38.66 1.16 -6.38
C VAL A 145 37.81 0.80 -7.61
N THR A 146 36.51 1.18 -7.55
CA THR A 146 35.52 0.91 -8.59
C THR A 146 34.78 2.19 -9.03
N ASN A 147 34.27 2.17 -10.27
CA ASN A 147 33.44 3.20 -10.92
C ASN A 147 32.37 2.44 -11.70
N GLU A 148 31.44 1.84 -10.97
CA GLU A 148 30.42 0.98 -11.52
C GLU A 148 29.05 1.63 -11.63
N PRO A 149 28.29 1.26 -12.69
CA PRO A 149 26.93 1.82 -12.84
C PRO A 149 25.91 1.23 -11.86
N GLU A 150 24.64 1.72 -11.96
N GLU A 150 24.71 1.84 -11.74
CA GLU A 150 23.45 1.26 -11.23
CA GLU A 150 23.68 1.31 -10.84
C GLU A 150 23.29 -0.23 -11.48
C GLU A 150 23.25 -0.08 -11.36
N GLY A 151 23.12 -1.01 -10.42
CA GLY A 151 22.91 -2.45 -10.60
C GLY A 151 24.13 -3.26 -10.19
N ILE A 152 25.30 -2.60 -10.08
CA ILE A 152 26.54 -3.19 -9.60
C ILE A 152 26.83 -2.59 -8.23
N VAL A 153 27.08 -3.45 -7.23
CA VAL A 153 27.38 -3.05 -5.84
C VAL A 153 28.71 -3.64 -5.46
N CYS A 154 29.66 -2.77 -5.05
CA CYS A 154 31.03 -3.18 -4.72
C CYS A 154 31.39 -2.90 -3.29
N GLY A 155 32.13 -3.83 -2.71
CA GLY A 155 32.66 -3.76 -1.35
C GLY A 155 31.62 -3.84 -0.25
N GLN A 156 30.43 -4.34 -0.60
CA GLN A 156 29.34 -4.44 0.37
C GLN A 156 28.85 -5.89 0.46
N THR A 157 28.02 -6.18 1.46
CA THR A 157 27.47 -7.50 1.74
C THR A 157 26.68 -8.02 0.51
N VAL A 158 26.73 -9.33 0.28
CA VAL A 158 26.11 -9.98 -0.86
C VAL A 158 25.28 -11.14 -0.35
N HIS A 159 24.59 -11.84 -1.26
CA HIS A 159 23.72 -13.00 -0.98
C HIS A 159 22.76 -12.73 0.20
N ARG A 160 22.29 -11.48 0.27
CA ARG A 160 21.33 -11.00 1.26
C ARG A 160 21.71 -11.39 2.72
N ASN A 161 23.01 -11.25 3.05
CA ASN A 161 23.60 -11.51 4.38
C ASN A 161 23.50 -12.98 4.85
N GLU A 162 23.40 -13.92 3.90
CA GLU A 162 23.33 -15.35 4.19
C GLU A 162 24.75 -15.90 4.31
N PHE A 163 24.89 -17.16 4.78
CA PHE A 163 26.17 -17.88 4.94
C PHE A 163 27.18 -17.11 5.77
N GLY A 164 26.69 -16.33 6.73
CA GLY A 164 27.51 -15.52 7.64
C GLY A 164 28.15 -14.28 7.02
N ILE A 165 27.72 -13.84 5.82
CA ILE A 165 28.24 -12.64 5.15
C ILE A 165 27.65 -11.37 5.82
N ASN A 166 28.48 -10.53 6.43
CA ASN A 166 27.98 -9.33 7.09
C ASN A 166 28.70 -8.06 6.58
N LYS A 167 29.67 -8.21 5.65
CA LYS A 167 30.46 -7.14 5.04
C LYS A 167 31.00 -7.62 3.67
N GLY A 168 31.60 -6.72 2.89
CA GLY A 168 32.13 -7.03 1.57
C GLY A 168 33.55 -6.59 1.32
N THR A 169 34.32 -6.32 2.42
CA THR A 169 35.74 -5.91 2.42
C THR A 169 36.50 -6.85 3.35
N PHE A 170 37.64 -7.39 2.88
CA PHE A 170 38.44 -8.36 3.63
C PHE A 170 39.93 -8.07 3.46
N TRP A 171 40.54 -7.39 4.45
N TRP A 171 40.53 -7.38 4.44
CA TRP A 171 41.96 -7.05 4.40
CA TRP A 171 41.96 -7.04 4.40
C TRP A 171 42.86 -8.27 4.62
C TRP A 171 42.85 -8.26 4.61
N SER A 172 44.01 -8.28 3.92
CA SER A 172 45.07 -9.29 4.06
CA SER A 172 45.02 -9.34 4.07
C SER A 172 45.59 -9.26 5.49
N PRO A 173 46.12 -10.37 6.07
CA PRO A 173 46.61 -10.29 7.45
C PRO A 173 47.53 -9.09 7.75
N LYS A 174 48.40 -8.63 6.79
CA LYS A 174 49.31 -7.49 7.01
C LYS A 174 48.76 -6.19 6.38
N GLY A 175 47.57 -6.25 5.79
CA GLY A 175 46.90 -5.10 5.16
C GLY A 175 47.42 -4.60 3.83
N ASN A 176 48.13 -5.45 3.07
CA ASN A 176 48.68 -5.06 1.76
C ASN A 176 47.72 -5.31 0.60
N LEU A 177 46.72 -6.19 0.78
CA LEU A 177 45.75 -6.48 -0.28
C LEU A 177 44.36 -6.46 0.32
N LEU A 178 43.40 -6.07 -0.48
CA LEU A 178 42.00 -6.04 -0.06
C LEU A 178 41.20 -6.94 -0.99
N ALA A 179 40.50 -7.93 -0.42
CA ALA A 179 39.54 -8.76 -1.15
C ALA A 179 38.20 -8.11 -0.96
N PHE A 180 37.41 -8.07 -2.01
CA PHE A 180 36.12 -7.43 -1.96
C PHE A 180 35.15 -8.11 -2.88
N TYR A 181 33.86 -7.93 -2.57
CA TYR A 181 32.76 -8.42 -3.41
C TYR A 181 32.38 -7.41 -4.46
N ARG A 182 32.00 -7.91 -5.63
CA ARG A 182 31.43 -7.17 -6.74
C ARG A 182 30.16 -7.92 -7.14
N ASP A 184 26.63 -8.05 -9.29
CA ASP A 184 25.80 -7.61 -10.39
C ASP A 184 24.36 -8.13 -10.12
N GLU A 185 23.43 -7.18 -9.86
CA GLU A 185 22.00 -7.36 -9.54
C GLU A 185 21.10 -6.92 -10.69
N SER A 186 21.70 -6.37 -11.77
CA SER A 186 21.00 -5.83 -12.94
CA SER A 186 20.98 -5.82 -12.93
C SER A 186 19.91 -6.76 -13.46
N VAL A 188 18.12 -9.00 -11.62
CA VAL A 188 17.13 -9.30 -10.57
C VAL A 188 15.98 -8.31 -10.69
N THR A 189 14.76 -8.80 -10.48
CA THR A 189 13.51 -8.03 -10.50
C THR A 189 13.49 -6.98 -9.42
N GLN A 190 12.99 -5.81 -9.77
CA GLN A 190 12.84 -4.70 -8.84
C GLN A 190 11.42 -4.72 -8.26
N TYR A 191 11.30 -4.60 -6.94
CA TYR A 191 10.01 -4.52 -6.26
C TYR A 191 9.71 -3.04 -6.01
N PRO A 192 8.53 -2.54 -6.43
CA PRO A 192 8.25 -1.11 -6.26
C PRO A 192 7.69 -0.72 -4.88
N LEU A 193 8.54 -0.18 -4.00
CA LEU A 193 8.01 0.38 -2.75
C LEU A 193 7.63 1.83 -3.10
N VAL A 194 6.63 2.41 -2.41
CA VAL A 194 6.13 3.74 -2.72
C VAL A 194 6.31 4.66 -1.51
N ASP A 195 7.04 5.78 -1.70
CA ASP A 195 7.31 6.78 -0.66
C ASP A 195 6.13 7.78 -0.64
N ILE A 196 5.29 7.72 0.42
CA ILE A 196 4.12 8.59 0.48
C ILE A 196 4.43 9.97 1.14
N THR A 197 5.71 10.27 1.45
CA THR A 197 6.05 11.57 2.06
C THR A 197 6.46 12.57 0.99
N ALA A 198 6.77 12.09 -0.25
CA ALA A 198 7.11 12.93 -1.40
C ALA A 198 5.89 13.78 -1.82
N ARG A 199 6.13 14.93 -2.52
CA ARG A 199 5.08 15.83 -3.01
C ARG A 199 4.00 15.02 -3.74
N VAL A 200 4.46 14.13 -4.60
CA VAL A 200 3.66 13.12 -5.34
C VAL A 200 4.29 11.79 -5.00
N GLY A 201 3.52 10.86 -4.44
CA GLY A 201 4.00 9.53 -4.09
C GLY A 201 4.90 8.97 -5.19
N GLU A 202 6.18 8.71 -4.85
CA GLU A 202 7.19 8.19 -5.78
C GLU A 202 7.54 6.76 -5.50
N VAL A 203 8.03 6.07 -6.51
CA VAL A 203 8.52 4.71 -6.45
C VAL A 203 9.93 4.68 -5.88
N ASN A 204 10.17 3.74 -4.98
CA ASN A 204 11.46 3.43 -4.37
C ASN A 204 11.72 1.99 -4.66
N ASN A 205 12.35 1.69 -5.79
CA ASN A 205 12.60 0.31 -6.19
C ASN A 205 13.69 -0.36 -5.37
N VAL A 206 13.51 -1.67 -5.09
CA VAL A 206 14.53 -2.49 -4.41
C VAL A 206 14.71 -3.79 -5.21
N ARG A 207 15.95 -4.28 -5.31
CA ARG A 207 16.18 -5.56 -5.98
C ARG A 207 15.74 -6.66 -5.02
N TYR A 208 14.86 -7.54 -5.48
CA TYR A 208 14.38 -8.60 -4.63
C TYR A 208 14.30 -9.91 -5.45
N PRO A 209 15.22 -10.89 -5.22
CA PRO A 209 15.16 -12.15 -6.01
C PRO A 209 14.25 -13.16 -5.33
N ALA A 211 12.10 -16.79 -4.76
CA ALA A 211 12.29 -18.23 -4.89
C ALA A 211 11.90 -18.73 -6.30
N GLY A 212 12.83 -19.45 -6.93
CA GLY A 212 12.66 -19.99 -8.27
C GLY A 212 12.98 -19.07 -9.43
N THR A 214 15.44 -15.56 -11.29
CA THR A 214 16.83 -15.17 -11.59
C THR A 214 17.48 -14.48 -10.38
N SER A 215 18.62 -15.01 -9.98
CA SER A 215 19.47 -14.58 -8.86
C SER A 215 20.50 -13.53 -9.33
N HIS A 216 21.25 -12.94 -8.40
CA HIS A 216 22.32 -11.97 -8.69
C HIS A 216 23.66 -12.74 -8.90
N GLN A 217 24.68 -12.07 -9.44
CA GLN A 217 25.97 -12.71 -9.70
C GLN A 217 27.05 -12.05 -8.90
N VAL A 218 27.90 -12.86 -8.25
CA VAL A 218 28.93 -12.35 -7.37
C VAL A 218 30.31 -12.73 -7.90
N LYS A 219 31.25 -11.77 -7.83
CA LYS A 219 32.65 -11.88 -8.20
C LYS A 219 33.48 -11.35 -7.03
N VAL A 220 34.70 -11.88 -6.87
CA VAL A 220 35.62 -11.51 -5.82
C VAL A 220 36.79 -10.81 -6.49
N GLY A 221 37.05 -9.59 -6.06
CA GLY A 221 38.16 -8.81 -6.54
C GLY A 221 39.24 -8.71 -5.50
N ILE A 222 40.48 -8.49 -5.95
CA ILE A 222 41.64 -8.30 -5.08
C ILE A 222 42.33 -7.02 -5.51
N TYR A 223 42.31 -6.01 -4.61
CA TYR A 223 42.89 -4.69 -4.85
C TYR A 223 44.18 -4.46 -4.06
N ASN A 224 45.22 -3.94 -4.74
CA ASN A 224 46.53 -3.61 -4.13
C ASN A 224 46.63 -2.06 -3.97
N PRO A 225 46.54 -1.51 -2.74
CA PRO A 225 46.56 -0.04 -2.59
C PRO A 225 47.87 0.64 -3.02
N ALA A 226 48.96 -0.11 -3.07
CA ALA A 226 50.26 0.39 -3.48
C ALA A 226 50.37 0.52 -5.01
N THR A 227 49.69 -0.35 -5.79
CA THR A 227 49.73 -0.29 -7.25
C THR A 227 48.49 0.41 -7.81
N GLY A 228 47.38 0.30 -7.09
CA GLY A 228 46.09 0.88 -7.48
C GLY A 228 45.39 0.02 -8.52
N LYS A 229 45.81 -1.24 -8.65
CA LYS A 229 45.24 -2.17 -9.63
C LYS A 229 44.50 -3.30 -8.94
N SER A 230 43.49 -3.84 -9.63
CA SER A 230 42.64 -4.94 -9.18
C SER A 230 42.63 -6.12 -10.16
N ILE A 231 42.49 -7.32 -9.63
CA ILE A 231 42.29 -8.57 -10.35
C ILE A 231 41.01 -9.21 -9.76
N TYR A 232 40.36 -10.04 -10.55
CA TYR A 232 39.16 -10.72 -10.15
C TYR A 232 39.43 -12.19 -10.18
N LEU A 233 38.92 -12.97 -9.19
CA LEU A 233 39.14 -14.41 -9.15
C LEU A 233 38.46 -15.05 -10.34
N ASN A 234 39.22 -15.88 -11.05
CA ASN A 234 38.77 -16.58 -12.24
C ASN A 234 38.02 -17.85 -11.81
N ALA A 235 36.77 -17.69 -11.40
CA ALA A 235 35.97 -18.82 -10.92
C ALA A 235 35.01 -19.39 -11.97
N GLY A 236 34.94 -18.80 -13.16
CA GLY A 236 34.05 -19.25 -14.23
C GLY A 236 32.74 -18.49 -14.21
N ASP A 237 31.66 -19.06 -14.84
CA ASP A 237 30.35 -18.38 -14.87
C ASP A 237 29.77 -18.37 -13.45
N PRO A 238 29.57 -17.17 -12.83
CA PRO A 238 29.09 -17.10 -11.45
C PRO A 238 27.60 -17.37 -11.28
N THR A 239 26.86 -17.57 -12.38
CA THR A 239 25.42 -17.82 -12.34
C THR A 239 25.10 -19.03 -11.45
N ASP A 240 24.15 -18.82 -10.50
CA ASP A 240 23.59 -19.80 -9.56
C ASP A 240 24.64 -20.45 -8.61
N ARG A 241 25.61 -19.64 -8.16
CA ARG A 241 26.66 -20.07 -7.25
C ARG A 241 26.83 -19.04 -6.15
N TYR A 242 27.09 -19.52 -4.91
CA TYR A 242 27.33 -18.62 -3.77
C TYR A 242 28.82 -18.61 -3.42
N PHE A 243 29.41 -17.41 -3.24
CA PHE A 243 30.81 -17.22 -2.89
C PHE A 243 30.82 -16.63 -1.51
N THR A 244 31.14 -17.50 -0.54
CA THR A 244 31.05 -17.22 0.88
C THR A 244 32.37 -17.44 1.65
N ASN A 245 32.40 -16.95 2.91
CA ASN A 245 33.42 -17.15 3.94
C ASN A 245 34.86 -16.96 3.44
N ILE A 246 35.13 -15.78 2.86
CA ILE A 246 36.44 -15.38 2.35
C ILE A 246 37.41 -15.31 3.53
N SER A 247 38.57 -15.96 3.38
CA SER A 247 39.66 -16.08 4.34
C SER A 247 41.00 -16.02 3.59
N TRP A 248 42.02 -15.40 4.19
CA TRP A 248 43.36 -15.24 3.62
C TRP A 248 44.39 -16.22 4.16
N ALA A 249 45.31 -16.64 3.28
CA ALA A 249 46.47 -17.43 3.71
C ALA A 249 47.34 -16.54 4.64
N PRO A 250 47.99 -17.07 5.69
CA PRO A 250 48.80 -16.18 6.55
C PRO A 250 49.91 -15.37 5.80
N ASP A 251 50.45 -15.92 4.69
CA ASP A 251 51.50 -15.27 3.89
C ASP A 251 50.95 -14.26 2.84
N GLU A 252 49.59 -14.14 2.72
CA GLU A 252 48.86 -13.22 1.80
C GLU A 252 49.02 -13.62 0.29
N LYS A 253 49.45 -14.85 0.00
CA LYS A 253 49.70 -15.30 -1.38
C LYS A 253 48.50 -15.98 -2.02
N SER A 254 47.55 -16.39 -1.19
CA SER A 254 46.35 -17.02 -1.70
C SER A 254 45.13 -16.69 -0.83
N LEU A 255 43.96 -16.90 -1.43
CA LEU A 255 42.68 -16.60 -0.80
C LEU A 255 41.84 -17.88 -0.81
N TYR A 256 41.10 -18.08 0.26
CA TYR A 256 40.20 -19.21 0.41
C TYR A 256 38.77 -18.72 0.49
N LEU A 257 37.83 -19.50 0.00
CA LEU A 257 36.40 -19.22 0.10
C LEU A 257 35.68 -20.55 0.10
N ILE A 258 34.40 -20.55 0.51
CA ILE A 258 33.54 -21.73 0.45
C ILE A 258 32.47 -21.43 -0.58
N GLU A 259 32.41 -22.24 -1.64
CA GLU A 259 31.43 -22.13 -2.74
C GLU A 259 30.30 -23.06 -2.43
N VAL A 260 29.07 -22.56 -2.57
CA VAL A 260 27.84 -23.32 -2.33
C VAL A 260 27.06 -23.25 -3.62
N ASN A 261 26.45 -24.37 -4.06
CA ASN A 261 25.63 -24.40 -5.27
C ASN A 261 24.24 -23.79 -4.98
N ARG A 262 23.42 -23.57 -6.04
CA ARG A 262 22.07 -23.04 -5.90
C ARG A 262 21.18 -23.99 -5.12
N ASP A 263 21.38 -25.31 -5.24
CA ASP A 263 20.55 -26.26 -4.47
C ASP A 263 20.97 -26.31 -2.99
N GLN A 264 22.08 -25.62 -2.64
CA GLN A 264 22.58 -25.49 -1.25
C GLN A 264 22.73 -26.83 -0.53
N ASN A 265 23.17 -27.84 -1.26
CA ASN A 265 23.38 -29.19 -0.73
C ASN A 265 24.82 -29.67 -1.04
N HIS A 266 25.69 -28.77 -1.56
CA HIS A 266 27.07 -29.09 -1.91
C HIS A 266 27.96 -27.86 -1.71
N ALA A 267 28.88 -27.96 -0.73
CA ALA A 267 29.86 -26.90 -0.41
C ALA A 267 31.29 -27.35 -0.77
N LYS A 268 32.13 -26.42 -1.23
CA LYS A 268 33.52 -26.67 -1.63
C LYS A 268 34.48 -25.64 -1.03
N LEU A 269 35.53 -26.08 -0.30
CA LEU A 269 36.56 -25.17 0.19
C LEU A 269 37.58 -24.99 -0.95
N CYS A 270 37.70 -23.78 -1.47
CA CYS A 270 38.52 -23.43 -2.64
C CYS A 270 39.65 -22.48 -2.30
N GLN A 271 40.78 -22.66 -2.99
CA GLN A 271 41.93 -21.79 -2.90
C GLN A 271 42.12 -21.06 -4.24
N TYR A 272 42.50 -19.77 -4.18
CA TYR A 272 42.76 -18.95 -5.35
C TYR A 272 44.06 -18.18 -5.17
N ASN A 273 44.86 -18.05 -6.24
CA ASN A 273 46.10 -17.26 -6.20
C ASN A 273 45.75 -15.77 -6.07
N ALA A 274 46.29 -15.08 -5.05
CA ALA A 274 45.99 -13.67 -4.78
C ALA A 274 46.60 -12.69 -5.81
N GLU A 275 47.64 -13.12 -6.54
CA GLU A 275 48.32 -12.29 -7.54
C GLU A 275 47.66 -12.41 -8.91
N THR A 276 47.23 -13.61 -9.31
CA THR A 276 46.64 -13.84 -10.65
C THR A 276 45.12 -14.07 -10.63
N GLY A 277 44.58 -14.51 -9.50
CA GLY A 277 43.16 -14.83 -9.39
C GLY A 277 42.82 -16.23 -9.90
N GLU A 278 43.86 -17.01 -10.25
CA GLU A 278 43.70 -18.36 -10.75
C GLU A 278 43.35 -19.37 -9.67
N PRO A 279 42.43 -20.31 -9.97
CA PRO A 279 42.10 -21.36 -8.98
C PRO A 279 43.29 -22.27 -8.73
N GLY A 281 42.83 -25.24 -6.59
CA GLY A 281 42.34 -26.52 -6.10
C GLY A 281 41.25 -26.48 -5.07
N VAL A 282 40.63 -27.65 -4.84
CA VAL A 282 39.57 -27.84 -3.85
C VAL A 282 40.15 -28.70 -2.77
N LEU A 283 40.16 -28.19 -1.54
CA LEU A 283 40.71 -28.84 -0.36
C LEU A 283 39.73 -29.80 0.33
N TYR A 284 38.41 -29.50 0.26
CA TYR A 284 37.37 -30.26 0.97
C TYR A 284 36.02 -29.99 0.34
N GLU A 285 35.13 -30.99 0.39
CA GLU A 285 33.77 -30.90 -0.14
C GLU A 285 32.80 -31.48 0.85
N GLU A 286 31.65 -30.81 1.09
CA GLU A 286 30.64 -31.30 2.03
C GLU A 286 29.30 -31.33 1.33
N HIS A 288 24.94 -32.87 1.58
CA HIS A 288 23.84 -33.29 2.46
C HIS A 288 22.57 -33.37 1.63
N PRO A 289 21.71 -34.41 1.76
CA PRO A 289 20.52 -34.49 0.88
C PRO A 289 19.57 -33.28 1.02
N LYS A 290 19.49 -32.71 2.26
CA LYS A 290 18.68 -31.54 2.62
C LYS A 290 19.49 -30.25 2.32
N TYR A 291 20.38 -29.85 3.24
CA TYR A 291 21.20 -28.68 2.94
C TYR A 291 22.48 -28.70 3.75
N VAL A 292 23.45 -27.94 3.22
CA VAL A 292 24.75 -27.61 3.79
C VAL A 292 24.76 -26.10 3.96
N GLU A 293 25.18 -25.63 5.13
CA GLU A 293 25.18 -24.21 5.38
C GLU A 293 26.49 -23.72 6.01
N PRO A 294 27.57 -23.48 5.21
CA PRO A 294 28.79 -22.87 5.78
C PRO A 294 28.50 -21.44 6.25
N GLN A 295 28.96 -21.09 7.45
CA GLN A 295 28.73 -19.77 8.09
C GLN A 295 30.01 -19.15 8.65
N ASN A 296 31.15 -19.87 8.56
CA ASN A 296 32.41 -19.38 9.14
C ASN A 296 33.59 -19.63 8.25
N PRO A 297 34.51 -18.65 8.12
CA PRO A 297 35.72 -18.89 7.33
C PRO A 297 36.69 -19.81 8.07
N ILE A 298 37.73 -20.31 7.37
CA ILE A 298 38.75 -21.15 8.00
C ILE A 298 39.73 -20.22 8.75
N VAL A 299 40.29 -20.71 9.89
CA VAL A 299 41.25 -19.97 10.71
CA VAL A 299 41.26 -19.95 10.69
C VAL A 299 42.53 -20.78 10.81
N PHE A 300 43.65 -20.21 10.38
CA PHE A 300 44.96 -20.86 10.46
C PHE A 300 45.50 -20.78 11.85
N LEU A 301 46.35 -21.78 12.25
CA LEU A 301 46.96 -21.77 13.57
C LEU A 301 48.01 -20.71 13.57
N PRO A 302 48.03 -19.80 14.57
CA PRO A 302 49.05 -18.72 14.54
C PRO A 302 50.51 -19.23 14.64
N TRP A 303 50.71 -20.42 15.23
CA TRP A 303 52.04 -21.06 15.41
C TRP A 303 52.39 -22.04 14.26
N ASP A 304 51.41 -22.43 13.40
CA ASP A 304 51.63 -23.39 12.30
C ASP A 304 50.72 -23.07 11.09
N PRO A 305 51.22 -22.36 10.06
CA PRO A 305 50.38 -22.06 8.88
C PRO A 305 50.11 -23.26 7.96
N THR A 306 50.61 -24.47 8.32
CA THR A 306 50.38 -25.66 7.49
C THR A 306 49.06 -26.32 7.91
N LYS A 307 48.38 -25.78 8.94
CA LYS A 307 47.15 -26.29 9.48
C LYS A 307 46.12 -25.17 9.78
N PHE A 308 44.82 -25.49 9.61
CA PHE A 308 43.70 -24.57 9.86
C PHE A 308 42.49 -25.29 10.46
N ILE A 309 41.63 -24.51 11.14
CA ILE A 309 40.41 -25.00 11.74
C ILE A 309 39.24 -24.67 10.83
N TYR A 310 38.48 -25.70 10.47
CA TYR A 310 37.26 -25.61 9.68
C TYR A 310 36.11 -25.93 10.63
N GLN A 311 35.00 -25.17 10.54
CA GLN A 311 33.79 -25.31 11.35
C GLN A 311 32.72 -26.07 10.58
N SER A 312 32.26 -27.22 11.10
CA SER A 312 31.29 -28.06 10.38
C SER A 312 30.28 -28.71 11.29
N GLN A 313 29.06 -28.91 10.76
CA GLN A 313 27.97 -29.62 11.45
C GLN A 313 27.79 -31.03 10.90
N ARG A 314 28.76 -31.54 10.12
CA ARG A 314 28.65 -32.84 9.46
C ARG A 314 28.32 -34.00 10.43
N ASP A 315 28.66 -33.92 11.70
CA ASP A 315 28.31 -34.99 12.65
C ASP A 315 26.97 -34.69 13.37
N GLY A 316 26.37 -33.52 13.06
CA GLY A 316 25.09 -33.10 13.63
C GLY A 316 25.15 -31.85 14.50
N TYR A 317 26.38 -31.44 14.90
CA TYR A 317 26.58 -30.24 15.70
C TYR A 317 27.76 -29.47 15.16
N ASN A 318 27.74 -28.13 15.25
CA ASN A 318 28.87 -27.35 14.77
C ASN A 318 30.06 -27.63 15.63
N HIS A 319 31.14 -28.20 15.03
CA HIS A 319 32.36 -28.55 15.74
C HIS A 319 33.59 -28.15 14.98
N LEU A 320 34.72 -28.12 15.70
CA LEU A 320 36.00 -27.72 15.13
C LEU A 320 36.75 -28.90 14.58
N TYR A 321 37.27 -28.75 13.36
CA TYR A 321 38.05 -29.79 12.71
C TYR A 321 39.38 -29.23 12.27
N LEU A 322 40.46 -29.96 12.58
CA LEU A 322 41.79 -29.52 12.18
C LEU A 322 42.21 -30.18 10.85
N PHE A 323 42.40 -29.35 9.82
CA PHE A 323 42.77 -29.76 8.47
C PHE A 323 44.20 -29.38 8.13
N GLU A 324 44.76 -30.01 7.08
CA GLU A 324 46.10 -29.71 6.54
C GLU A 324 45.97 -28.79 5.32
N THR A 325 46.86 -27.78 5.20
CA THR A 325 46.85 -26.81 4.10
C THR A 325 47.12 -27.50 2.75
N ASN A 326 47.96 -28.55 2.73
CA ASN A 326 48.31 -29.29 1.50
C ASN A 326 47.21 -30.32 1.04
N ALA A 327 45.95 -30.21 1.56
CA ALA A 327 44.86 -31.15 1.29
C ALA A 327 44.47 -31.28 -0.21
N ALA A 328 44.44 -30.15 -0.96
CA ALA A 328 44.11 -30.17 -2.40
C ALA A 328 45.08 -31.06 -3.23
N ASN A 329 46.35 -31.21 -2.77
CA ASN A 329 47.43 -31.99 -3.43
C ASN A 329 47.66 -33.35 -2.74
N LYS A 331 45.47 -37.44 -1.59
CA LYS A 331 44.44 -38.38 -2.05
C LYS A 331 43.16 -38.24 -1.25
N GLY A 332 42.09 -37.91 -1.97
CA GLY A 332 40.75 -37.72 -1.42
C GLY A 332 39.89 -38.96 -1.48
N GLU A 333 39.12 -39.17 -0.41
CA GLU A 333 38.17 -40.28 -0.24
C GLU A 333 36.81 -39.73 0.20
N THR A 334 35.71 -40.41 -0.17
CA THR A 334 34.36 -40.02 0.22
C THR A 334 33.98 -40.79 1.48
N TYR A 335 33.31 -40.12 2.44
CA TYR A 335 32.85 -40.68 3.72
C TYR A 335 31.42 -40.27 3.99
N ASN A 336 30.69 -41.08 4.76
CA ASN A 336 29.34 -40.75 5.20
C ASN A 336 29.47 -40.03 6.54
N SER A 337 28.55 -39.10 6.84
CA SER A 337 28.63 -38.37 8.09
C SER A 337 27.40 -38.67 8.97
N ALA A 338 27.55 -38.50 10.30
CA ALA A 338 26.51 -38.82 11.29
C ALA A 338 25.18 -38.04 11.06
N ASN A 339 25.22 -36.85 10.40
CA ASN A 339 24.03 -36.04 10.08
C ASN A 339 23.25 -36.56 8.84
N GLY A 340 23.71 -37.68 8.26
CA GLY A 340 23.08 -38.28 7.08
C GLY A 340 23.64 -37.77 5.78
N GLY A 341 24.68 -36.98 5.86
CA GLY A 341 25.34 -36.45 4.69
C GLY A 341 26.60 -37.22 4.32
N SER A 342 27.42 -36.59 3.51
CA SER A 342 28.67 -37.17 3.05
C SER A 342 29.73 -36.06 2.89
N TYR A 343 31.01 -36.43 2.76
CA TYR A 343 32.08 -35.45 2.55
C TYR A 343 33.26 -36.07 1.81
N PHE A 344 33.97 -35.24 1.05
CA PHE A 344 35.14 -35.64 0.27
C PHE A 344 36.35 -34.99 0.94
N GLN A 345 37.18 -35.82 1.55
CA GLN A 345 38.27 -35.37 2.37
C GLN A 345 39.60 -36.03 2.01
N ALA A 346 40.67 -35.22 2.05
CA ALA A 346 42.07 -35.63 1.83
C ALA A 346 42.91 -35.22 3.02
N GLY A 347 43.92 -36.02 3.33
CA GLY A 347 44.83 -35.75 4.42
C GLY A 347 44.32 -36.17 5.79
N LYS A 348 45.11 -35.87 6.81
CA LYS A 348 44.70 -36.20 8.16
C LYS A 348 43.81 -35.09 8.70
N VAL A 349 42.61 -35.45 9.17
CA VAL A 349 41.68 -34.51 9.76
C VAL A 349 41.42 -34.96 11.18
N LYS A 350 41.48 -34.01 12.15
CA LYS A 350 41.28 -34.27 13.57
C LYS A 350 40.06 -33.47 14.09
N GLN A 351 39.10 -34.20 14.68
CA GLN A 351 37.95 -33.55 15.29
C GLN A 351 38.37 -33.06 16.68
N LEU A 352 38.50 -31.73 16.84
CA LEU A 352 38.95 -31.12 18.09
C LEU A 352 37.86 -31.06 19.14
N THR A 353 36.62 -30.82 18.74
CA THR A 353 35.53 -30.74 19.72
C THR A 353 34.49 -31.80 19.36
N LYS A 354 33.87 -32.44 20.36
CA LYS A 354 32.85 -33.47 20.13
C LYS A 354 31.83 -33.48 21.27
N GLY A 355 30.58 -33.82 20.97
CA GLY A 355 29.51 -33.92 21.96
C GLY A 355 28.18 -33.36 21.47
N ASN A 356 27.10 -33.55 22.25
CA ASN A 356 25.77 -33.04 21.90
C ASN A 356 25.63 -31.59 22.35
N TRP A 357 26.45 -30.71 21.73
CA TRP A 357 26.54 -29.27 21.91
C TRP A 357 27.28 -28.71 20.72
N LEU A 358 27.20 -27.39 20.49
CA LEU A 358 27.82 -26.76 19.33
C LEU A 358 28.72 -25.60 19.72
N VAL A 359 29.73 -25.35 18.90
CA VAL A 359 30.64 -24.22 19.03
C VAL A 359 29.93 -23.01 18.40
N SER A 360 29.65 -21.97 19.21
CA SER A 360 29.00 -20.75 18.74
C SER A 360 30.02 -19.66 18.28
N GLU A 361 31.27 -19.72 18.78
CA GLU A 361 32.29 -18.76 18.38
C GLU A 361 33.70 -19.23 18.72
N ILE A 362 34.63 -18.99 17.79
CA ILE A 362 36.07 -19.15 18.00
C ILE A 362 36.52 -17.79 18.53
N LEU A 363 36.89 -17.72 19.80
CA LEU A 363 37.32 -16.49 20.42
C LEU A 363 38.74 -16.09 20.00
N GLY A 364 39.56 -17.08 19.71
CA GLY A 364 40.95 -16.91 19.31
C GLY A 364 41.85 -18.00 19.86
N PHE A 365 43.13 -17.66 20.07
CA PHE A 365 44.11 -18.64 20.49
C PHE A 365 45.00 -18.17 21.62
N ASN A 366 45.51 -19.16 22.40
CA ASN A 366 46.61 -19.03 23.33
C ASN A 366 47.79 -19.73 22.63
N THR A 367 48.66 -18.94 21.97
CA THR A 367 49.78 -19.42 21.14
C THR A 367 50.82 -20.15 21.99
N LYS A 368 51.09 -19.68 23.21
CA LYS A 368 52.05 -20.30 24.10
C LYS A 368 51.59 -21.73 24.51
N ARG A 369 50.32 -21.88 24.96
N ARG A 369 50.33 -21.89 24.95
CA ARG A 369 49.72 -23.14 25.40
CA ARG A 369 49.75 -23.16 25.40
C ARG A 369 49.20 -24.03 24.22
C ARG A 369 49.22 -24.03 24.23
N LYS A 370 49.21 -23.50 22.97
CA LYS A 370 48.72 -24.13 21.71
C LYS A 370 47.23 -24.53 21.82
N GLU A 371 46.41 -23.63 22.35
CA GLU A 371 44.98 -23.86 22.53
C GLU A 371 44.13 -22.94 21.65
N VAL A 372 42.95 -23.40 21.29
CA VAL A 372 41.94 -22.62 20.62
C VAL A 372 40.91 -22.43 21.71
N ILE A 373 40.52 -21.15 21.96
CA ILE A 373 39.51 -20.74 22.95
C ILE A 373 38.22 -20.55 22.17
N PHE A 374 37.09 -20.98 22.74
CA PHE A 374 35.80 -20.90 22.04
C PHE A 374 34.62 -20.86 23.01
N THR A 375 33.42 -20.48 22.49
CA THR A 375 32.16 -20.48 23.26
C THR A 375 31.38 -21.66 22.76
N ALA A 376 30.71 -22.36 23.65
CA ALA A 376 29.88 -23.51 23.30
C ALA A 376 28.50 -23.32 23.87
N VAL A 377 27.47 -23.76 23.14
CA VAL A 377 26.08 -23.64 23.58
C VAL A 377 25.30 -24.91 23.29
N GLU A 378 24.18 -25.06 23.98
CA GLU A 378 23.17 -26.05 23.77
C GLU A 378 21.97 -25.66 24.62
N GLY A 379 20.81 -25.51 23.98
CA GLY A 379 19.58 -25.12 24.64
C GLY A 379 19.77 -23.83 25.40
N LEU A 380 19.53 -23.87 26.71
CA LEU A 380 19.65 -22.73 27.64
C LEU A 380 21.06 -22.62 28.27
N ARG A 381 21.98 -23.55 27.91
N ARG A 381 21.98 -23.54 27.91
CA ARG A 381 23.32 -23.61 28.49
CA ARG A 381 23.31 -23.57 28.53
C ARG A 381 24.37 -23.03 27.60
C ARG A 381 24.38 -23.07 27.61
N SER A 382 25.35 -22.33 28.21
CA SER A 382 26.47 -21.67 27.52
C SER A 382 27.74 -21.71 28.36
N GLY A 383 28.90 -21.54 27.74
CA GLY A 383 30.16 -21.45 28.47
C GLY A 383 31.37 -21.20 27.60
N HIS A 384 32.51 -20.82 28.21
CA HIS A 384 33.78 -20.62 27.48
C HIS A 384 34.72 -21.81 27.68
N PHE A 385 35.43 -22.23 26.61
CA PHE A 385 36.29 -23.41 26.67
C PHE A 385 37.56 -23.29 25.88
N ALA A 386 38.57 -24.10 26.25
CA ALA A 386 39.82 -24.25 25.53
C ALA A 386 40.02 -25.70 25.21
N VAL A 387 40.59 -25.98 24.04
CA VAL A 387 40.98 -27.31 23.64
C VAL A 387 42.43 -27.18 23.16
N ASN A 388 43.30 -28.08 23.61
CA ASN A 388 44.67 -28.13 23.15
C ASN A 388 44.62 -28.72 21.73
N VAL A 389 45.14 -28.00 20.75
CA VAL A 389 45.10 -28.41 19.35
C VAL A 389 45.96 -29.68 19.10
N SER A 390 47.05 -29.85 19.83
CA SER A 390 47.90 -31.02 19.63
C SER A 390 47.24 -32.34 20.10
N ASN A 391 46.83 -32.41 21.40
CA ASN A 391 46.30 -33.66 21.98
C ASN A 391 44.76 -33.73 22.14
N GLY A 392 44.04 -32.64 21.85
CA GLY A 392 42.59 -32.61 21.90
C GLY A 392 41.99 -32.57 23.29
N LYS A 393 42.79 -32.29 24.32
CA LYS A 393 42.28 -32.22 25.69
C LYS A 393 41.46 -30.92 25.90
N ILE A 394 40.19 -31.07 26.31
CA ILE A 394 39.28 -29.97 26.56
C ILE A 394 39.46 -29.48 28.01
N SER A 395 39.38 -28.17 28.24
CA SER A 395 39.52 -27.53 29.55
C SER A 395 38.58 -28.17 30.60
N GLN A 396 37.30 -28.41 30.25
CA GLN A 396 36.33 -29.07 31.14
C GLN A 396 35.15 -29.58 30.33
N PRO A 397 34.41 -30.61 30.80
CA PRO A 397 33.28 -31.12 29.99
C PRO A 397 32.15 -30.10 29.87
N PHE A 398 31.40 -30.10 28.73
CA PHE A 398 30.28 -29.18 28.51
C PHE A 398 29.23 -29.29 29.63
N GLU A 399 29.10 -30.49 30.24
CA GLU A 399 28.16 -30.78 31.32
C GLU A 399 28.33 -29.86 32.56
N ASN A 400 29.50 -29.23 32.74
CA ASN A 400 29.73 -28.31 33.87
C ASN A 400 29.01 -26.93 33.68
N CYS A 401 28.43 -26.69 32.48
CA CYS A 401 27.71 -25.48 32.11
C CYS A 401 26.45 -25.30 32.88
N LYS A 402 26.18 -24.05 33.28
CA LYS A 402 24.92 -23.66 33.93
C LYS A 402 24.03 -22.97 32.89
N GLU A 403 22.74 -22.77 33.21
CA GLU A 403 21.82 -22.03 32.34
C GLU A 403 22.27 -20.57 32.35
N SER A 404 22.72 -20.05 31.19
CA SER A 404 23.26 -18.70 31.05
C SER A 404 23.49 -18.32 29.60
N GLU A 405 23.75 -17.05 29.37
CA GLU A 405 24.02 -16.51 28.04
C GLU A 405 25.38 -15.83 28.12
N HIS A 406 26.44 -16.49 27.61
CA HIS A 406 27.82 -16.02 27.65
C HIS A 406 28.27 -15.44 26.34
N SER A 407 29.06 -14.38 26.47
CA SER A 407 29.72 -13.65 25.40
C SER A 407 31.15 -13.35 25.86
N GLY A 408 32.11 -13.45 24.94
CA GLY A 408 33.50 -13.23 25.29
C GLY A 408 34.35 -12.47 24.30
N THR A 409 35.43 -11.84 24.82
CA THR A 409 36.45 -11.12 24.06
C THR A 409 37.80 -11.54 24.63
N LEU A 410 38.66 -12.14 23.78
CA LEU A 410 39.92 -12.70 24.22
C LEU A 410 41.05 -11.70 24.10
N SER A 411 42.01 -11.74 25.05
CA SER A 411 43.19 -10.84 24.96
C SER A 411 44.15 -11.30 23.84
N ALA A 412 45.10 -10.43 23.44
CA ALA A 412 46.07 -10.69 22.38
C ALA A 412 46.90 -12.01 22.56
N SER A 413 47.26 -12.39 23.81
CA SER A 413 48.04 -13.60 24.09
C SER A 413 47.15 -14.82 24.37
N GLY A 414 45.84 -14.57 24.50
CA GLY A 414 44.83 -15.59 24.80
C GLY A 414 44.92 -16.06 26.23
N THR A 415 45.48 -15.22 27.13
CA THR A 415 45.68 -15.52 28.55
C THR A 415 44.45 -15.12 29.34
N TYR A 416 43.76 -14.03 28.90
CA TYR A 416 42.56 -13.55 29.59
C TYR A 416 41.45 -13.30 28.60
N LEU A 417 40.27 -13.23 29.18
CA LEU A 417 38.99 -13.13 28.49
CA LEU A 417 39.00 -13.12 28.49
C LEU A 417 38.07 -12.15 29.21
N ILE A 418 37.31 -11.34 28.44
CA ILE A 418 36.29 -10.44 28.99
C ILE A 418 35.03 -11.30 28.91
N ASP A 419 34.46 -11.71 30.05
CA ASP A 419 33.28 -12.56 30.03
C ASP A 419 32.00 -11.76 30.36
N ARG A 420 31.13 -11.57 29.37
CA ARG A 420 29.85 -10.91 29.59
C ARG A 420 28.77 -11.96 29.62
N TYR A 421 28.02 -12.03 30.71
CA TYR A 421 26.95 -13.01 30.72
C TYR A 421 25.71 -12.47 31.45
N SER A 422 24.61 -13.23 31.37
CA SER A 422 23.34 -13.00 32.06
C SER A 422 22.71 -14.35 32.41
N THR A 423 21.91 -14.37 33.48
CA THR A 423 21.17 -15.54 33.96
C THR A 423 19.77 -15.03 34.24
N LYS A 424 18.79 -15.92 34.53
CA LYS A 424 17.39 -15.57 34.78
C LYS A 424 17.23 -14.28 35.57
N ASP A 425 17.91 -14.16 36.73
CA ASP A 425 17.79 -13.04 37.66
C ASP A 425 19.01 -12.06 37.68
N GLN A 426 20.13 -12.35 36.98
N GLN A 426 20.11 -12.35 36.94
CA GLN A 426 21.28 -11.43 36.91
CA GLN A 426 21.29 -11.48 36.86
C GLN A 426 21.28 -10.74 35.53
C GLN A 426 21.26 -10.75 35.50
N PRO A 427 20.87 -9.45 35.43
CA PRO A 427 20.79 -8.78 34.11
C PRO A 427 22.08 -8.69 33.30
N ARG A 428 23.24 -8.41 33.94
CA ARG A 428 24.53 -8.27 33.26
C ARG A 428 25.70 -8.39 34.26
N VAL A 429 26.61 -9.33 34.00
CA VAL A 429 27.78 -9.59 34.81
C VAL A 429 28.96 -9.55 33.87
N ILE A 430 29.99 -8.76 34.19
CA ILE A 430 31.20 -8.68 33.38
C ILE A 430 32.39 -8.97 34.27
N ASN A 431 33.13 -10.03 33.94
CA ASN A 431 34.31 -10.49 34.66
C ASN A 431 35.49 -10.60 33.74
N LEU A 432 36.69 -10.55 34.31
CA LEU A 432 37.93 -10.89 33.62
C LEU A 432 38.21 -12.31 34.04
N VAL A 433 38.49 -13.17 33.08
CA VAL A 433 38.67 -14.61 33.33
C VAL A 433 40.05 -15.09 32.84
N ASP A 434 40.72 -15.89 33.65
CA ASP A 434 42.01 -16.52 33.33
C ASP A 434 41.74 -17.73 32.45
N THR A 435 42.27 -17.77 31.21
CA THR A 435 41.94 -18.93 30.34
C THR A 435 42.75 -20.22 30.67
N LYS A 436 43.66 -20.19 31.66
CA LYS A 436 44.41 -21.38 32.06
C LYS A 436 43.50 -22.34 32.88
N ASN A 437 42.59 -21.81 33.70
CA ASN A 437 41.71 -22.58 34.58
C ASN A 437 40.27 -22.08 34.53
N PHE A 438 40.01 -21.03 33.72
CA PHE A 438 38.70 -20.40 33.52
C PHE A 438 38.11 -19.91 34.86
N LYS A 439 38.98 -19.36 35.70
CA LYS A 439 38.60 -18.78 36.98
C LYS A 439 38.52 -17.27 36.85
N GLU A 440 37.51 -16.69 37.48
CA GLU A 440 37.28 -15.25 37.53
C GLU A 440 38.44 -14.62 38.28
N THR A 441 38.98 -13.57 37.70
CA THR A 441 40.14 -12.89 38.21
C THR A 441 39.73 -11.53 38.81
N ALA A 442 38.57 -10.97 38.34
CA ALA A 442 38.02 -9.68 38.78
C ALA A 442 36.62 -9.48 38.23
N ASN A 443 35.73 -8.87 39.03
CA ASN A 443 34.38 -8.49 38.61
C ASN A 443 34.40 -7.03 38.18
N LEU A 444 34.12 -6.77 36.91
CA LEU A 444 34.10 -5.39 36.39
C LEU A 444 32.71 -4.75 36.56
N LEU A 445 31.64 -5.54 36.47
CA LEU A 445 30.26 -5.09 36.63
C LEU A 445 29.36 -6.23 37.09
N THR A 446 28.41 -5.90 37.95
CA THR A 446 27.30 -6.77 38.39
C THR A 446 26.13 -5.84 38.39
N ALA A 447 25.50 -5.66 37.21
CA ALA A 447 24.39 -4.75 37.04
C ALA A 447 23.25 -5.05 38.00
N GLU A 448 22.65 -4.00 38.52
CA GLU A 448 21.47 -4.10 39.37
C GLU A 448 20.23 -4.22 38.45
N ASN A 449 19.19 -4.88 38.96
CA ASN A 449 17.91 -5.07 38.27
C ASN A 449 17.31 -3.70 37.92
N PRO A 450 17.09 -3.41 36.62
CA PRO A 450 16.52 -2.09 36.26
C PRO A 450 15.04 -1.91 36.65
N TYR A 451 14.36 -3.01 37.01
CA TYR A 451 12.97 -2.98 37.40
C TYR A 451 12.81 -2.96 38.91
N ASP A 452 13.86 -2.56 39.65
CA ASP A 452 13.80 -2.48 41.11
C ASP A 452 12.81 -1.38 41.52
N GLY A 453 11.86 -1.77 42.37
CA GLY A 453 10.80 -0.90 42.84
C GLY A 453 9.54 -0.97 42.01
N TYR A 454 9.46 -1.91 41.05
CA TYR A 454 8.29 -2.08 40.20
C TYR A 454 7.61 -3.39 40.50
N GLN A 455 6.33 -3.47 40.22
CA GLN A 455 5.58 -4.71 40.30
C GLN A 455 5.93 -5.49 39.01
N PRO A 457 5.87 -9.41 36.79
CA PRO A 457 5.32 -10.76 36.68
C PRO A 457 6.34 -11.85 37.02
N SER A 458 5.85 -13.07 37.28
CA SER A 458 6.72 -14.21 37.56
C SER A 458 7.11 -14.90 36.23
N ILE A 459 8.28 -15.55 36.21
CA ILE A 459 8.79 -16.25 35.03
C ILE A 459 9.17 -17.67 35.45
N GLU A 460 8.68 -18.65 34.68
CA GLU A 460 8.92 -20.08 34.83
C GLU A 460 9.34 -20.66 33.50
N THR A 461 10.31 -21.59 33.53
CA THR A 461 10.74 -22.34 32.35
C THR A 461 10.63 -23.83 32.63
N GLY A 462 10.46 -24.60 31.57
CA GLY A 462 10.36 -26.04 31.68
C GLY A 462 10.49 -26.67 30.32
N THR A 463 10.14 -27.97 30.24
CA THR A 463 10.17 -28.73 28.99
C THR A 463 8.91 -29.57 28.86
N ILE A 464 8.52 -29.82 27.61
CA ILE A 464 7.45 -30.73 27.19
C ILE A 464 7.97 -31.44 25.94
N LYS A 465 7.36 -32.56 25.59
CA LYS A 465 7.76 -33.30 24.41
C LYS A 465 7.18 -32.70 23.15
N ALA A 466 7.98 -32.69 22.06
CA ALA A 466 7.57 -32.23 20.73
C ALA A 466 6.46 -33.16 20.15
N ALA A 467 5.91 -32.84 18.98
CA ALA A 467 4.87 -33.64 18.33
C ALA A 467 5.43 -35.05 17.91
N ASP A 468 6.76 -35.24 17.95
CA ASP A 468 7.44 -36.50 17.61
C ASP A 468 7.45 -37.48 18.82
N GLY A 469 7.16 -36.98 20.01
CA GLY A 469 7.11 -37.74 21.25
C GLY A 469 8.44 -38.00 21.93
N THR A 470 9.55 -37.57 21.32
CA THR A 470 10.89 -37.85 21.88
C THR A 470 11.68 -36.60 22.20
N THR A 471 11.63 -35.57 21.31
CA THR A 471 12.38 -34.31 21.46
C THR A 471 11.80 -33.47 22.59
N ASP A 472 12.68 -32.92 23.47
CA ASP A 472 12.32 -32.04 24.58
C ASP A 472 12.35 -30.59 24.12
N LEU A 473 11.25 -29.87 24.36
CA LEU A 473 11.13 -28.47 23.95
C LEU A 473 11.13 -27.58 25.16
N HIS A 474 11.92 -26.50 25.13
CA HIS A 474 11.96 -25.52 26.23
C HIS A 474 10.84 -24.51 26.05
N TYR A 475 10.15 -24.19 27.14
CA TYR A 475 9.10 -23.18 27.15
C TYR A 475 9.34 -22.19 28.29
N ARG A 476 8.80 -20.97 28.15
CA ARG A 476 8.80 -19.96 29.20
C ARG A 476 7.31 -19.57 29.46
N LEU A 477 6.92 -19.55 30.72
CA LEU A 477 5.57 -19.22 31.18
C LEU A 477 5.60 -18.02 32.13
N LYS A 479 3.31 -15.21 34.45
CA LYS A 479 2.06 -14.94 35.16
C LYS A 479 2.02 -13.53 35.79
N PRO A 480 0.84 -12.87 35.94
CA PRO A 480 0.80 -11.59 36.69
C PRO A 480 1.27 -11.75 38.13
N ALA A 481 1.80 -10.68 38.74
CA ALA A 481 2.32 -10.68 40.11
C ALA A 481 1.29 -11.13 41.17
N ASN A 482 0.02 -10.74 41.01
CA ASN A 482 -1.08 -11.07 41.94
C ASN A 482 -1.81 -12.39 41.55
N PHE A 483 -1.10 -13.27 40.86
CA PHE A 483 -1.59 -14.54 40.34
C PHE A 483 -2.27 -15.38 41.41
N ASP A 484 -3.49 -15.85 41.10
CA ASP A 484 -4.32 -16.69 41.94
C ASP A 484 -4.66 -17.97 41.16
N PRO A 485 -4.22 -19.15 41.64
CA PRO A 485 -4.46 -20.38 40.85
C PRO A 485 -5.89 -20.93 40.89
N ALA A 486 -6.79 -20.18 41.59
CA ALA A 486 -8.22 -20.46 41.74
C ALA A 486 -9.03 -19.78 40.62
N LYS A 487 -8.48 -18.71 40.02
CA LYS A 487 -9.08 -17.92 38.93
C LYS A 487 -8.65 -18.45 37.55
N LYS A 488 -9.39 -18.09 36.49
CA LYS A 488 -9.10 -18.47 35.11
C LYS A 488 -8.50 -17.27 34.39
N TYR A 489 -7.43 -17.50 33.61
CA TYR A 489 -6.74 -16.42 32.91
C TYR A 489 -6.69 -16.59 31.40
N PRO A 490 -6.80 -15.48 30.62
CA PRO A 490 -6.57 -15.58 29.17
C PRO A 490 -5.08 -15.79 28.88
N VAL A 491 -4.74 -16.41 27.73
CA VAL A 491 -3.35 -16.71 27.39
C VAL A 491 -3.00 -16.11 26.05
N ILE A 492 -1.78 -15.57 25.94
CA ILE A 492 -1.25 -15.10 24.67
C ILE A 492 0.05 -15.86 24.43
N VAL A 493 0.07 -16.61 23.33
CA VAL A 493 1.25 -17.34 22.88
C VAL A 493 2.09 -16.40 22.04
N TYR A 494 3.32 -16.11 22.46
CA TYR A 494 4.25 -15.36 21.61
C TYR A 494 5.03 -16.40 20.80
N VAL A 495 5.00 -16.31 19.45
CA VAL A 495 5.66 -17.28 18.60
C VAL A 495 6.64 -16.60 17.63
N TYR A 496 7.77 -17.26 17.35
CA TYR A 496 8.70 -16.97 16.26
C TYR A 496 8.78 -18.30 15.47
N GLY A 497 9.56 -19.25 16.00
CA GLY A 497 9.63 -20.62 15.52
C GLY A 497 10.38 -20.91 14.24
N GLY A 498 11.08 -19.94 13.72
CA GLY A 498 11.83 -20.14 12.50
C GLY A 498 13.27 -20.46 12.78
N PRO A 499 14.05 -20.83 11.76
CA PRO A 499 15.48 -21.13 11.99
C PRO A 499 16.30 -19.87 12.31
N HIS A 500 17.53 -20.08 12.84
CA HIS A 500 18.50 -19.04 13.21
C HIS A 500 18.02 -18.22 14.40
N ALA A 501 17.05 -18.71 15.18
CA ALA A 501 16.58 -17.94 16.34
C ALA A 501 16.14 -18.86 17.45
N GLN A 502 16.25 -18.35 18.69
CA GLN A 502 15.84 -19.05 19.90
C GLN A 502 15.21 -18.01 20.86
N CYS A 503 13.95 -18.25 21.26
CA CYS A 503 13.20 -17.33 22.10
C CYS A 503 13.44 -17.56 23.59
N VAL A 504 13.50 -18.84 24.03
CA VAL A 504 13.70 -19.20 25.44
C VAL A 504 15.19 -19.44 25.65
N THR A 505 15.82 -18.54 26.43
CA THR A 505 17.25 -18.57 26.72
C THR A 505 17.47 -18.81 28.18
N GLY A 506 18.74 -19.08 28.51
CA GLY A 506 19.20 -19.20 29.90
C GLY A 506 19.61 -17.85 30.46
N GLY A 507 19.58 -16.81 29.61
CA GLY A 507 19.90 -15.44 29.98
C GLY A 507 18.82 -14.70 30.75
N TRP A 508 18.99 -13.37 30.86
CA TRP A 508 18.14 -12.43 31.62
C TRP A 508 16.64 -12.54 31.23
N GLN A 509 15.80 -12.90 32.25
CA GLN A 509 14.33 -13.11 32.18
C GLN A 509 13.99 -14.24 31.20
N ASN A 510 14.95 -15.16 30.97
CA ASN A 510 14.85 -16.29 30.05
C ASN A 510 14.42 -15.83 28.65
N GLY A 511 14.87 -14.65 28.26
CA GLY A 511 14.61 -14.06 26.95
C GLY A 511 13.30 -13.32 26.80
N ALA A 512 12.55 -13.09 27.92
CA ALA A 512 11.29 -12.34 27.89
C ALA A 512 11.49 -10.98 27.24
N ARG A 513 10.47 -10.49 26.52
CA ARG A 513 10.54 -9.19 25.88
C ARG A 513 9.67 -8.24 26.67
N GLY A 514 9.80 -6.94 26.40
CA GLY A 514 9.05 -5.88 27.08
C GLY A 514 7.55 -6.08 27.02
N TRP A 515 7.00 -6.38 25.83
CA TRP A 515 5.56 -6.56 25.68
C TRP A 515 5.06 -7.79 26.45
N ASP A 516 5.89 -8.86 26.59
CA ASP A 516 5.59 -10.03 27.44
C ASP A 516 5.28 -9.57 28.86
N THR A 517 6.22 -8.78 29.42
CA THR A 517 6.14 -8.17 30.76
C THR A 517 4.87 -7.34 30.90
N TYR A 518 4.62 -6.45 29.91
CA TYR A 518 3.47 -5.58 29.86
C TYR A 518 2.14 -6.36 29.93
N ALA A 520 1.62 -9.60 30.75
CA ALA A 520 1.56 -10.44 31.97
C ALA A 520 1.08 -9.61 33.17
N SER A 521 1.53 -8.37 33.27
CA SER A 521 1.13 -7.47 34.35
C SER A 521 -0.31 -6.92 34.16
N LYS A 522 -0.88 -7.07 32.94
CA LYS A 522 -2.24 -6.65 32.61
C LYS A 522 -3.27 -7.79 32.87
N GLY A 523 -2.81 -8.96 33.34
CA GLY A 523 -3.64 -10.11 33.68
C GLY A 523 -3.67 -11.25 32.68
N TYR A 524 -2.77 -11.22 31.67
CA TYR A 524 -2.65 -12.24 30.63
C TYR A 524 -1.47 -13.16 30.89
N ILE A 525 -1.69 -14.47 30.83
CA ILE A 525 -0.59 -15.42 30.92
C ILE A 525 0.14 -15.33 29.59
N PHE A 527 2.97 -17.14 27.06
CA PHE A 527 3.62 -18.42 26.81
C PHE A 527 4.42 -18.38 25.53
N THR A 528 5.62 -18.98 25.56
CA THR A 528 6.52 -19.12 24.39
C THR A 528 7.19 -20.50 24.47
N ILE A 529 7.23 -21.22 23.37
CA ILE A 529 7.88 -22.52 23.30
C ILE A 529 8.83 -22.52 22.09
N ASP A 530 10.05 -23.04 22.26
CA ASP A 530 10.96 -23.12 21.12
C ASP A 530 10.79 -24.48 20.42
N ASN A 531 10.02 -24.48 19.34
CA ASN A 531 9.68 -25.67 18.57
C ASN A 531 10.84 -26.18 17.74
N ARG A 532 10.72 -27.39 17.17
CA ARG A 532 11.71 -27.98 16.25
C ARG A 532 11.82 -27.05 15.04
N GLY A 533 13.05 -26.77 14.61
CA GLY A 533 13.32 -25.82 13.56
C GLY A 533 14.12 -24.65 14.09
N SER A 534 13.96 -24.31 15.38
CA SER A 534 14.68 -23.23 16.05
C SER A 534 16.17 -23.64 16.27
N SER A 535 17.01 -22.69 16.72
CA SER A 535 18.48 -22.90 16.80
C SER A 535 19.02 -23.33 18.16
N ASN A 536 20.35 -23.62 18.17
CA ASN A 536 21.19 -23.98 19.33
C ASN A 536 20.83 -25.33 19.93
N ARG A 537 20.35 -26.27 19.06
CA ARG A 537 19.93 -27.62 19.43
C ARG A 537 20.45 -28.69 18.45
N GLY A 538 21.31 -28.29 17.52
CA GLY A 538 21.85 -29.17 16.50
C GLY A 538 21.02 -29.19 15.23
N LEU A 539 21.60 -29.78 14.17
CA LEU A 539 21.00 -29.89 12.85
C LEU A 539 19.76 -30.79 12.75
N THR A 540 19.71 -31.92 13.48
CA THR A 540 18.54 -32.83 13.39
C THR A 540 17.28 -32.14 13.88
N PHE A 541 17.39 -31.42 15.02
CA PHE A 541 16.31 -30.62 15.61
C PHE A 541 15.82 -29.56 14.64
N GLU A 542 16.77 -29.03 13.85
CA GLU A 542 16.51 -27.95 12.92
C GLU A 542 15.92 -28.42 11.58
N ASN A 543 16.57 -29.36 10.85
CA ASN A 543 16.11 -29.71 9.50
C ASN A 543 14.90 -30.69 9.48
N ALA A 544 14.17 -30.82 10.60
CA ALA A 544 12.97 -31.66 10.69
C ALA A 544 11.81 -31.03 9.88
N THR A 545 11.91 -29.73 9.66
CA THR A 545 10.96 -28.87 8.96
C THR A 545 11.24 -28.77 7.44
N PHE A 546 12.30 -29.42 6.93
CA PHE A 546 12.72 -29.30 5.54
C PHE A 546 11.59 -29.59 4.56
N ARG A 547 11.41 -28.65 3.59
CA ARG A 547 10.46 -28.68 2.46
C ARG A 547 8.99 -28.47 2.89
N ARG A 548 8.72 -28.27 4.20
CA ARG A 548 7.38 -28.04 4.71
C ARG A 548 7.41 -27.03 5.87
N LEU A 549 7.97 -25.83 5.64
CA LEU A 549 8.11 -24.78 6.66
C LEU A 549 6.76 -24.42 7.33
N GLY A 550 6.77 -24.35 8.64
CA GLY A 550 5.56 -24.04 9.42
C GLY A 550 4.77 -25.22 9.91
N ILE A 551 4.81 -26.40 9.19
CA ILE A 551 3.97 -27.58 9.53
C ILE A 551 4.35 -28.24 10.87
N GLU A 552 5.61 -28.70 11.03
CA GLU A 552 6.02 -29.37 12.27
C GLU A 552 6.09 -28.37 13.42
N GLU A 553 6.35 -27.09 13.08
CA GLU A 553 6.39 -25.93 13.99
C GLU A 553 5.02 -25.70 14.62
N GLY A 554 3.97 -25.76 13.79
CA GLY A 554 2.59 -25.62 14.23
C GLY A 554 2.18 -26.75 15.15
N LYS A 555 2.53 -27.99 14.77
CA LYS A 555 2.26 -29.21 15.54
C LYS A 555 2.85 -29.09 16.93
N ASP A 556 4.10 -28.58 17.03
CA ASP A 556 4.79 -28.35 18.31
C ASP A 556 4.15 -27.21 19.13
N GLN A 557 3.69 -26.12 18.45
CA GLN A 557 2.99 -25.00 19.12
C GLN A 557 1.67 -25.48 19.72
N VAL A 558 1.00 -26.43 19.03
CA VAL A 558 -0.25 -27.02 19.48
C VAL A 558 0.00 -27.94 20.70
N LYS A 559 1.17 -28.60 20.78
CA LYS A 559 1.55 -29.41 21.94
C LYS A 559 1.72 -28.50 23.14
N GLY A 560 2.21 -27.27 22.89
CA GLY A 560 2.35 -26.25 23.92
C GLY A 560 1.02 -25.81 24.46
N VAL A 561 0.03 -25.66 23.57
CA VAL A 561 -1.34 -25.28 23.92
C VAL A 561 -2.02 -26.42 24.70
N GLU A 562 -1.81 -27.69 24.28
CA GLU A 562 -2.36 -28.88 24.98
C GLU A 562 -1.81 -28.96 26.43
N PHE A 563 -0.59 -28.45 26.66
CA PHE A 563 0.03 -28.35 27.97
C PHE A 563 -0.73 -27.28 28.79
N LEU A 564 -0.91 -26.07 28.20
CA LEU A 564 -1.63 -24.92 28.83
C LEU A 564 -3.04 -25.32 29.24
N LYS A 565 -3.75 -26.06 28.34
CA LYS A 565 -5.13 -26.53 28.55
C LYS A 565 -5.20 -27.52 29.73
N SER A 566 -4.07 -28.15 30.07
CA SER A 566 -3.97 -29.09 31.18
C SER A 566 -3.79 -28.35 32.55
N LEU A 567 -3.60 -27.01 32.51
CA LEU A 567 -3.46 -26.14 33.70
C LEU A 567 -4.83 -25.61 34.09
N PRO A 568 -5.27 -25.80 35.35
CA PRO A 568 -6.65 -25.40 35.72
C PRO A 568 -6.93 -23.89 35.74
N TYR A 569 -5.88 -23.03 35.80
CA TYR A 569 -6.02 -21.57 35.81
C TYR A 569 -5.98 -20.96 34.42
N VAL A 570 -5.92 -21.79 33.39
CA VAL A 570 -5.96 -21.34 32.02
C VAL A 570 -7.41 -21.42 31.50
N ASP A 571 -7.90 -20.31 30.95
CA ASP A 571 -9.20 -20.26 30.26
C ASP A 571 -8.92 -20.71 28.83
N SER A 572 -9.21 -21.99 28.53
CA SER A 572 -9.02 -22.67 27.23
C SER A 572 -9.73 -21.98 26.06
N GLU A 573 -10.75 -21.16 26.35
CA GLU A 573 -11.58 -20.49 25.34
C GLU A 573 -11.09 -19.06 25.01
N ARG A 574 -9.99 -18.63 25.65
CA ARG A 574 -9.41 -17.30 25.49
C ARG A 574 -7.90 -17.42 25.22
N ILE A 575 -7.51 -18.04 24.08
CA ILE A 575 -6.13 -18.22 23.65
C ILE A 575 -5.90 -17.38 22.39
N GLY A 576 -4.96 -16.43 22.52
CA GLY A 576 -4.49 -15.56 21.46
C GLY A 576 -3.07 -15.93 21.06
N VAL A 577 -2.60 -15.35 19.97
CA VAL A 577 -1.27 -15.64 19.46
C VAL A 577 -0.70 -14.39 18.74
N HIS A 578 0.60 -14.15 18.88
CA HIS A 578 1.27 -13.02 18.27
C HIS A 578 2.71 -13.39 17.88
N GLY A 579 3.14 -12.91 16.72
CA GLY A 579 4.50 -13.10 16.21
C GLY A 579 4.81 -12.11 15.11
N TRP A 580 6.10 -11.93 14.79
CA TRP A 580 6.59 -11.07 13.71
C TRP A 580 7.46 -11.86 12.76
N SER A 581 7.40 -11.58 11.42
CA SER A 581 8.26 -12.19 10.38
C SER A 581 7.87 -13.69 10.18
N PHE A 582 8.76 -14.66 10.55
CA PHE A 582 8.43 -16.09 10.56
C PHE A 582 7.26 -16.32 11.56
N GLY A 583 7.29 -15.56 12.64
CA GLY A 583 6.25 -15.61 13.67
C GLY A 583 4.91 -15.09 13.18
N GLY A 584 4.94 -14.22 12.19
CA GLY A 584 3.76 -13.65 11.56
C GLY A 584 3.11 -14.72 10.70
N HIS A 585 3.96 -15.52 10.01
CA HIS A 585 3.56 -16.68 9.22
C HIS A 585 2.89 -17.68 10.13
N THR A 587 1.59 -17.19 13.26
CA THR A 587 0.35 -16.64 13.80
C THR A 587 -0.79 -16.85 12.80
N THR A 588 -0.57 -16.50 11.50
CA THR A 588 -1.58 -16.67 10.45
C THR A 588 -1.88 -18.14 10.26
N ALA A 589 -0.84 -18.99 10.10
CA ALA A 589 -0.97 -20.46 9.92
C ALA A 589 -1.71 -21.13 11.09
N LEU A 590 -1.37 -20.78 12.34
CA LEU A 590 -2.04 -21.34 13.51
C LEU A 590 -3.55 -20.98 13.51
N LEU A 592 -5.38 -20.33 10.80
CA LEU A 592 -5.99 -21.00 9.65
C LEU A 592 -6.04 -22.54 9.75
N ARG A 593 -5.01 -23.19 10.36
CA ARG A 593 -4.94 -24.66 10.47
C ARG A 593 -5.60 -25.20 11.73
N TYR A 594 -5.73 -24.37 12.76
CA TYR A 594 -6.31 -24.74 14.06
C TYR A 594 -7.32 -23.67 14.46
N PRO A 595 -8.39 -23.45 13.64
CA PRO A 595 -9.32 -22.34 13.92
C PRO A 595 -10.17 -22.51 15.16
N GLU A 596 -10.20 -23.73 15.71
CA GLU A 596 -10.93 -24.05 16.92
C GLU A 596 -10.08 -23.79 18.17
N ILE A 597 -8.77 -23.48 18.00
CA ILE A 597 -7.88 -23.25 19.15
C ILE A 597 -7.66 -21.75 19.45
N PHE A 598 -7.16 -20.95 18.47
CA PHE A 598 -6.79 -19.55 18.70
C PHE A 598 -7.92 -18.62 18.36
N LYS A 599 -8.31 -17.83 19.35
CA LYS A 599 -9.45 -16.94 19.28
C LYS A 599 -9.09 -15.63 18.56
N VAL A 600 -7.89 -15.07 18.88
CA VAL A 600 -7.41 -13.80 18.35
C VAL A 600 -5.93 -13.92 17.98
N GLY A 601 -5.52 -13.28 16.90
CA GLY A 601 -4.13 -13.28 16.49
C GLY A 601 -3.67 -11.95 15.93
N VAL A 602 -2.40 -11.62 16.17
CA VAL A 602 -1.79 -10.42 15.60
C VAL A 602 -0.49 -10.87 14.89
N ALA A 603 -0.44 -10.71 13.55
CA ALA A 603 0.69 -11.09 12.73
C ALA A 603 1.37 -9.85 12.13
N GLY A 604 2.65 -9.69 12.41
CA GLY A 604 3.42 -8.59 11.87
C GLY A 604 4.39 -9.03 10.80
N GLY A 605 4.51 -8.24 9.72
CA GLY A 605 5.35 -8.41 8.54
C GLY A 605 5.49 -9.87 8.18
N PRO A 606 4.39 -10.59 7.94
CA PRO A 606 4.51 -12.03 7.75
C PRO A 606 4.94 -12.48 6.37
N VAL A 607 5.37 -13.74 6.30
CA VAL A 607 5.54 -14.46 5.06
C VAL A 607 4.16 -15.10 4.84
N ILE A 608 3.53 -14.92 3.65
CA ILE A 608 2.23 -15.53 3.39
C ILE A 608 2.43 -16.67 2.37
N ASP A 609 3.17 -16.39 1.31
CA ASP A 609 3.49 -17.31 0.24
C ASP A 609 5.02 -17.28 0.09
N TRP A 610 5.65 -18.48 0.24
CA TRP A 610 7.10 -18.64 0.15
C TRP A 610 7.64 -18.32 -1.26
N GLY A 611 6.76 -18.27 -2.26
CA GLY A 611 7.08 -17.86 -3.62
C GLY A 611 7.37 -16.37 -3.74
N TYR A 612 7.04 -15.59 -2.70
CA TYR A 612 7.36 -14.17 -2.68
C TYR A 612 8.62 -13.94 -1.88
N TYR A 613 9.14 -14.98 -1.20
CA TYR A 613 10.30 -14.85 -0.35
C TYR A 613 11.59 -15.02 -1.14
N GLU A 614 12.71 -14.48 -0.62
CA GLU A 614 14.05 -14.48 -1.22
C GLU A 614 14.57 -15.90 -1.55
N ILE A 615 15.38 -15.99 -2.63
CA ILE A 615 16.02 -17.21 -3.11
C ILE A 615 16.87 -17.86 -2.02
N TYR A 617 17.56 -17.68 1.49
CA TYR A 617 16.94 -18.30 2.67
C TYR A 617 15.80 -19.29 2.27
N GLY A 618 14.96 -18.90 1.32
CA GLY A 618 13.81 -19.69 0.91
C GLY A 618 14.12 -21.06 0.36
N GLU A 619 14.97 -21.09 -0.68
CA GLU A 619 15.35 -22.34 -1.36
C GLU A 619 16.14 -23.27 -0.45
N ARG A 620 16.82 -22.75 0.58
CA ARG A 620 17.51 -23.62 1.53
C ARG A 620 16.54 -24.58 2.18
N TYR A 621 15.44 -24.08 2.75
CA TYR A 621 14.48 -24.92 3.49
C TYR A 621 13.33 -25.42 2.67
N ASP A 623 13.41 -25.66 -1.04
CA ASP A 623 13.87 -26.00 -2.39
C ASP A 623 13.17 -24.97 -3.36
N THR A 624 12.97 -25.28 -4.66
CA THR A 624 12.32 -24.34 -5.58
C THR A 624 10.83 -24.65 -5.74
N PRO A 625 9.97 -23.67 -6.16
CA PRO A 625 8.56 -24.01 -6.45
C PRO A 625 8.40 -25.13 -7.50
N GLU A 626 9.37 -25.26 -8.42
CA GLU A 626 9.40 -26.27 -9.48
C GLU A 626 9.83 -27.65 -8.88
N SER A 627 10.78 -27.65 -7.91
CA SER A 627 11.28 -28.87 -7.24
C SER A 627 10.34 -29.36 -6.09
N ASN A 628 9.59 -28.44 -5.43
CA ASN A 628 8.70 -28.74 -4.30
C ASN A 628 7.32 -28.09 -4.54
N PRO A 629 6.56 -28.51 -5.57
CA PRO A 629 5.25 -27.88 -5.80
C PRO A 629 4.25 -28.14 -4.66
N GLU A 630 4.32 -29.32 -3.99
CA GLU A 630 3.43 -29.70 -2.90
C GLU A 630 3.68 -28.90 -1.64
N GLY A 631 4.96 -28.68 -1.34
CA GLY A 631 5.39 -27.92 -0.18
C GLY A 631 4.94 -26.48 -0.28
N TYR A 632 5.11 -25.90 -1.47
CA TYR A 632 4.74 -24.52 -1.71
C TYR A 632 3.23 -24.32 -1.69
N LYS A 633 2.45 -25.31 -2.19
CA LYS A 633 0.98 -25.25 -2.17
C LYS A 633 0.45 -25.28 -0.70
N GLU A 634 0.90 -26.27 0.07
CA GLU A 634 0.56 -26.53 1.47
C GLU A 634 0.90 -25.34 2.40
N CYS A 635 2.06 -24.68 2.16
CA CYS A 635 2.56 -23.59 2.99
C CYS A 635 2.19 -22.20 2.43
N ASN A 636 1.40 -22.14 1.35
CA ASN A 636 0.87 -20.90 0.79
C ASN A 636 -0.46 -20.61 1.51
N LEU A 637 -0.42 -19.65 2.46
CA LEU A 637 -1.53 -19.32 3.35
C LEU A 637 -2.71 -18.70 2.63
N LYS A 638 -2.54 -18.25 1.37
CA LYS A 638 -3.64 -17.74 0.56
C LYS A 638 -4.63 -18.90 0.27
N ASN A 639 -4.10 -20.15 0.23
CA ASN A 639 -4.90 -21.35 -0.05
C ASN A 639 -5.84 -21.70 1.09
N LEU A 640 -5.57 -21.19 2.29
CA LEU A 640 -6.36 -21.47 3.49
C LEU A 640 -7.21 -20.26 3.93
N ALA A 641 -7.21 -19.16 3.16
CA ALA A 641 -7.95 -17.91 3.45
C ALA A 641 -9.41 -18.13 3.92
N ASP A 642 -10.10 -19.15 3.39
CA ASP A 642 -11.50 -19.45 3.70
C ASP A 642 -11.69 -20.06 5.11
N GLN A 643 -10.58 -20.39 5.80
CA GLN A 643 -10.62 -21.01 7.14
C GLN A 643 -10.65 -20.02 8.29
N LEU A 644 -10.52 -18.71 8.01
CA LEU A 644 -10.51 -17.72 9.07
C LEU A 644 -11.90 -17.56 9.75
N LYS A 645 -11.95 -17.88 11.04
CA LYS A 645 -13.11 -17.86 11.96
C LYS A 645 -12.96 -16.75 13.01
N GLY A 646 -11.71 -16.52 13.47
CA GLY A 646 -11.41 -15.58 14.54
C GLY A 646 -10.96 -14.21 14.08
N HIS A 647 -10.52 -13.39 15.05
CA HIS A 647 -10.03 -12.04 14.85
C HIS A 647 -8.54 -12.05 14.53
N LEU A 648 -8.19 -11.72 13.29
CA LEU A 648 -6.80 -11.67 12.86
C LEU A 648 -6.45 -10.28 12.34
N LEU A 649 -5.44 -9.67 12.95
CA LEU A 649 -4.89 -8.38 12.57
C LEU A 649 -3.54 -8.61 11.94
N ILE A 650 -3.37 -8.13 10.70
CA ILE A 650 -2.12 -8.20 9.97
C ILE A 650 -1.53 -6.80 9.89
N ILE A 651 -0.34 -6.62 10.47
CA ILE A 651 0.42 -5.38 10.43
C ILE A 651 1.60 -5.57 9.46
N HIS A 652 1.74 -4.66 8.51
CA HIS A 652 2.83 -4.69 7.54
C HIS A 652 3.39 -3.28 7.37
N ASP A 653 4.71 -3.15 7.18
CA ASP A 653 5.39 -1.85 7.02
C ASP A 653 5.58 -1.59 5.54
N ASP A 654 5.20 -0.39 5.04
CA ASP A 654 5.19 -0.04 3.60
C ASP A 654 6.59 -0.08 2.91
N HIS A 655 7.71 0.01 3.67
CA HIS A 655 9.06 -0.04 3.10
C HIS A 655 9.79 -1.32 3.55
N ASP A 656 9.02 -2.37 3.84
CA ASP A 656 9.56 -3.69 4.19
C ASP A 656 10.17 -4.35 2.93
N ASP A 657 11.51 -4.53 2.92
CA ASP A 657 12.25 -5.18 1.83
C ASP A 657 12.80 -6.58 2.25
N THR A 658 12.29 -7.12 3.37
CA THR A 658 12.59 -8.47 3.85
C THR A 658 11.39 -9.28 3.41
N CYS A 659 10.16 -8.87 3.84
CA CYS A 659 8.87 -9.45 3.40
C CYS A 659 8.20 -8.38 2.61
N VAL A 660 8.21 -8.49 1.29
CA VAL A 660 7.58 -7.44 0.49
C VAL A 660 6.09 -7.23 0.88
N PRO A 661 5.57 -5.99 0.84
CA PRO A 661 4.16 -5.76 1.23
C PRO A 661 3.14 -6.57 0.42
N GLN A 662 3.54 -7.08 -0.78
CA GLN A 662 2.75 -7.98 -1.61
C GLN A 662 2.15 -9.17 -0.80
N HIS A 663 2.93 -9.76 0.16
CA HIS A 663 2.49 -10.87 1.05
C HIS A 663 1.11 -10.61 1.67
N THR A 664 1.00 -9.51 2.42
CA THR A 664 -0.20 -9.13 3.15
C THR A 664 -1.32 -8.66 2.22
N LEU A 665 -1.02 -7.87 1.20
CA LEU A 665 -2.04 -7.39 0.28
C LEU A 665 -2.62 -8.54 -0.52
N SER A 666 -1.79 -9.51 -0.98
CA SER A 666 -2.31 -10.68 -1.69
C SER A 666 -3.13 -11.55 -0.72
N PHE A 667 -2.79 -11.55 0.59
CA PHE A 667 -3.61 -12.28 1.59
C PHE A 667 -4.98 -11.58 1.81
N LYS A 669 -6.65 -9.83 -0.49
CA LYS A 669 -7.41 -10.15 -1.68
C LYS A 669 -8.00 -11.56 -1.58
N ALA A 670 -7.21 -12.53 -1.11
CA ALA A 670 -7.67 -13.91 -0.98
C ALA A 670 -8.82 -14.02 0.03
N CYS A 671 -8.79 -13.24 1.12
CA CYS A 671 -9.86 -13.25 2.14
C CYS A 671 -11.10 -12.57 1.61
N VAL A 672 -10.95 -11.47 0.82
CA VAL A 672 -12.09 -10.78 0.22
C VAL A 672 -12.84 -11.78 -0.65
N ASP A 673 -12.12 -12.49 -1.53
CA ASP A 673 -12.64 -13.50 -2.45
C ASP A 673 -13.31 -14.66 -1.72
N ALA A 674 -12.75 -15.11 -0.58
CA ALA A 674 -13.24 -16.23 0.24
C ALA A 674 -14.31 -15.81 1.24
N ARG A 675 -14.57 -14.48 1.33
CA ARG A 675 -15.51 -13.81 2.24
C ARG A 675 -15.13 -14.04 3.69
N THR A 676 -13.84 -13.82 4.02
CA THR A 676 -13.35 -13.86 5.40
C THR A 676 -12.90 -12.41 5.74
N TYR A 677 -12.91 -12.08 7.04
CA TYR A 677 -12.71 -10.70 7.44
C TYR A 677 -11.51 -10.44 8.36
N PRO A 678 -10.28 -10.50 7.82
CA PRO A 678 -9.13 -10.10 8.64
C PRO A 678 -9.04 -8.57 8.73
N ASP A 679 -8.27 -8.04 9.70
CA ASP A 679 -8.03 -6.61 9.81
C ASP A 679 -6.60 -6.34 9.38
N LEU A 680 -6.32 -5.10 9.02
CA LEU A 680 -5.02 -4.70 8.51
C LEU A 680 -4.53 -3.38 9.11
N PHE A 681 -3.21 -3.16 9.12
CA PHE A 681 -2.57 -1.91 9.46
C PHE A 681 -1.24 -1.80 8.71
N ILE A 682 -0.96 -0.61 8.15
CA ILE A 682 0.29 -0.34 7.44
C ILE A 682 1.02 0.79 8.17
N TYR A 683 2.28 0.57 8.54
CA TYR A 683 3.12 1.62 9.09
C TYR A 683 3.91 2.21 7.95
N PRO A 684 3.57 3.43 7.44
CA PRO A 684 4.36 3.98 6.32
C PRO A 684 5.74 4.39 6.81
N CYS A 685 6.74 4.34 5.92
CA CYS A 685 8.15 4.74 6.19
C CYS A 685 8.84 3.90 7.24
N HIS A 686 8.50 2.62 7.36
CA HIS A 686 9.20 1.73 8.26
C HIS A 686 9.68 0.55 7.45
N LYS A 687 10.85 -0.02 7.84
CA LYS A 687 11.45 -1.19 7.18
C LYS A 687 10.82 -2.44 7.78
N HIS A 688 11.43 -3.63 7.71
CA HIS A 688 10.83 -4.88 8.25
C HIS A 688 10.22 -4.71 9.65
N ASN A 689 10.96 -4.08 10.57
CA ASN A 689 10.49 -3.79 11.93
C ASN A 689 10.30 -2.30 12.15
N VAL A 690 9.28 -1.95 12.96
CA VAL A 690 9.00 -0.58 13.38
C VAL A 690 10.07 -0.23 14.43
N ALA A 691 10.92 0.75 14.14
CA ALA A 691 11.99 1.20 15.02
C ALA A 691 11.75 2.63 15.53
N GLY A 692 12.38 3.01 16.65
CA GLY A 692 12.22 4.36 17.20
C GLY A 692 10.90 4.53 17.96
N ARG A 693 10.51 5.79 18.23
CA ARG A 693 9.32 6.12 19.03
C ARG A 693 8.02 5.45 18.57
N ASP A 694 7.87 5.19 17.24
CA ASP A 694 6.69 4.52 16.67
C ASP A 694 6.53 3.07 17.11
N ARG A 695 7.58 2.45 17.70
CA ARG A 695 7.48 1.07 18.21
C ARG A 695 6.53 1.01 19.41
N VAL A 696 6.39 2.11 20.15
CA VAL A 696 5.47 2.24 21.30
C VAL A 696 4.06 2.30 20.74
N HIS A 697 3.86 3.04 19.62
CA HIS A 697 2.56 3.12 18.95
C HIS A 697 2.14 1.71 18.51
N LEU A 698 3.10 0.96 17.93
CA LEU A 698 2.88 -0.41 17.48
C LEU A 698 2.39 -1.31 18.63
N HIS A 699 3.04 -1.25 19.80
CA HIS A 699 2.67 -2.11 20.92
C HIS A 699 1.39 -1.69 21.63
N GLU A 700 0.99 -0.44 21.51
CA GLU A 700 -0.28 0.04 22.04
C GLU A 700 -1.40 -0.50 21.13
N LYS A 701 -1.18 -0.48 19.81
CA LYS A 701 -2.13 -0.99 18.83
C LYS A 701 -2.33 -2.53 19.04
N ILE A 702 -1.24 -3.29 19.24
CA ILE A 702 -1.29 -4.73 19.49
C ILE A 702 -2.04 -5.02 20.82
N THR A 703 -1.68 -4.30 21.92
CA THR A 703 -2.35 -4.43 23.22
C THR A 703 -3.87 -4.22 23.04
N ARG A 704 -4.27 -3.09 22.37
CA ARG A 704 -5.65 -2.68 22.13
C ARG A 704 -6.46 -3.73 21.40
N TYR A 705 -5.85 -4.39 20.40
CA TYR A 705 -6.50 -5.46 19.64
C TYR A 705 -6.83 -6.66 20.54
N PHE A 706 -5.89 -7.07 21.44
CA PHE A 706 -6.13 -8.20 22.34
C PHE A 706 -7.14 -7.85 23.45
N GLU A 707 -7.11 -6.61 23.96
CA GLU A 707 -8.06 -6.15 24.99
C GLU A 707 -9.48 -6.09 24.44
N GLN A 708 -9.64 -5.70 23.18
CA GLN A 708 -10.98 -5.62 22.61
C GLN A 708 -11.55 -6.99 22.22
N ASN A 709 -10.71 -7.94 21.75
CA ASN A 709 -11.20 -9.19 21.20
C ASN A 709 -10.89 -10.50 21.98
N LEU A 710 -9.91 -10.51 22.90
CA LEU A 710 -9.62 -11.75 23.65
C LEU A 710 -10.28 -11.73 25.02
N THR B 4 -42.28 -10.08 8.26
CA THR B 4 -41.30 -10.47 9.30
C THR B 4 -39.89 -10.69 8.73
N LYS B 5 -39.75 -11.11 7.44
CA LYS B 5 -38.43 -11.33 6.83
C LYS B 5 -37.79 -9.99 6.44
N LYS B 6 -36.51 -9.86 6.74
CA LYS B 6 -35.71 -8.69 6.44
C LYS B 6 -34.76 -8.97 5.27
N PRO B 7 -34.55 -8.03 4.31
CA PRO B 7 -33.60 -8.32 3.22
C PRO B 7 -32.15 -8.32 3.74
N THR B 8 -31.31 -9.13 3.13
CA THR B 8 -29.89 -9.27 3.48
C THR B 8 -29.08 -8.35 2.58
N LEU B 9 -27.76 -8.20 2.84
CA LEU B 9 -26.87 -7.41 1.99
C LEU B 9 -26.81 -8.00 0.57
N GLU B 10 -27.01 -9.34 0.41
CA GLU B 10 -27.05 -10.01 -0.90
C GLU B 10 -28.26 -9.51 -1.73
N GLU B 11 -29.37 -9.12 -1.06
CA GLU B 11 -30.54 -8.59 -1.77
C GLU B 11 -30.56 -7.04 -1.85
N LEU B 12 -29.78 -6.34 -1.02
CA LEU B 12 -29.77 -4.87 -0.98
C LEU B 12 -28.58 -4.19 -1.61
N ILE B 13 -27.44 -4.89 -1.79
CA ILE B 13 -26.23 -4.23 -2.33
C ILE B 13 -25.98 -4.66 -3.77
N PRO B 14 -25.84 -3.70 -4.70
CA PRO B 14 -25.51 -4.06 -6.11
C PRO B 14 -24.16 -4.80 -6.12
N GLY B 15 -24.17 -6.01 -6.70
CA GLY B 15 -23.06 -6.95 -6.67
C GLY B 15 -23.49 -8.20 -5.90
N GLY B 16 -24.61 -8.08 -5.17
CA GLY B 16 -25.24 -9.15 -4.43
C GLY B 16 -25.80 -10.22 -5.36
N GLU B 17 -25.73 -11.49 -4.92
CA GLU B 17 -26.18 -12.67 -5.67
C GLU B 17 -27.67 -12.60 -6.00
N SER B 18 -28.48 -12.00 -5.10
CA SER B 18 -29.94 -11.92 -5.25
C SER B 18 -30.46 -10.49 -5.12
N TYR B 19 -29.69 -9.53 -5.63
CA TYR B 19 -29.98 -8.10 -5.61
C TYR B 19 -31.39 -7.80 -6.16
N LEU B 20 -32.24 -7.17 -5.35
CA LEU B 20 -33.62 -6.83 -5.73
C LEU B 20 -33.70 -5.45 -6.36
N TYR B 21 -34.33 -5.35 -7.51
CA TYR B 21 -34.50 -4.06 -8.16
C TYR B 21 -35.84 -4.02 -8.86
N ALA B 22 -36.40 -2.81 -8.97
CA ALA B 22 -37.71 -2.60 -9.60
C ALA B 22 -37.65 -2.91 -11.09
N GLU B 23 -38.71 -3.54 -11.62
CA GLU B 23 -38.79 -3.88 -13.05
C GLU B 23 -38.62 -2.62 -13.92
N ASN B 24 -38.06 -2.83 -15.12
CA ASN B 24 -37.73 -1.78 -16.07
C ASN B 24 -38.06 -2.22 -17.50
N LEU B 25 -38.02 -1.25 -18.45
CA LEU B 25 -38.16 -1.49 -19.89
C LEU B 25 -36.86 -1.02 -20.55
N TYR B 26 -35.92 -1.94 -20.78
CA TYR B 26 -34.63 -1.61 -21.40
C TYR B 26 -34.76 -1.42 -22.92
N GLY B 27 -33.96 -0.48 -23.44
CA GLY B 27 -33.88 -0.17 -24.86
C GLY B 27 -35.05 0.58 -25.45
N LEU B 28 -35.99 0.99 -24.60
CA LEU B 28 -37.19 1.73 -24.98
C LEU B 28 -36.73 3.05 -25.65
N GLN B 29 -37.09 3.24 -26.95
CA GLN B 29 -36.62 4.37 -27.75
C GLN B 29 -37.59 4.76 -28.87
N TRP B 30 -37.19 5.75 -29.69
CA TRP B 30 -37.97 6.29 -30.80
C TRP B 30 -37.42 5.93 -32.16
N TRP B 31 -38.32 5.55 -33.06
CA TRP B 31 -38.11 5.36 -34.49
C TRP B 31 -39.02 6.40 -35.12
N GLY B 32 -38.49 7.60 -35.31
CA GLY B 32 -39.26 8.75 -35.75
C GLY B 32 -40.17 9.19 -34.61
N ASP B 33 -41.49 9.08 -34.80
CA ASP B 33 -42.50 9.39 -33.80
C ASP B 33 -43.27 8.14 -33.36
N GLU B 34 -42.67 6.97 -33.56
CA GLU B 34 -43.18 5.68 -33.11
C GLU B 34 -42.29 5.19 -31.99
N CYS B 35 -42.92 4.72 -30.91
CA CYS B 35 -42.20 4.25 -29.74
C CYS B 35 -41.88 2.75 -29.89
N ILE B 36 -40.62 2.40 -29.69
CA ILE B 36 -40.15 1.04 -29.82
C ILE B 36 -39.90 0.43 -28.47
N LYS B 37 -40.59 -0.67 -28.19
CA LYS B 37 -40.43 -1.41 -26.93
C LYS B 37 -39.74 -2.78 -27.21
N PRO B 38 -38.40 -2.86 -27.04
CA PRO B 38 -37.71 -4.15 -27.22
C PRO B 38 -38.05 -5.12 -26.11
N GLY B 39 -37.78 -6.39 -26.35
CA GLY B 39 -38.00 -7.49 -25.42
C GLY B 39 -36.90 -8.49 -25.64
N VAL B 40 -36.99 -9.66 -25.01
CA VAL B 40 -36.00 -10.73 -25.21
C VAL B 40 -36.31 -11.42 -26.58
N ASP B 41 -37.60 -11.56 -26.93
CA ASP B 41 -37.98 -12.31 -28.13
C ASP B 41 -38.73 -11.50 -29.19
N THR B 42 -39.27 -10.33 -28.85
CA THR B 42 -40.01 -9.48 -29.79
C THR B 42 -39.66 -8.00 -29.62
N LEU B 43 -39.94 -7.23 -30.67
CA LEU B 43 -39.84 -5.79 -30.72
C LEU B 43 -41.22 -5.27 -31.07
N TYR B 44 -41.80 -4.43 -30.22
CA TYR B 44 -43.12 -3.86 -30.47
C TYR B 44 -42.98 -2.36 -30.81
N SER B 45 -43.99 -1.86 -31.51
CA SER B 45 -44.13 -0.48 -31.90
C SER B 45 -45.34 0.04 -31.18
N ILE B 46 -45.26 1.23 -30.58
CA ILE B 46 -46.40 1.79 -29.88
C ILE B 46 -46.76 3.12 -30.49
N GLN B 47 -48.04 3.24 -30.88
CA GLN B 47 -48.57 4.49 -31.41
C GLN B 47 -48.78 5.41 -30.21
N PRO B 48 -48.04 6.54 -30.10
CA PRO B 48 -48.18 7.40 -28.91
C PRO B 48 -49.57 8.03 -28.71
N LYS B 49 -50.26 8.46 -29.80
CA LYS B 49 -51.58 9.08 -29.67
C LYS B 49 -52.57 8.20 -28.91
N THR B 50 -52.63 6.91 -29.30
CA THR B 50 -53.55 5.90 -28.78
C THR B 50 -52.99 4.96 -27.70
N GLY B 51 -51.73 4.58 -27.81
CA GLY B 51 -51.10 3.62 -26.90
C GLY B 51 -51.17 2.21 -27.46
N LYS B 52 -51.65 2.07 -28.71
CA LYS B 52 -51.81 0.78 -29.39
C LYS B 52 -50.46 0.18 -29.73
N GLU B 53 -50.22 -1.08 -29.25
CA GLU B 53 -49.01 -1.88 -29.47
C GLU B 53 -49.15 -2.71 -30.74
N THR B 54 -48.17 -2.61 -31.62
CA THR B 54 -48.09 -3.36 -32.88
C THR B 54 -46.78 -4.13 -32.93
N VAL B 56 -43.53 -5.66 -34.49
CA VAL B 56 -42.66 -5.28 -35.59
C VAL B 56 -41.95 -6.54 -36.10
N ILE B 57 -41.13 -7.15 -35.24
CA ILE B 57 -40.33 -8.31 -35.61
C ILE B 57 -40.05 -9.19 -34.38
N THR B 58 -39.74 -10.47 -34.61
CA THR B 58 -39.34 -11.46 -33.61
C THR B 58 -37.83 -11.73 -33.73
N ARG B 59 -37.18 -12.16 -32.61
CA ARG B 59 -35.76 -12.50 -32.60
CA ARG B 59 -35.76 -12.50 -32.59
C ARG B 59 -35.50 -13.72 -33.50
N GLU B 60 -36.48 -14.71 -33.55
CA GLU B 60 -36.35 -15.89 -34.44
C GLU B 60 -36.21 -15.44 -35.89
N GLN B 61 -37.04 -14.46 -36.33
CA GLN B 61 -37.01 -13.93 -37.70
C GLN B 61 -35.66 -13.33 -38.02
N ILE B 62 -35.16 -12.40 -37.17
CA ILE B 62 -33.85 -11.76 -37.33
C ILE B 62 -32.73 -12.82 -37.34
N ASN B 63 -32.76 -13.77 -36.39
CA ASN B 63 -31.70 -14.79 -36.28
C ASN B 63 -31.66 -15.70 -37.48
N LYS B 64 -32.83 -16.01 -38.05
CA LYS B 64 -32.95 -16.79 -39.27
C LYS B 64 -32.11 -16.11 -40.38
N VAL B 65 -32.29 -14.78 -40.58
CA VAL B 65 -31.59 -14.00 -41.61
C VAL B 65 -30.09 -13.85 -41.26
N LEU B 66 -29.76 -13.69 -39.98
CA LEU B 66 -28.34 -13.60 -39.59
C LEU B 66 -27.58 -14.90 -39.90
N GLU B 67 -28.20 -16.08 -39.65
CA GLU B 67 -27.61 -17.39 -39.95
C GLU B 67 -27.42 -17.62 -41.48
N GLU B 68 -28.32 -17.09 -42.31
CA GLU B 68 -28.20 -17.17 -43.77
C GLU B 68 -27.01 -16.30 -44.25
N ASN B 69 -26.57 -15.32 -43.42
CA ASN B 69 -25.48 -14.41 -43.72
C ASN B 69 -24.22 -14.73 -42.93
N LYS B 70 -24.29 -15.79 -42.08
CA LYS B 70 -23.24 -16.25 -41.15
C LYS B 70 -22.72 -15.06 -40.31
N ALA B 71 -23.68 -14.24 -39.82
CA ALA B 71 -23.40 -12.98 -39.13
C ALA B 71 -23.47 -13.11 -37.62
N GLY B 72 -23.91 -14.28 -37.15
CA GLY B 72 -24.01 -14.59 -35.73
C GLY B 72 -25.43 -14.78 -35.25
N LYS B 73 -25.67 -14.50 -33.95
CA LYS B 73 -26.95 -14.69 -33.27
C LYS B 73 -27.16 -13.68 -32.13
N LEU B 74 -28.40 -13.15 -32.00
CA LEU B 74 -28.78 -12.25 -30.92
C LEU B 74 -29.36 -13.07 -29.76
N SER B 75 -29.05 -12.65 -28.52
CA SER B 75 -29.56 -13.30 -27.31
C SER B 75 -30.86 -12.64 -26.84
N HIS B 76 -31.04 -11.35 -27.20
CA HIS B 76 -32.19 -10.49 -26.85
C HIS B 76 -32.20 -9.32 -27.83
N LEU B 77 -33.31 -8.58 -27.90
CA LEU B 77 -33.43 -7.42 -28.79
C LEU B 77 -33.27 -6.10 -28.04
N TYR B 78 -32.72 -6.12 -26.81
CA TYR B 78 -32.57 -4.90 -26.02
C TYR B 78 -31.46 -3.96 -26.55
N SER B 79 -30.49 -4.46 -27.30
CA SER B 79 -29.38 -3.61 -27.75
C SER B 79 -29.52 -3.05 -29.18
N VAL B 80 -30.70 -3.15 -29.76
CA VAL B 80 -30.88 -2.60 -31.11
C VAL B 80 -31.12 -1.09 -31.03
N ARG B 81 -30.77 -0.38 -32.13
CA ARG B 81 -31.00 1.05 -32.28
C ARG B 81 -31.71 1.32 -33.58
N PHE B 82 -32.44 2.44 -33.64
CA PHE B 82 -33.20 2.91 -34.81
C PHE B 82 -32.77 4.34 -35.14
N PRO B 83 -31.52 4.55 -35.66
CA PRO B 83 -31.05 5.93 -35.94
C PRO B 83 -31.59 6.62 -37.21
N TRP B 84 -32.34 5.92 -38.09
CA TRP B 84 -32.91 6.53 -39.31
C TRP B 84 -34.44 6.67 -39.18
N THR B 85 -34.94 7.89 -39.19
CA THR B 85 -36.37 8.20 -39.10
C THR B 85 -37.14 7.70 -40.31
N ASP B 86 -36.50 7.74 -41.50
CA ASP B 86 -37.09 7.46 -42.81
C ASP B 86 -36.74 6.07 -43.41
N LYS B 87 -35.73 5.38 -42.87
CA LYS B 87 -35.39 4.05 -43.36
C LYS B 87 -35.91 3.04 -42.36
N ALA B 88 -36.52 1.93 -42.83
CA ALA B 88 -37.02 0.85 -41.95
C ALA B 88 -35.85 -0.06 -41.61
N GLN B 89 -34.82 0.53 -40.97
CA GLN B 89 -33.57 -0.12 -40.59
C GLN B 89 -33.24 -0.02 -39.10
N LEU B 91 -29.95 -1.10 -36.18
CA LEU B 91 -28.50 -1.27 -36.01
C LEU B 91 -28.22 -2.07 -34.73
N PHE B 92 -27.36 -3.09 -34.82
CA PHE B 92 -26.94 -3.87 -33.67
C PHE B 92 -25.50 -4.34 -33.86
N THR B 93 -24.89 -4.88 -32.80
CA THR B 93 -23.52 -5.41 -32.82
C THR B 93 -23.53 -6.86 -32.32
N ILE B 94 -22.81 -7.75 -33.03
CA ILE B 94 -22.64 -9.13 -32.63
C ILE B 94 -21.14 -9.45 -32.70
N ALA B 95 -20.49 -9.53 -31.51
CA ALA B 95 -19.04 -9.80 -31.33
C ALA B 95 -18.17 -8.75 -32.06
N GLY B 96 -18.45 -7.47 -31.79
CA GLY B 96 -17.74 -6.35 -32.40
C GLY B 96 -18.15 -5.95 -33.82
N LYS B 97 -19.00 -6.77 -34.47
CA LYS B 97 -19.44 -6.53 -35.84
C LYS B 97 -20.76 -5.75 -35.85
N PHE B 98 -20.77 -4.62 -36.58
CA PHE B 98 -21.95 -3.79 -36.77
C PHE B 98 -22.78 -4.35 -37.89
N ILE B 99 -24.08 -4.57 -37.65
CA ILE B 99 -25.00 -5.10 -38.65
C ILE B 99 -26.12 -4.08 -38.85
N VAL B 100 -26.39 -3.71 -40.12
CA VAL B 100 -27.52 -2.86 -40.47
C VAL B 100 -28.54 -3.84 -41.03
N TYR B 101 -29.74 -3.90 -40.41
CA TYR B 101 -30.81 -4.83 -40.74
C TYR B 101 -32.12 -4.10 -41.19
N ASN B 102 -32.68 -4.49 -42.35
CA ASN B 102 -33.96 -3.94 -42.82
C ASN B 102 -35.08 -4.80 -42.23
N PHE B 103 -36.02 -4.19 -41.44
CA PHE B 103 -37.06 -5.00 -40.81
C PHE B 103 -38.37 -5.10 -41.59
N LYS B 104 -38.50 -4.40 -42.73
CA LYS B 104 -39.68 -4.57 -43.58
C LYS B 104 -39.38 -5.64 -44.66
N ASN B 105 -38.10 -5.81 -45.08
CA ASN B 105 -37.67 -6.80 -46.09
C ASN B 105 -36.98 -8.02 -45.51
N ASN B 106 -36.55 -7.96 -44.23
CA ASN B 106 -35.80 -9.00 -43.51
C ASN B 106 -34.49 -9.33 -44.22
N GLN B 107 -33.65 -8.29 -44.37
CA GLN B 107 -32.36 -8.39 -45.07
C GLN B 107 -31.25 -7.70 -44.34
N VAL B 108 -30.06 -8.29 -44.40
CA VAL B 108 -28.85 -7.65 -43.87
C VAL B 108 -28.43 -6.61 -44.95
N VAL B 109 -28.42 -5.32 -44.57
CA VAL B 109 -28.07 -4.20 -45.46
C VAL B 109 -26.55 -4.08 -45.59
N SER B 110 -25.83 -4.13 -44.45
CA SER B 110 -24.38 -4.05 -44.39
C SER B 110 -23.84 -4.56 -43.05
N THR B 111 -22.55 -4.89 -43.04
CA THR B 111 -21.78 -5.34 -41.89
C THR B 111 -20.45 -4.62 -41.92
N PHE B 112 -19.97 -4.26 -40.76
CA PHE B 112 -18.67 -3.63 -40.63
C PHE B 112 -18.08 -4.07 -39.32
N LYS B 113 -16.85 -4.55 -39.37
CA LYS B 113 -16.14 -4.99 -38.19
C LYS B 113 -14.90 -4.10 -37.97
N PRO B 114 -14.94 -3.17 -36.98
CA PRO B 114 -13.73 -2.37 -36.68
C PRO B 114 -12.57 -3.26 -36.22
N LYS B 115 -11.32 -2.73 -36.19
CA LYS B 115 -10.12 -3.45 -35.73
C LYS B 115 -10.30 -3.95 -34.28
N ASP B 116 -9.62 -5.04 -33.93
CA ASP B 116 -9.74 -5.68 -32.61
C ASP B 116 -9.23 -4.78 -31.50
N GLY B 117 -10.02 -4.69 -30.44
CA GLY B 117 -9.73 -3.86 -29.27
C GLY B 117 -10.36 -2.49 -29.34
N ALA B 118 -11.34 -2.31 -30.25
CA ALA B 118 -12.07 -1.06 -30.47
C ALA B 118 -12.87 -0.64 -29.25
N ASN B 119 -12.75 0.64 -28.87
CA ASN B 119 -13.48 1.28 -27.77
C ASN B 119 -14.06 2.61 -28.24
N ASN B 120 -14.95 3.21 -27.42
CA ASN B 120 -15.56 4.53 -27.61
C ASN B 120 -16.13 4.72 -29.02
N GLU B 121 -16.77 3.68 -29.54
CA GLU B 121 -17.35 3.64 -30.87
C GLU B 121 -18.44 4.68 -31.00
N ASP B 122 -18.31 5.56 -32.00
CA ASP B 122 -19.26 6.63 -32.24
C ASP B 122 -19.67 6.57 -33.70
N TYR B 123 -20.86 6.00 -33.94
CA TYR B 123 -21.47 5.82 -35.25
C TYR B 123 -22.26 7.05 -35.71
N CYS B 124 -22.07 7.44 -36.97
CA CYS B 124 -22.80 8.56 -37.57
C CYS B 124 -23.73 8.04 -38.67
N ALA B 125 -25.02 7.96 -38.33
CA ALA B 125 -26.13 7.45 -39.15
C ALA B 125 -26.28 8.16 -40.49
N ALA B 126 -25.92 9.45 -40.55
CA ALA B 126 -26.06 10.28 -41.73
C ALA B 126 -25.03 9.95 -42.81
N SER B 127 -23.82 9.58 -42.42
CA SER B 127 -22.76 9.28 -43.37
C SER B 127 -22.36 7.80 -43.39
N GLY B 128 -22.73 7.05 -42.35
CA GLY B 128 -22.35 5.64 -42.21
C GLY B 128 -20.94 5.44 -41.68
N ASN B 129 -20.24 6.52 -41.30
CA ASN B 129 -18.89 6.46 -40.75
C ASN B 129 -18.95 6.13 -39.26
N VAL B 130 -17.90 5.45 -38.77
CA VAL B 130 -17.77 5.07 -37.36
C VAL B 130 -16.36 5.45 -36.90
N ALA B 131 -16.28 6.15 -35.76
CA ALA B 131 -15.02 6.55 -35.14
C ALA B 131 -14.92 5.76 -33.89
N TYR B 132 -13.72 5.30 -33.59
CA TYR B 132 -13.45 4.46 -32.42
C TYR B 132 -11.97 4.56 -32.08
N THR B 133 -11.61 4.13 -30.88
CA THR B 133 -10.22 4.21 -30.46
C THR B 133 -9.65 2.82 -30.19
N ILE B 134 -8.33 2.69 -30.43
CA ILE B 134 -7.52 1.52 -30.17
C ILE B 134 -6.34 2.07 -29.38
N ASP B 135 -6.31 1.74 -28.08
CA ASP B 135 -5.32 2.21 -27.11
C ASP B 135 -5.43 3.75 -27.04
N ASN B 136 -4.36 4.49 -27.41
CA ASN B 136 -4.29 5.95 -27.32
C ASN B 136 -4.62 6.68 -28.67
N ASN B 137 -4.85 5.92 -29.75
CA ASN B 137 -5.09 6.47 -31.08
C ASN B 137 -6.53 6.36 -31.55
N LEU B 138 -6.89 7.27 -32.47
CA LEU B 138 -8.21 7.41 -33.07
C LEU B 138 -8.26 6.78 -34.47
N TYR B 139 -9.40 6.14 -34.77
CA TYR B 139 -9.68 5.45 -36.01
C TYR B 139 -11.03 5.84 -36.54
N VAL B 140 -11.14 5.96 -37.87
CA VAL B 140 -12.39 6.16 -38.59
C VAL B 140 -12.48 5.05 -39.63
N ASN B 141 -13.50 4.16 -39.49
CA ASN B 141 -13.76 3.02 -40.39
C ASN B 141 -12.54 2.07 -40.35
N GLU B 142 -11.85 1.83 -41.47
CA GLU B 142 -10.70 0.91 -41.44
C GLU B 142 -9.33 1.65 -41.21
N LYS B 143 -9.30 3.00 -41.28
CA LYS B 143 -8.08 3.81 -41.19
C LYS B 143 -7.81 4.43 -39.80
N ALA B 144 -6.51 4.58 -39.50
CA ALA B 144 -6.02 5.28 -38.32
C ALA B 144 -5.99 6.76 -38.61
N VAL B 145 -6.64 7.59 -37.76
CA VAL B 145 -6.61 9.04 -37.91
C VAL B 145 -5.29 9.55 -37.33
N THR B 146 -4.83 8.91 -36.25
CA THR B 146 -3.62 9.29 -35.51
C THR B 146 -2.68 8.08 -35.30
N ASN B 147 -1.37 8.39 -35.14
CA ASN B 147 -0.26 7.48 -34.83
C ASN B 147 0.62 8.22 -33.84
N GLU B 148 0.13 8.33 -32.60
CA GLU B 148 0.78 9.09 -31.55
C GLU B 148 1.47 8.23 -30.51
N PRO B 149 2.61 8.72 -29.97
CA PRO B 149 3.32 7.96 -28.92
C PRO B 149 2.63 7.97 -27.55
N GLU B 150 3.15 7.18 -26.59
CA GLU B 150 2.68 7.14 -25.18
C GLU B 150 2.77 8.54 -24.61
N GLY B 151 1.70 8.97 -23.96
CA GLY B 151 1.62 10.30 -23.37
C GLY B 151 0.68 11.20 -24.14
N ILE B 152 0.33 10.81 -25.39
CA ILE B 152 -0.65 11.50 -26.24
C ILE B 152 -1.86 10.61 -26.34
N VAL B 153 -3.06 11.16 -26.08
CA VAL B 153 -4.33 10.43 -26.11
C VAL B 153 -5.23 11.15 -27.08
N CYS B 154 -5.72 10.41 -28.11
CA CYS B 154 -6.57 10.98 -29.17
C CYS B 154 -7.93 10.39 -29.22
N GLY B 155 -8.92 11.24 -29.48
CA GLY B 155 -10.34 10.89 -29.63
C GLY B 155 -11.03 10.43 -28.36
N GLN B 156 -10.44 10.74 -27.22
CA GLN B 156 -10.98 10.32 -25.94
C GLN B 156 -11.22 11.53 -25.04
N THR B 157 -11.93 11.32 -23.92
CA THR B 157 -12.29 12.36 -22.95
C THR B 157 -11.01 13.03 -22.39
N VAL B 158 -11.10 14.32 -22.11
CA VAL B 158 -10.00 15.13 -21.62
C VAL B 158 -10.46 15.89 -20.39
N HIS B 159 -9.55 16.68 -19.78
CA HIS B 159 -9.77 17.50 -18.59
C HIS B 159 -10.47 16.71 -17.45
N ARG B 160 -10.13 15.42 -17.36
CA ARG B 160 -10.62 14.44 -16.37
C ARG B 160 -12.16 14.50 -16.24
N ASN B 161 -12.87 14.50 -17.39
CA ASN B 161 -14.34 14.49 -17.51
C ASN B 161 -15.03 15.68 -16.86
N GLU B 162 -14.33 16.82 -16.72
CA GLU B 162 -14.88 18.05 -16.17
C GLU B 162 -15.56 18.84 -17.29
N PHE B 163 -16.32 19.90 -16.93
CA PHE B 163 -17.03 20.79 -17.84
C PHE B 163 -17.95 20.06 -18.80
N GLY B 164 -18.52 18.94 -18.33
CA GLY B 164 -19.43 18.08 -19.08
C GLY B 164 -18.84 17.25 -20.19
N ILE B 165 -17.48 17.11 -20.25
CA ILE B 165 -16.79 16.29 -21.26
C ILE B 165 -16.94 14.78 -20.91
N ASN B 166 -17.53 13.99 -21.81
CA ASN B 166 -17.73 12.55 -21.58
C ASN B 166 -17.16 11.72 -22.74
N LYS B 167 -16.82 12.37 -23.86
CA LYS B 167 -16.24 11.73 -25.03
C LYS B 167 -15.25 12.69 -25.72
N GLY B 168 -14.53 12.18 -26.72
CA GLY B 168 -13.54 12.96 -27.45
C GLY B 168 -13.70 12.91 -28.94
N THR B 169 -14.89 12.50 -29.45
CA THR B 169 -15.25 12.42 -30.88
C THR B 169 -16.55 13.19 -31.08
N PHE B 170 -16.60 14.06 -32.08
CA PHE B 170 -17.77 14.92 -32.34
C PHE B 170 -18.03 15.00 -33.86
N TRP B 171 -18.97 14.20 -34.33
CA TRP B 171 -19.36 14.18 -35.74
C TRP B 171 -20.11 15.43 -36.14
N SER B 172 -19.82 15.92 -37.35
CA SER B 172 -20.47 17.07 -37.96
CA SER B 172 -20.46 17.05 -38.01
C SER B 172 -21.95 16.72 -38.18
N PRO B 173 -22.90 17.71 -38.24
CA PRO B 173 -24.33 17.33 -38.39
C PRO B 173 -24.66 16.34 -39.53
N LYS B 174 -23.97 16.40 -40.70
CA LYS B 174 -24.20 15.47 -41.83
C LYS B 174 -23.14 14.34 -41.88
N GLY B 175 -22.24 14.30 -40.91
CA GLY B 175 -21.20 13.28 -40.78
C GLY B 175 -20.02 13.32 -41.75
N ASN B 176 -19.74 14.50 -42.33
CA ASN B 176 -18.63 14.67 -43.28
C ASN B 176 -17.31 15.05 -42.60
N LEU B 177 -17.36 15.57 -41.37
CA LEU B 177 -16.14 15.92 -40.64
C LEU B 177 -16.23 15.40 -39.22
N LEU B 178 -15.08 15.07 -38.64
CA LEU B 178 -15.01 14.62 -37.27
C LEU B 178 -14.09 15.55 -36.47
N ALA B 179 -14.61 16.15 -35.40
CA ALA B 179 -13.82 16.93 -34.47
C ALA B 179 -13.42 15.99 -33.36
N PHE B 180 -12.18 16.10 -32.92
CA PHE B 180 -11.68 15.21 -31.89
C PHE B 180 -10.66 15.91 -31.02
N TYR B 181 -10.49 15.39 -29.82
CA TYR B 181 -9.47 15.85 -28.87
C TYR B 181 -8.17 15.14 -29.07
N ARG B 182 -7.07 15.85 -28.80
CA ARG B 182 -5.70 15.38 -28.78
C ARG B 182 -5.07 15.93 -27.51
N ASP B 184 -2.01 15.93 -24.77
CA ASP B 184 -0.63 15.67 -24.43
C ASP B 184 -0.53 15.76 -22.87
N GLU B 185 -0.27 14.60 -22.22
CA GLU B 185 -0.13 14.36 -20.78
C GLU B 185 1.32 14.08 -20.39
N SER B 186 2.25 14.06 -21.39
CA SER B 186 3.68 13.74 -21.21
CA SER B 186 3.67 13.73 -21.21
C SER B 186 4.32 14.48 -20.04
N VAL B 188 2.71 15.62 -17.29
CA VAL B 188 1.99 15.39 -16.03
C VAL B 188 2.68 14.25 -15.28
N THR B 189 2.76 14.37 -13.96
CA THR B 189 3.37 13.42 -13.05
C THR B 189 2.61 12.11 -13.06
N GLN B 190 3.35 11.01 -13.01
CA GLN B 190 2.76 9.68 -12.95
C GLN B 190 2.68 9.24 -11.48
N TYR B 191 1.53 8.71 -11.07
CA TYR B 191 1.35 8.18 -9.72
C TYR B 191 1.54 6.66 -9.81
N PRO B 192 2.42 6.07 -8.97
CA PRO B 192 2.64 4.62 -9.07
C PRO B 192 1.65 3.74 -8.31
N LEU B 193 0.67 3.16 -9.01
CA LEU B 193 -0.19 2.16 -8.37
C LEU B 193 0.56 0.82 -8.52
N VAL B 194 0.38 -0.13 -7.59
CA VAL B 194 1.11 -1.38 -7.59
C VAL B 194 0.15 -2.55 -7.71
N ASP B 195 0.33 -3.40 -8.75
CA ASP B 195 -0.50 -4.58 -9.01
C ASP B 195 0.06 -5.76 -8.19
N ILE B 196 -0.66 -6.18 -7.14
CA ILE B 196 -0.16 -7.25 -6.27
C ILE B 196 -0.56 -8.66 -6.76
N THR B 197 -1.20 -8.77 -7.94
CA THR B 197 -1.60 -10.10 -8.47
C THR B 197 -0.54 -10.65 -9.41
N ALA B 198 0.39 -9.78 -9.87
CA ALA B 198 1.51 -10.18 -10.74
C ALA B 198 2.48 -11.10 -9.97
N ARG B 199 3.28 -11.93 -10.70
CA ARG B 199 4.29 -12.84 -10.12
C ARG B 199 5.15 -12.07 -9.11
N VAL B 200 5.60 -10.88 -9.53
CA VAL B 200 6.31 -9.91 -8.71
C VAL B 200 5.51 -8.62 -8.81
N GLY B 201 5.06 -8.08 -7.68
CA GLY B 201 4.30 -6.83 -7.65
C GLY B 201 4.87 -5.82 -8.61
N GLU B 202 4.07 -5.45 -9.66
CA GLU B 202 4.43 -4.49 -10.73
C GLU B 202 3.79 -3.12 -10.53
N VAL B 203 4.45 -2.07 -11.03
CA VAL B 203 3.96 -0.70 -11.04
C VAL B 203 2.97 -0.55 -12.20
N ASN B 204 1.86 0.12 -11.91
CA ASN B 204 0.81 0.50 -12.84
C ASN B 204 0.69 2.00 -12.73
N ASN B 205 1.48 2.72 -13.53
CA ASN B 205 1.48 4.19 -13.46
C ASN B 205 0.22 4.81 -14.06
N VAL B 206 -0.25 5.91 -13.45
CA VAL B 206 -1.39 6.69 -13.98
C VAL B 206 -1.01 8.18 -14.00
N ARG B 207 -1.40 8.92 -15.03
CA ARG B 207 -1.15 10.36 -15.05
C ARG B 207 -2.12 11.01 -14.07
N TYR B 208 -1.59 11.79 -13.14
CA TYR B 208 -2.44 12.44 -12.17
C TYR B 208 -1.93 13.87 -11.91
N PRO B 209 -2.63 14.93 -12.42
CA PRO B 209 -2.14 16.31 -12.19
C PRO B 209 -2.67 16.87 -10.87
N ALA B 211 -3.24 19.64 -7.71
CA ALA B 211 -3.49 21.08 -7.51
C ALA B 211 -2.18 21.86 -7.38
N GLY B 212 -2.06 22.91 -8.19
CA GLY B 212 -0.89 23.78 -8.22
C GLY B 212 0.27 23.33 -9.08
N THR B 214 1.89 21.09 -12.84
CA THR B 214 1.81 21.12 -14.30
C THR B 214 0.64 20.27 -14.80
N SER B 215 -0.20 20.91 -15.60
CA SER B 215 -1.42 20.37 -16.21
C SER B 215 -1.10 19.74 -17.58
N HIS B 216 -2.09 19.08 -18.20
CA HIS B 216 -1.99 18.48 -19.53
C HIS B 216 -2.41 19.56 -20.59
N GLN B 217 -2.10 19.32 -21.85
CA GLN B 217 -2.42 20.28 -22.93
C GLN B 217 -3.36 19.64 -23.91
N VAL B 218 -4.41 20.39 -24.29
CA VAL B 218 -5.43 19.87 -25.18
C VAL B 218 -5.45 20.67 -26.50
N LYS B 219 -5.60 19.93 -27.62
CA LYS B 219 -5.74 20.42 -28.97
C LYS B 219 -6.98 19.77 -29.59
N VAL B 220 -7.64 20.50 -30.51
CA VAL B 220 -8.82 20.03 -31.21
C VAL B 220 -8.44 19.84 -32.66
N GLY B 221 -8.63 18.62 -33.13
CA GLY B 221 -8.40 18.28 -34.52
C GLY B 221 -9.69 18.12 -35.28
N ILE B 222 -9.60 18.31 -36.60
CA ILE B 222 -10.74 18.15 -37.52
CA ILE B 222 -10.75 18.12 -37.50
C ILE B 222 -10.29 17.19 -38.61
N TYR B 223 -10.91 16.01 -38.69
CA TYR B 223 -10.58 14.99 -39.69
C TYR B 223 -11.70 14.83 -40.76
N ASN B 224 -11.30 14.79 -42.04
CA ASN B 224 -12.20 14.60 -43.20
C ASN B 224 -12.06 13.14 -43.73
N PRO B 225 -13.05 12.23 -43.48
CA PRO B 225 -12.90 10.83 -43.93
C PRO B 225 -12.75 10.65 -45.45
N ALA B 226 -13.22 11.63 -46.23
CA ALA B 226 -13.15 11.59 -47.69
C ALA B 226 -11.74 11.92 -48.21
N THR B 227 -10.98 12.81 -47.52
CA THR B 227 -9.63 13.17 -47.95
C THR B 227 -8.58 12.40 -47.15
N GLY B 228 -8.92 12.04 -45.90
CA GLY B 228 -8.04 11.33 -44.99
C GLY B 228 -7.03 12.26 -44.35
N LYS B 229 -7.30 13.56 -44.39
CA LYS B 229 -6.42 14.58 -43.83
C LYS B 229 -7.07 15.27 -42.64
N SER B 230 -6.25 15.70 -41.68
CA SER B 230 -6.71 16.38 -40.48
C SER B 230 -6.02 17.72 -40.31
N ILE B 231 -6.73 18.69 -39.76
CA ILE B 231 -6.21 19.99 -39.38
C ILE B 231 -6.38 20.12 -37.86
N TYR B 232 -5.74 21.10 -37.25
CA TYR B 232 -5.85 21.36 -35.81
C TYR B 232 -6.22 22.79 -35.64
N LEU B 233 -7.14 23.09 -34.69
CA LEU B 233 -7.55 24.48 -34.45
C LEU B 233 -6.37 25.27 -33.95
N ASN B 234 -6.13 26.41 -34.59
CA ASN B 234 -5.04 27.33 -34.28
C ASN B 234 -5.47 28.23 -33.11
N ALA B 235 -5.42 27.69 -31.90
CA ALA B 235 -5.84 28.43 -30.71
C ALA B 235 -4.68 29.08 -29.93
N GLY B 236 -3.43 28.86 -30.35
CA GLY B 236 -2.25 29.40 -29.67
C GLY B 236 -1.68 28.38 -28.70
N ASP B 237 -0.88 28.86 -27.69
CA ASP B 237 -0.29 27.97 -26.69
C ASP B 237 -1.40 27.44 -25.80
N PRO B 238 -1.63 26.08 -25.80
CA PRO B 238 -2.75 25.53 -25.02
C PRO B 238 -2.48 25.41 -23.52
N THR B 239 -1.27 25.78 -23.06
CA THR B 239 -0.89 25.70 -21.66
C THR B 239 -1.86 26.48 -20.78
N ASP B 240 -2.37 25.79 -19.72
CA ASP B 240 -3.26 26.31 -18.66
C ASP B 240 -4.62 26.84 -19.18
N ARG B 241 -5.16 26.16 -20.21
CA ARG B 241 -6.44 26.51 -20.82
C ARG B 241 -7.31 25.27 -20.99
N TYR B 242 -8.63 25.43 -20.76
CA TYR B 242 -9.56 24.31 -20.96
C TYR B 242 -10.36 24.52 -22.23
N PHE B 243 -10.45 23.47 -23.09
CA PHE B 243 -11.20 23.48 -24.34
C PHE B 243 -12.34 22.53 -24.16
N THR B 244 -13.52 23.12 -23.95
CA THR B 244 -14.74 22.43 -23.58
C THR B 244 -15.92 22.67 -24.55
N ASN B 245 -16.98 21.85 -24.37
CA ASN B 245 -18.30 21.93 -24.99
C ASN B 245 -18.28 22.21 -26.52
N ILE B 246 -17.57 21.34 -27.25
CA ILE B 246 -17.44 21.41 -28.70
C ILE B 246 -18.83 21.20 -29.32
N SER B 247 -19.20 22.09 -30.24
CA SER B 247 -20.48 22.14 -30.96
C SER B 247 -20.21 22.60 -32.42
N TRP B 248 -20.97 22.05 -33.37
CA TRP B 248 -20.86 22.35 -34.81
C TRP B 248 -21.89 23.32 -35.32
N ALA B 249 -21.47 24.19 -36.27
CA ALA B 249 -22.42 25.04 -37.01
C ALA B 249 -23.34 24.13 -37.84
N PRO B 250 -24.63 24.43 -38.01
CA PRO B 250 -25.49 23.54 -38.82
C PRO B 250 -24.99 23.28 -40.26
N ASP B 251 -24.26 24.24 -40.88
CA ASP B 251 -23.71 24.11 -42.24
C ASP B 251 -22.35 23.37 -42.29
N GLU B 252 -21.77 22.98 -41.12
CA GLU B 252 -20.50 22.24 -40.96
C GLU B 252 -19.25 23.07 -41.38
N LYS B 253 -19.38 24.41 -41.47
CA LYS B 253 -18.28 25.28 -41.92
C LYS B 253 -17.45 25.84 -40.78
N SER B 254 -18.02 25.87 -39.58
CA SER B 254 -17.32 26.35 -38.40
C SER B 254 -17.64 25.49 -37.18
N LEU B 255 -16.76 25.56 -36.19
CA LEU B 255 -16.86 24.82 -34.94
C LEU B 255 -16.86 25.82 -33.78
N TYR B 256 -17.64 25.53 -32.75
CA TYR B 256 -17.72 26.35 -31.55
C TYR B 256 -17.22 25.55 -30.37
N LEU B 257 -16.63 26.23 -29.40
CA LEU B 257 -16.21 25.64 -28.13
C LEU B 257 -16.26 26.72 -27.08
N ILE B 258 -16.20 26.34 -25.81
CA ILE B 258 -16.14 27.28 -24.69
C ILE B 258 -14.77 27.08 -24.04
N GLU B 259 -13.95 28.13 -24.03
CA GLU B 259 -12.61 28.15 -23.43
C GLU B 259 -12.72 28.70 -22.04
N VAL B 260 -12.08 28.01 -21.08
CA VAL B 260 -12.07 28.38 -19.68
C VAL B 260 -10.60 28.51 -19.30
N ASN B 261 -10.25 29.55 -18.53
CA ASN B 261 -8.88 29.77 -18.08
C ASN B 261 -8.55 28.81 -16.90
N ARG B 262 -7.25 28.75 -16.49
CA ARG B 262 -6.82 27.93 -15.36
C ARG B 262 -7.46 28.41 -14.06
N ASP B 263 -7.70 29.72 -13.90
CA ASP B 263 -8.31 30.23 -12.68
C ASP B 263 -9.83 29.94 -12.64
N GLN B 264 -10.37 29.46 -13.77
CA GLN B 264 -11.78 29.04 -13.91
C GLN B 264 -12.78 30.11 -13.52
N ASN B 265 -12.46 31.37 -13.79
CA ASN B 265 -13.34 32.52 -13.50
C ASN B 265 -13.68 33.27 -14.77
N HIS B 266 -13.20 32.81 -15.92
CA HIS B 266 -13.44 33.48 -17.20
C HIS B 266 -13.65 32.46 -18.32
N ALA B 267 -14.87 32.45 -18.89
CA ALA B 267 -15.25 31.57 -20.00
C ALA B 267 -15.49 32.39 -21.28
N LYS B 268 -15.15 31.84 -22.45
CA LYS B 268 -15.31 32.49 -23.77
C LYS B 268 -15.94 31.55 -24.78
N LEU B 269 -17.05 31.96 -25.44
CA LEU B 269 -17.63 31.19 -26.53
C LEU B 269 -16.88 31.57 -27.81
N CYS B 270 -16.17 30.63 -28.41
CA CYS B 270 -15.30 30.82 -29.58
C CYS B 270 -15.77 30.09 -30.80
N GLN B 271 -15.55 30.70 -31.96
CA GLN B 271 -15.81 30.10 -33.26
C GLN B 271 -14.48 29.86 -33.99
N TYR B 272 -14.39 28.73 -34.69
CA TYR B 272 -13.22 28.35 -35.48
C TYR B 272 -13.63 27.87 -36.86
N ASN B 273 -12.88 28.23 -37.92
CA ASN B 273 -13.13 27.76 -39.28
C ASN B 273 -12.82 26.24 -39.35
N ALA B 274 -13.78 25.42 -39.78
CA ALA B 274 -13.62 23.96 -39.85
C ALA B 274 -12.64 23.49 -40.95
N GLU B 275 -12.42 24.32 -41.97
CA GLU B 275 -11.56 23.99 -43.10
C GLU B 275 -10.10 24.36 -42.82
N THR B 276 -9.84 25.53 -42.17
CA THR B 276 -8.48 26.00 -41.92
C THR B 276 -8.04 25.89 -40.44
N GLY B 277 -9.01 25.84 -39.52
CA GLY B 277 -8.72 25.81 -38.09
C GLY B 277 -8.45 27.18 -37.51
N GLU B 278 -8.65 28.22 -38.31
CA GLU B 278 -8.42 29.61 -37.91
C GLU B 278 -9.53 30.15 -37.01
N PRO B 279 -9.15 30.93 -35.98
CA PRO B 279 -10.18 31.55 -35.12
C PRO B 279 -11.02 32.57 -35.90
N GLY B 281 -13.48 34.60 -34.05
CA GLY B 281 -14.03 35.55 -33.09
C GLY B 281 -14.62 34.96 -31.83
N VAL B 282 -14.91 35.85 -30.87
CA VAL B 282 -15.49 35.52 -29.58
C VAL B 282 -16.87 36.12 -29.58
N LEU B 283 -17.89 35.28 -29.42
CA LEU B 283 -19.30 35.65 -29.43
C LEU B 283 -19.81 36.13 -28.08
N TYR B 284 -19.26 35.59 -26.97
CA TYR B 284 -19.73 35.87 -25.60
C TYR B 284 -18.66 35.51 -24.60
N GLU B 285 -18.62 36.25 -23.48
CA GLU B 285 -17.66 36.03 -22.39
C GLU B 285 -18.39 36.07 -21.07
N GLU B 286 -18.08 35.14 -20.15
CA GLU B 286 -18.71 35.11 -18.82
C GLU B 286 -17.63 35.06 -17.76
N HIS B 288 -16.74 35.51 -13.26
CA HIS B 288 -17.28 35.41 -11.89
C HIS B 288 -16.11 35.48 -10.92
N PRO B 289 -16.17 36.23 -9.81
CA PRO B 289 -14.99 36.31 -8.91
C PRO B 289 -14.55 34.95 -8.33
N LYS B 290 -15.52 34.02 -8.13
CA LYS B 290 -15.34 32.66 -7.62
C LYS B 290 -15.07 31.72 -8.81
N TYR B 291 -16.09 31.26 -9.50
CA TYR B 291 -15.86 30.43 -10.68
C TYR B 291 -17.02 30.47 -11.63
N VAL B 292 -16.71 30.12 -12.87
CA VAL B 292 -17.60 29.91 -14.01
C VAL B 292 -17.43 28.46 -14.42
N GLU B 293 -18.54 27.77 -14.65
CA GLU B 293 -18.47 26.36 -14.98
C GLU B 293 -19.38 26.00 -16.16
N PRO B 294 -18.93 26.23 -17.43
CA PRO B 294 -19.73 25.76 -18.59
C PRO B 294 -19.77 24.22 -18.62
N GLN B 295 -20.96 23.64 -18.83
CA GLN B 295 -21.19 22.19 -18.83
C GLN B 295 -21.98 21.70 -20.05
N ASN B 296 -22.43 22.64 -20.91
CA ASN B 296 -23.25 22.26 -22.07
C ASN B 296 -22.87 23.01 -23.31
N PRO B 297 -22.83 22.32 -24.47
CA PRO B 297 -22.55 23.02 -25.73
C PRO B 297 -23.76 23.87 -26.16
N ILE B 298 -23.55 24.75 -27.18
CA ILE B 298 -24.62 25.57 -27.72
C ILE B 298 -25.44 24.69 -28.67
N VAL B 299 -26.74 24.94 -28.75
CA VAL B 299 -27.68 24.19 -29.59
C VAL B 299 -28.37 25.19 -30.53
N PHE B 300 -28.22 25.01 -31.85
CA PHE B 300 -28.86 25.87 -32.85
C PHE B 300 -30.30 25.48 -33.01
N LEU B 301 -31.15 26.46 -33.41
CA LEU B 301 -32.57 26.20 -33.64
C LEU B 301 -32.68 25.43 -34.91
N PRO B 302 -33.40 24.29 -34.93
CA PRO B 302 -33.49 23.49 -36.18
C PRO B 302 -34.17 24.23 -37.35
N TRP B 303 -35.04 25.22 -37.06
CA TRP B 303 -35.77 26.02 -38.06
C TRP B 303 -35.04 27.36 -38.38
N ASP B 304 -34.03 27.77 -37.59
CA ASP B 304 -33.30 29.04 -37.80
C ASP B 304 -31.81 28.93 -37.37
N PRO B 305 -30.87 28.67 -38.31
CA PRO B 305 -29.45 28.57 -37.92
C PRO B 305 -28.78 29.91 -37.57
N THR B 306 -29.53 31.03 -37.59
CA THR B 306 -28.97 32.34 -37.24
C THR B 306 -29.06 32.56 -35.73
N LYS B 307 -29.67 31.60 -35.00
CA LYS B 307 -29.86 31.66 -33.55
C LYS B 307 -29.56 30.32 -32.85
N PHE B 308 -29.05 30.39 -31.60
CA PHE B 308 -28.70 29.24 -30.78
C PHE B 308 -29.02 29.47 -29.30
N ILE B 309 -29.17 28.37 -28.56
CA ILE B 309 -29.43 28.40 -27.13
C ILE B 309 -28.15 28.12 -26.38
N TYR B 310 -27.80 29.03 -25.48
CA TYR B 310 -26.66 28.91 -24.58
C TYR B 310 -27.23 28.70 -23.17
N GLN B 311 -26.61 27.80 -22.40
CA GLN B 311 -27.01 27.44 -21.01
C GLN B 311 -26.12 28.16 -20.02
N SER B 312 -26.68 28.97 -19.13
CA SER B 312 -25.88 29.76 -18.19
C SER B 312 -26.53 29.89 -16.83
N GLN B 313 -25.69 30.00 -15.79
CA GLN B 313 -26.10 30.22 -14.41
C GLN B 313 -25.84 31.65 -13.97
N ARG B 314 -25.50 32.54 -14.91
CA ARG B 314 -25.17 33.94 -14.60
C ARG B 314 -26.19 34.64 -13.68
N ASP B 315 -27.49 34.29 -13.73
CA ASP B 315 -28.48 34.95 -12.85
C ASP B 315 -28.65 34.17 -11.52
N GLY B 316 -27.90 33.06 -11.38
CA GLY B 316 -27.91 32.23 -10.17
C GLY B 316 -28.47 30.83 -10.37
N TYR B 317 -29.14 30.58 -11.51
CA TYR B 317 -29.70 29.27 -11.83
C TYR B 317 -29.42 28.95 -13.29
N ASN B 318 -29.22 27.67 -13.62
CA ASN B 318 -28.98 27.31 -15.00
C ASN B 318 -30.24 27.58 -15.81
N HIS B 319 -30.15 28.49 -16.79
CA HIS B 319 -31.28 28.88 -17.62
C HIS B 319 -30.89 28.98 -19.07
N LEU B 320 -31.93 28.97 -19.94
CA LEU B 320 -31.74 29.04 -21.39
C LEU B 320 -31.73 30.47 -21.89
N TYR B 321 -30.74 30.77 -22.73
CA TYR B 321 -30.61 32.10 -23.33
C TYR B 321 -30.52 31.98 -24.82
N LEU B 322 -31.32 32.76 -25.53
CA LEU B 322 -31.29 32.75 -26.99
C LEU B 322 -30.34 33.86 -27.53
N PHE B 323 -29.28 33.42 -28.20
CA PHE B 323 -28.26 34.28 -28.78
C PHE B 323 -28.33 34.32 -30.30
N GLU B 324 -27.69 35.33 -30.93
CA GLU B 324 -27.58 35.50 -32.37
C GLU B 324 -26.22 34.98 -32.85
N THR B 325 -26.18 34.26 -33.98
CA THR B 325 -24.93 33.68 -34.54
C THR B 325 -23.94 34.78 -34.93
N ASN B 326 -24.43 35.94 -35.41
CA ASN B 326 -23.58 37.07 -35.82
C ASN B 326 -23.04 37.94 -34.64
N ALA B 327 -23.09 37.44 -33.37
CA ALA B 327 -22.69 38.15 -32.16
C ALA B 327 -21.21 38.64 -32.16
N ALA B 328 -20.26 37.81 -32.64
CA ALA B 328 -18.83 38.19 -32.71
C ALA B 328 -18.59 39.48 -33.56
N ASN B 329 -19.46 39.74 -34.57
CA ASN B 329 -19.38 40.88 -35.50
C ASN B 329 -20.39 41.99 -35.15
N LYS B 331 -21.70 44.99 -31.69
CA LYS B 331 -21.19 45.81 -30.59
C LYS B 331 -21.45 45.17 -29.24
N GLY B 332 -20.36 44.90 -28.53
CA GLY B 332 -20.38 44.27 -27.21
C GLY B 332 -20.33 45.26 -26.08
N GLU B 333 -21.08 44.95 -25.01
CA GLU B 333 -21.18 45.73 -23.77
C GLU B 333 -20.98 44.80 -22.57
N THR B 334 -20.42 45.32 -21.48
CA THR B 334 -20.22 44.56 -20.24
C THR B 334 -21.41 44.81 -19.34
N TYR B 335 -21.91 43.76 -18.65
CA TYR B 335 -23.04 43.80 -17.72
C TYR B 335 -22.72 43.06 -16.46
N ASN B 336 -23.37 43.44 -15.35
CA ASN B 336 -23.25 42.72 -14.08
C ASN B 336 -24.34 41.68 -14.06
N SER B 337 -24.11 40.53 -13.40
CA SER B 337 -25.13 39.49 -13.36
C SER B 337 -25.59 39.25 -11.93
N ALA B 338 -26.83 38.73 -11.76
CA ALA B 338 -27.46 38.54 -10.46
C ALA B 338 -26.64 37.61 -9.51
N ASN B 339 -25.79 36.69 -10.06
CA ASN B 339 -24.94 35.79 -9.27
C ASN B 339 -23.64 36.49 -8.73
N GLY B 340 -23.51 37.79 -8.98
CA GLY B 340 -22.35 38.56 -8.54
C GLY B 340 -21.22 38.58 -9.55
N GLY B 341 -21.48 38.03 -10.71
CA GLY B 341 -20.51 38.02 -11.78
C GLY B 341 -20.75 39.10 -12.81
N SER B 342 -20.14 38.94 -13.97
CA SER B 342 -20.26 39.87 -15.06
C SER B 342 -20.23 39.11 -16.39
N TYR B 343 -20.62 39.77 -17.50
CA TYR B 343 -20.57 39.13 -18.82
C TYR B 343 -20.41 40.18 -19.93
N PHE B 344 -19.78 39.78 -21.03
CA PHE B 344 -19.56 40.62 -22.21
C PHE B 344 -20.42 40.07 -23.31
N GLN B 345 -21.45 40.83 -23.68
CA GLN B 345 -22.46 40.39 -24.59
C GLN B 345 -22.74 41.38 -25.74
N ALA B 346 -22.94 40.85 -26.94
CA ALA B 346 -23.29 41.57 -28.16
C ALA B 346 -24.56 41.01 -28.77
N GLY B 347 -25.34 41.87 -29.39
CA GLY B 347 -26.58 41.49 -30.04
C GLY B 347 -27.75 41.38 -29.09
N LYS B 348 -28.89 40.94 -29.65
CA LYS B 348 -30.07 40.77 -28.82
C LYS B 348 -30.02 39.38 -28.17
N VAL B 349 -30.14 39.34 -26.84
CA VAL B 349 -30.14 38.10 -26.09
C VAL B 349 -31.43 38.05 -25.34
N LYS B 350 -32.11 36.91 -25.41
CA LYS B 350 -33.41 36.69 -24.80
C LYS B 350 -33.30 35.56 -23.75
N GLN B 351 -33.71 35.84 -22.51
CA GLN B 351 -33.75 34.82 -21.48
C GLN B 351 -35.08 34.06 -21.64
N LEU B 352 -34.99 32.80 -22.09
CA LEU B 352 -36.16 31.96 -22.37
C LEU B 352 -36.75 31.39 -21.11
N THR B 353 -35.92 31.02 -20.12
CA THR B 353 -36.44 30.44 -18.88
C THR B 353 -36.00 31.31 -17.72
N LYS B 354 -36.85 31.49 -16.70
CA LYS B 354 -36.51 32.31 -15.53
C LYS B 354 -37.24 31.79 -14.29
N GLY B 355 -36.63 31.93 -13.12
CA GLY B 355 -37.22 31.51 -11.84
C GLY B 355 -36.21 30.86 -10.91
N ASN B 356 -36.62 30.58 -9.66
CA ASN B 356 -35.75 29.94 -8.66
C ASN B 356 -35.81 28.43 -8.83
N TRP B 357 -35.32 27.96 -10.00
CA TRP B 357 -35.20 26.58 -10.45
C TRP B 357 -34.22 26.55 -11.60
N LEU B 358 -33.74 25.37 -11.96
CA LEU B 358 -32.76 25.26 -13.04
C LEU B 358 -33.16 24.24 -14.09
N VAL B 359 -32.63 24.42 -15.30
CA VAL B 359 -32.79 23.52 -16.44
C VAL B 359 -31.73 22.43 -16.31
N SER B 360 -32.17 21.17 -16.13
CA SER B 360 -31.25 20.01 -15.98
C SER B 360 -30.94 19.33 -17.33
N GLU B 361 -31.82 19.50 -18.35
CA GLU B 361 -31.57 18.91 -19.66
C GLU B 361 -32.41 19.56 -20.75
N ILE B 362 -31.80 19.78 -21.92
CA ILE B 362 -32.49 20.17 -23.15
C ILE B 362 -32.85 18.86 -23.82
N LEU B 363 -34.15 18.52 -23.84
CA LEU B 363 -34.60 17.27 -24.42
C LEU B 363 -34.59 17.33 -25.96
N GLY B 364 -34.79 18.53 -26.51
CA GLY B 364 -34.83 18.77 -27.95
C GLY B 364 -35.87 19.80 -28.33
N PHE B 365 -36.41 19.68 -29.55
CA PHE B 365 -37.34 20.67 -30.07
C PHE B 365 -38.57 20.10 -30.71
N ASN B 366 -39.65 20.90 -30.70
CA ASN B 366 -40.85 20.74 -31.51
C ASN B 366 -40.75 21.83 -32.59
N THR B 367 -40.26 21.46 -33.79
CA THR B 367 -39.97 22.37 -34.90
C THR B 367 -41.24 23.03 -35.45
N LYS B 368 -42.36 22.27 -35.49
CA LYS B 368 -43.64 22.79 -35.97
C LYS B 368 -44.15 23.93 -35.04
N ARG B 369 -44.15 23.71 -33.71
CA ARG B 369 -44.65 24.67 -32.74
C ARG B 369 -43.59 25.69 -32.28
N LYS B 370 -42.32 25.57 -32.78
CA LYS B 370 -41.13 26.41 -32.48
C LYS B 370 -40.84 26.47 -30.95
N GLU B 371 -40.86 25.29 -30.30
CA GLU B 371 -40.60 25.16 -28.87
C GLU B 371 -39.33 24.38 -28.58
N VAL B 372 -38.70 24.68 -27.44
CA VAL B 372 -37.60 23.93 -26.89
C VAL B 372 -38.23 23.20 -25.71
N ILE B 373 -38.05 21.87 -25.66
CA ILE B 373 -38.55 20.98 -24.60
C ILE B 373 -37.37 20.75 -23.65
N PHE B 374 -37.62 20.79 -22.32
CA PHE B 374 -36.55 20.65 -21.34
C PHE B 374 -37.03 20.06 -20.02
N THR B 375 -36.10 19.59 -19.17
CA THR B 375 -36.39 19.11 -17.80
C THR B 375 -35.93 20.21 -16.88
N ALA B 376 -36.68 20.49 -15.83
CA ALA B 376 -36.33 21.48 -14.83
C ALA B 376 -36.36 20.85 -13.45
N VAL B 377 -35.48 21.28 -12.53
CA VAL B 377 -35.37 20.75 -11.18
C VAL B 377 -35.14 21.84 -10.14
N GLU B 378 -35.47 21.54 -8.91
CA GLU B 378 -35.15 22.33 -7.74
C GLU B 378 -35.45 21.47 -6.54
N GLY B 379 -34.45 21.31 -5.67
CA GLY B 379 -34.55 20.50 -4.47
C GLY B 379 -35.06 19.12 -4.81
N LEU B 380 -36.21 18.77 -4.27
CA LEU B 380 -36.87 17.47 -4.40
C LEU B 380 -37.86 17.40 -5.56
N ARG B 381 -38.03 18.53 -6.29
CA ARG B 381 -39.02 18.69 -7.37
CA ARG B 381 -39.02 18.63 -7.36
C ARG B 381 -38.40 18.62 -8.74
N SER B 382 -39.14 18.05 -9.71
CA SER B 382 -38.69 17.90 -11.10
CA SER B 382 -38.69 17.99 -11.10
C SER B 382 -39.89 17.88 -12.03
N GLY B 383 -39.68 18.18 -13.32
CA GLY B 383 -40.75 18.13 -14.32
C GLY B 383 -40.30 18.41 -15.73
N HIS B 384 -41.13 18.08 -16.72
CA HIS B 384 -40.80 18.37 -18.12
C HIS B 384 -41.59 19.61 -18.55
N PHE B 385 -40.97 20.45 -19.39
CA PHE B 385 -41.53 21.72 -19.82
C PHE B 385 -41.19 22.05 -21.28
N ALA B 386 -41.90 23.02 -21.83
CA ALA B 386 -41.75 23.55 -23.18
C ALA B 386 -41.79 25.06 -23.11
N VAL B 387 -41.05 25.74 -23.98
CA VAL B 387 -41.10 27.20 -24.02
C VAL B 387 -41.05 27.58 -25.47
N ASN B 388 -41.98 28.45 -25.88
CA ASN B 388 -42.01 28.94 -27.24
C ASN B 388 -40.82 29.89 -27.39
N VAL B 389 -39.93 29.60 -28.31
CA VAL B 389 -38.71 30.38 -28.52
C VAL B 389 -39.01 31.81 -29.01
N SER B 390 -40.07 31.99 -29.80
CA SER B 390 -40.39 33.32 -30.29
C SER B 390 -40.93 34.29 -29.19
N ASN B 391 -42.00 33.90 -28.44
CA ASN B 391 -42.60 34.79 -27.44
C ASN B 391 -42.13 34.57 -25.99
N GLY B 392 -41.60 33.38 -25.69
CA GLY B 392 -41.15 33.04 -24.35
C GLY B 392 -42.24 32.47 -23.45
N LYS B 393 -43.40 32.08 -24.00
CA LYS B 393 -44.48 31.48 -23.22
C LYS B 393 -44.09 30.04 -22.77
N ILE B 394 -44.10 29.82 -21.45
CA ILE B 394 -43.79 28.53 -20.84
C ILE B 394 -45.08 27.69 -20.75
N SER B 395 -44.97 26.38 -20.98
CA SER B 395 -46.10 25.43 -20.94
C SER B 395 -46.90 25.55 -19.61
N GLN B 396 -46.21 25.62 -18.46
CA GLN B 396 -46.83 25.78 -17.15
C GLN B 396 -45.80 26.25 -16.13
N PRO B 397 -46.20 26.91 -15.02
CA PRO B 397 -45.19 27.38 -14.05
C PRO B 397 -44.50 26.22 -13.33
N PHE B 398 -43.23 26.41 -12.91
CA PHE B 398 -42.47 25.36 -12.19
C PHE B 398 -43.18 24.92 -10.91
N GLU B 399 -43.96 25.83 -10.29
CA GLU B 399 -44.71 25.58 -9.08
C GLU B 399 -45.72 24.41 -9.19
N ASN B 400 -46.12 24.01 -10.41
CA ASN B 400 -47.03 22.87 -10.57
C ASN B 400 -46.34 21.49 -10.38
N CYS B 401 -45.00 21.48 -10.21
CA CYS B 401 -44.16 20.30 -9.98
C CYS B 401 -44.43 19.65 -8.66
N LYS B 402 -44.46 18.33 -8.66
CA LYS B 402 -44.58 17.52 -7.44
C LYS B 402 -43.17 16.99 -7.06
N GLU B 403 -43.02 16.46 -5.83
CA GLU B 403 -41.77 15.82 -5.41
C GLU B 403 -41.65 14.54 -6.22
N SER B 404 -40.68 14.47 -7.13
CA SER B 404 -40.41 13.34 -8.02
C SER B 404 -39.06 13.49 -8.70
N GLU B 405 -38.65 12.44 -9.40
CA GLU B 405 -37.41 12.41 -10.15
C GLU B 405 -37.77 12.05 -11.58
N HIS B 406 -37.78 13.02 -12.48
CA HIS B 406 -38.17 12.82 -13.90
C HIS B 406 -36.97 12.72 -14.79
N SER B 407 -37.09 11.86 -15.80
CA SER B 407 -36.15 11.61 -16.90
C SER B 407 -36.97 11.50 -18.19
N GLY B 408 -36.45 12.04 -19.28
CA GLY B 408 -37.18 12.03 -20.55
C GLY B 408 -36.39 11.80 -21.81
N THR B 409 -37.08 11.28 -22.86
CA THR B 409 -36.55 11.03 -24.20
C THR B 409 -37.61 11.55 -25.19
N LEU B 410 -37.22 12.51 -26.02
CA LEU B 410 -38.13 13.18 -26.93
C LEU B 410 -38.19 12.51 -28.28
N SER B 411 -39.39 12.46 -28.91
CA SER B 411 -39.52 11.89 -30.27
C SER B 411 -38.90 12.83 -31.31
N ALA B 412 -38.67 12.32 -32.54
CA ALA B 412 -38.06 13.07 -33.65
C ALA B 412 -38.76 14.43 -33.99
N SER B 413 -40.10 14.51 -33.88
CA SER B 413 -40.86 15.74 -34.18
C SER B 413 -41.09 16.61 -32.93
N GLY B 414 -40.74 16.07 -31.76
CA GLY B 414 -40.89 16.73 -30.48
C GLY B 414 -42.34 16.78 -30.04
N THR B 415 -43.17 15.85 -30.56
CA THR B 415 -44.61 15.78 -30.29
C THR B 415 -44.85 14.91 -29.06
N TYR B 416 -44.02 13.89 -28.85
CA TYR B 416 -44.15 12.99 -27.72
C TYR B 416 -42.82 12.80 -26.99
N LEU B 417 -42.98 12.31 -25.78
CA LEU B 417 -41.94 12.14 -24.78
CA LEU B 417 -41.93 12.13 -24.79
C LEU B 417 -42.06 10.79 -24.07
N ILE B 418 -40.92 10.14 -23.79
CA ILE B 418 -40.90 8.93 -22.95
C ILE B 418 -40.60 9.49 -21.56
N ASP B 419 -41.55 9.44 -20.63
CA ASP B 419 -41.33 9.99 -19.30
C ASP B 419 -41.05 8.88 -18.28
N ARG B 420 -39.83 8.82 -17.76
CA ARG B 420 -39.47 7.87 -16.71
C ARG B 420 -39.37 8.61 -15.42
N TYR B 421 -40.16 8.24 -14.42
CA TYR B 421 -40.03 8.92 -13.15
C TYR B 421 -40.18 7.95 -11.97
N SER B 422 -39.84 8.42 -10.77
CA SER B 422 -40.02 7.73 -9.49
C SER B 422 -40.42 8.74 -8.42
N THR B 423 -41.21 8.30 -7.46
CA THR B 423 -41.62 9.09 -6.29
C THR B 423 -41.32 8.20 -5.10
N LYS B 424 -41.41 8.75 -3.86
CA LYS B 424 -41.11 8.08 -2.59
C LYS B 424 -41.60 6.62 -2.54
N ASP B 425 -42.87 6.40 -2.93
CA ASP B 425 -43.50 5.08 -2.88
C ASP B 425 -43.69 4.38 -4.27
N GLN B 426 -43.44 5.10 -5.39
N GLN B 426 -43.44 5.10 -5.39
CA GLN B 426 -43.56 4.55 -6.76
CA GLN B 426 -43.56 4.52 -6.74
C GLN B 426 -42.14 4.27 -7.29
C GLN B 426 -42.14 4.27 -7.30
N PRO B 427 -41.67 3.00 -7.34
CA PRO B 427 -40.28 2.73 -7.79
C PRO B 427 -39.90 3.13 -9.23
N ARG B 428 -40.82 2.93 -10.21
CA ARG B 428 -40.58 3.26 -11.62
C ARG B 428 -41.90 3.32 -12.40
N VAL B 429 -42.16 4.46 -13.03
CA VAL B 429 -43.35 4.71 -13.84
C VAL B 429 -42.84 5.18 -15.17
N ILE B 430 -43.30 4.57 -16.28
CA ILE B 430 -42.93 4.97 -17.63
C ILE B 430 -44.21 5.23 -18.41
N ASN B 431 -44.35 6.47 -18.87
CA ASN B 431 -45.50 6.93 -19.65
C ASN B 431 -45.06 7.56 -20.94
N LEU B 432 -45.97 7.61 -21.92
CA LEU B 432 -45.80 8.37 -23.14
C LEU B 432 -46.58 9.65 -22.88
N VAL B 433 -45.97 10.80 -23.15
CA VAL B 433 -46.55 12.10 -22.83
C VAL B 433 -46.66 12.97 -24.11
N ASP B 434 -47.80 13.64 -24.28
CA ASP B 434 -48.06 14.59 -25.37
C ASP B 434 -47.39 15.92 -25.00
N THR B 435 -46.44 16.42 -25.82
CA THR B 435 -45.74 17.68 -25.45
C THR B 435 -46.56 18.98 -25.72
N LYS B 436 -47.80 18.85 -26.28
CA LYS B 436 -48.68 20.00 -26.51
C LYS B 436 -49.32 20.48 -25.20
N ASN B 437 -49.68 19.55 -24.31
CA ASN B 437 -50.37 19.84 -23.04
C ASN B 437 -49.76 19.08 -21.87
N PHE B 438 -48.71 18.28 -22.14
CA PHE B 438 -47.98 17.47 -21.16
C PHE B 438 -48.93 16.51 -20.41
N LYS B 439 -49.85 15.92 -21.16
CA LYS B 439 -50.79 14.92 -20.66
C LYS B 439 -50.30 13.53 -21.03
N GLU B 440 -50.39 12.58 -20.07
CA GLU B 440 -50.08 11.17 -20.30
C GLU B 440 -51.02 10.63 -21.36
N THR B 441 -50.46 9.91 -22.29
CA THR B 441 -51.17 9.38 -23.44
C THR B 441 -51.30 7.84 -23.29
N ALA B 442 -50.38 7.21 -22.52
CA ALA B 442 -50.33 5.77 -22.26
C ALA B 442 -49.33 5.44 -21.17
N ASN B 443 -49.64 4.45 -20.31
CA ASN B 443 -48.75 3.94 -19.28
C ASN B 443 -48.05 2.71 -19.82
N LEU B 444 -46.73 2.76 -19.96
CA LEU B 444 -45.94 1.63 -20.46
C LEU B 444 -45.52 0.69 -19.32
N LEU B 445 -45.26 1.24 -18.13
CA LEU B 445 -44.86 0.49 -16.92
C LEU B 445 -45.24 1.24 -15.66
N THR B 446 -45.67 0.49 -14.64
CA THR B 446 -45.90 0.95 -13.27
C THR B 446 -45.32 -0.17 -12.45
N ALA B 447 -44.00 -0.10 -12.22
CA ALA B 447 -43.28 -1.14 -11.50
C ALA B 447 -43.86 -1.37 -10.12
N GLU B 448 -43.95 -2.64 -9.73
CA GLU B 448 -44.35 -3.02 -8.37
C GLU B 448 -43.14 -2.88 -7.45
N ASN B 449 -43.40 -2.62 -6.16
CA ASN B 449 -42.40 -2.51 -5.10
C ASN B 449 -41.60 -3.81 -5.03
N PRO B 450 -40.25 -3.78 -5.26
CA PRO B 450 -39.47 -5.03 -5.20
C PRO B 450 -39.32 -5.60 -3.78
N TYR B 451 -39.65 -4.82 -2.76
CA TYR B 451 -39.55 -5.25 -1.37
C TYR B 451 -40.89 -5.73 -0.82
N ASP B 452 -41.82 -6.07 -1.71
CA ASP B 452 -43.13 -6.58 -1.28
C ASP B 452 -42.95 -7.92 -0.57
N GLY B 453 -43.51 -8.00 0.64
CA GLY B 453 -43.41 -9.17 1.50
C GLY B 453 -42.25 -9.13 2.46
N TYR B 454 -41.53 -8.00 2.54
CA TYR B 454 -40.40 -7.83 3.45
C TYR B 454 -40.71 -6.83 4.50
N GLN B 455 -40.07 -6.95 5.66
CA GLN B 455 -40.14 -5.95 6.72
C GLN B 455 -39.23 -4.79 6.27
N PRO B 457 -37.96 -0.49 6.82
CA PRO B 457 -37.94 0.68 7.69
C PRO B 457 -38.83 1.82 7.15
N SER B 458 -39.16 2.79 8.02
CA SER B 458 -39.95 3.96 7.62
C SER B 458 -39.01 5.05 7.11
N ILE B 459 -39.50 5.91 6.21
CA ILE B 459 -38.74 7.02 5.64
C ILE B 459 -39.53 8.30 5.79
N GLU B 460 -38.87 9.34 6.31
CA GLU B 460 -39.40 10.69 6.54
C GLU B 460 -38.43 11.70 5.97
N THR B 461 -38.96 12.77 5.36
CA THR B 461 -38.18 13.90 4.87
C THR B 461 -38.72 15.19 5.48
N GLY B 462 -37.86 16.18 5.59
CA GLY B 462 -38.22 17.48 6.12
C GLY B 462 -37.14 18.48 5.83
N THR B 463 -37.21 19.64 6.49
CA THR B 463 -36.23 20.73 6.36
C THR B 463 -35.88 21.27 7.73
N ILE B 464 -34.64 21.77 7.84
CA ILE B 464 -34.10 22.51 8.97
C ILE B 464 -33.27 23.67 8.35
N LYS B 465 -32.98 24.68 9.13
CA LYS B 465 -32.19 25.80 8.67
C LYS B 465 -30.69 25.46 8.71
N ALA B 466 -29.95 25.94 7.70
CA ALA B 466 -28.51 25.81 7.60
C ALA B 466 -27.82 26.62 8.73
N ALA B 467 -26.48 26.53 8.85
CA ALA B 467 -25.72 27.26 9.87
C ALA B 467 -25.78 28.79 9.63
N ASP B 468 -26.31 29.23 8.46
CA ASP B 468 -26.48 30.66 8.12
C ASP B 468 -27.79 31.25 8.70
N GLY B 469 -28.70 30.38 9.14
CA GLY B 469 -29.98 30.73 9.74
C GLY B 469 -31.09 31.05 8.76
N THR B 470 -30.80 31.05 7.44
CA THR B 470 -31.81 31.44 6.45
C THR B 470 -32.09 30.34 5.44
N THR B 471 -31.05 29.63 4.96
CA THR B 471 -31.16 28.56 3.94
C THR B 471 -31.84 27.32 4.52
N ASP B 472 -32.81 26.75 3.78
CA ASP B 472 -33.54 25.52 4.15
C ASP B 472 -32.83 24.31 3.58
N LEU B 473 -32.54 23.34 4.48
CA LEU B 473 -31.85 22.12 4.07
C LEU B 473 -32.78 20.95 4.13
N HIS B 474 -32.79 20.11 3.09
CA HIS B 474 -33.61 18.88 3.05
C HIS B 474 -32.88 17.74 3.74
N TYR B 475 -33.58 16.99 4.58
CA TYR B 475 -33.03 15.82 5.25
C TYR B 475 -33.94 14.62 5.04
N ARG B 476 -33.35 13.41 5.13
CA ARG B 476 -34.10 12.16 5.12
C ARG B 476 -33.78 11.44 6.45
N LEU B 477 -34.83 10.95 7.13
CA LEU B 477 -34.74 10.24 8.41
C LEU B 477 -35.37 8.85 8.30
N LYS B 479 -36.17 5.08 10.21
CA LYS B 479 -36.35 4.37 11.49
C LYS B 479 -36.61 2.86 11.27
N PRO B 480 -36.22 1.95 12.21
CA PRO B 480 -36.62 0.52 12.08
C PRO B 480 -38.14 0.36 12.07
N ALA B 481 -38.64 -0.71 11.45
CA ALA B 481 -40.08 -0.99 11.32
C ALA B 481 -40.82 -1.07 12.69
N ASN B 482 -40.17 -1.65 13.71
CA ASN B 482 -40.72 -1.85 15.06
C ASN B 482 -40.40 -0.66 16.00
N PHE B 483 -40.18 0.51 15.42
CA PHE B 483 -39.81 1.75 16.09
C PHE B 483 -40.76 2.08 17.23
N ASP B 484 -40.17 2.37 18.41
CA ASP B 484 -40.86 2.72 19.63
C ASP B 484 -40.30 4.06 20.11
N PRO B 485 -41.12 5.13 20.18
CA PRO B 485 -40.58 6.45 20.53
C PRO B 485 -40.27 6.63 22.03
N ALA B 486 -40.46 5.56 22.81
CA ALA B 486 -40.19 5.49 24.25
C ALA B 486 -38.77 4.96 24.52
N LYS B 487 -38.16 4.26 23.54
CA LYS B 487 -36.80 3.70 23.59
C LYS B 487 -35.77 4.67 23.00
N LYS B 488 -34.48 4.48 23.29
CA LYS B 488 -33.35 5.28 22.78
C LYS B 488 -32.63 4.49 21.71
N TYR B 489 -32.31 5.15 20.59
CA TYR B 489 -31.67 4.49 19.46
C TYR B 489 -30.33 5.12 19.05
N PRO B 490 -29.36 4.29 18.59
CA PRO B 490 -28.12 4.88 18.03
C PRO B 490 -28.42 5.48 16.65
N VAL B 491 -27.58 6.44 16.19
CA VAL B 491 -27.79 7.11 14.91
C VAL B 491 -26.55 7.01 14.06
N ILE B 492 -26.74 6.79 12.76
CA ILE B 492 -25.63 6.82 11.80
C ILE B 492 -26.01 7.89 10.75
N VAL B 493 -25.17 8.92 10.65
CA VAL B 493 -25.29 9.97 9.67
C VAL B 493 -24.59 9.50 8.39
N TYR B 494 -25.32 9.34 7.28
CA TYR B 494 -24.70 9.08 5.99
C TYR B 494 -24.42 10.46 5.35
N VAL B 495 -23.15 10.74 4.99
CA VAL B 495 -22.79 12.04 4.44
C VAL B 495 -22.07 11.88 3.09
N TYR B 496 -22.32 12.81 2.17
CA TYR B 496 -21.56 13.05 0.95
C TYR B 496 -21.15 14.52 1.06
N GLY B 497 -22.09 15.42 0.74
CA GLY B 497 -21.96 16.85 0.95
C GLY B 497 -21.08 17.65 0.02
N GLY B 498 -20.63 17.04 -1.04
CA GLY B 498 -19.79 17.73 -2.00
C GLY B 498 -20.59 18.24 -3.15
N PRO B 499 -19.97 19.06 -4.03
CA PRO B 499 -20.72 19.57 -5.20
C PRO B 499 -21.03 18.47 -6.23
N HIS B 500 -21.97 18.76 -7.15
CA HIS B 500 -22.41 17.90 -8.24
C HIS B 500 -23.18 16.69 -7.74
N ALA B 501 -23.67 16.72 -6.49
CA ALA B 501 -24.43 15.57 -5.97
C ALA B 501 -25.49 16.01 -5.01
N GLN B 502 -26.56 15.20 -4.94
CA GLN B 502 -27.69 15.41 -4.05
C GLN B 502 -28.14 14.04 -3.52
N CYS B 503 -28.19 13.89 -2.18
CA CYS B 503 -28.52 12.63 -1.52
C CYS B 503 -30.02 12.46 -1.28
N VAL B 504 -30.72 13.55 -0.88
CA VAL B 504 -32.14 13.53 -0.58
C VAL B 504 -32.87 13.99 -1.85
N THR B 505 -33.62 13.06 -2.47
CA THR B 505 -34.36 13.30 -3.70
C THR B 505 -35.83 13.14 -3.46
N GLY B 506 -36.60 13.53 -4.47
CA GLY B 506 -38.04 13.36 -4.49
C GLY B 506 -38.42 12.04 -5.15
N GLY B 507 -37.41 11.28 -5.57
CA GLY B 507 -37.55 9.97 -6.18
C GLY B 507 -37.77 8.83 -5.18
N TRP B 508 -37.65 7.59 -5.67
CA TRP B 508 -37.89 6.33 -4.96
C TRP B 508 -37.08 6.22 -3.65
N GLN B 509 -37.80 6.09 -2.50
CA GLN B 509 -37.30 6.02 -1.12
C GLN B 509 -36.51 7.27 -0.74
N ASN B 510 -36.81 8.40 -1.42
CA ASN B 510 -36.16 9.70 -1.24
C ASN B 510 -34.63 9.59 -1.35
N GLY B 511 -34.19 8.69 -2.22
CA GLY B 511 -32.78 8.44 -2.51
C GLY B 511 -32.05 7.51 -1.56
N ALA B 512 -32.78 6.84 -0.64
CA ALA B 512 -32.16 5.89 0.31
C ALA B 512 -31.37 4.82 -0.44
N ARG B 513 -30.27 4.36 0.16
CA ARG B 513 -29.42 3.34 -0.45
C ARG B 513 -29.66 2.04 0.31
N GLY B 514 -29.17 0.92 -0.25
CA GLY B 514 -29.34 -0.40 0.33
C GLY B 514 -28.83 -0.51 1.75
N TRP B 515 -27.62 0.01 2.02
CA TRP B 515 -27.04 -0.08 3.36
C TRP B 515 -27.84 0.75 4.36
N ASP B 516 -28.48 1.87 3.94
CA ASP B 516 -29.39 2.67 4.78
C ASP B 516 -30.49 1.77 5.31
N THR B 517 -31.17 1.06 4.38
CA THR B 517 -32.24 0.10 4.64
C THR B 517 -31.77 -0.97 5.61
N TYR B 518 -30.60 -1.59 5.32
CA TYR B 518 -29.98 -2.62 6.14
C TYR B 518 -29.76 -2.18 7.59
N ALA B 520 -31.04 0.52 9.21
CA ALA B 520 -32.30 0.95 9.82
C ALA B 520 -33.07 -0.27 10.35
N SER B 521 -33.06 -1.37 9.61
CA SER B 521 -33.72 -2.60 10.00
C SER B 521 -32.98 -3.36 11.12
N LYS B 522 -31.69 -3.01 11.37
CA LYS B 522 -30.85 -3.58 12.41
C LYS B 522 -30.99 -2.78 13.76
N GLY B 523 -31.82 -1.73 13.79
CA GLY B 523 -32.10 -0.92 14.97
C GLY B 523 -31.41 0.43 15.05
N TYR B 524 -30.77 0.87 13.95
CA TYR B 524 -30.07 2.15 13.85
C TYR B 524 -30.88 3.17 13.09
N ILE B 525 -31.03 4.37 13.66
CA ILE B 525 -31.69 5.46 12.94
CA ILE B 525 -31.71 5.44 12.94
C ILE B 525 -30.68 5.93 11.89
N PHE B 527 -29.66 8.93 9.11
CA PHE B 527 -29.91 10.32 8.82
C PHE B 527 -28.98 10.84 7.74
N THR B 528 -29.53 11.63 6.82
CA THR B 528 -28.79 12.29 5.74
C THR B 528 -29.37 13.69 5.53
N ILE B 529 -28.53 14.68 5.42
CA ILE B 529 -28.95 16.06 5.16
C ILE B 529 -28.16 16.61 3.97
N ASP B 530 -28.83 17.28 3.03
CA ASP B 530 -28.10 17.87 1.91
C ASP B 530 -27.67 19.31 2.28
N ASN B 531 -26.39 19.44 2.67
CA ASN B 531 -25.80 20.71 3.10
C ASN B 531 -25.55 21.68 1.96
N ARG B 532 -25.24 22.96 2.31
CA ARG B 532 -24.83 23.98 1.34
C ARG B 532 -23.56 23.45 0.65
N GLY B 533 -23.51 23.61 -0.66
CA GLY B 533 -22.43 23.06 -1.48
C GLY B 533 -22.95 21.98 -2.40
N SER B 534 -24.01 21.26 -2.00
CA SER B 534 -24.65 20.20 -2.80
C SER B 534 -25.41 20.82 -4.00
N SER B 535 -25.91 19.98 -4.92
CA SER B 535 -26.51 20.45 -6.18
C SER B 535 -28.05 20.58 -6.20
N ASN B 536 -28.57 21.13 -7.33
CA ASN B 536 -29.98 21.31 -7.70
C ASN B 536 -30.69 22.33 -6.83
N ARG B 537 -29.93 23.34 -6.35
CA ARG B 537 -30.42 24.41 -5.48
C ARG B 537 -29.91 25.80 -5.90
N GLY B 538 -29.25 25.86 -7.06
CA GLY B 538 -28.65 27.08 -7.60
C GLY B 538 -27.20 27.27 -7.17
N LEU B 539 -26.55 28.25 -7.79
CA LEU B 539 -25.16 28.61 -7.58
C LEU B 539 -24.86 29.22 -6.20
N THR B 540 -25.75 30.07 -5.65
CA THR B 540 -25.49 30.72 -4.34
C THR B 540 -25.38 29.67 -3.24
N PHE B 541 -26.31 28.69 -3.24
CA PHE B 541 -26.33 27.56 -2.32
C PHE B 541 -25.05 26.74 -2.44
N GLU B 542 -24.58 26.55 -3.68
CA GLU B 542 -23.40 25.78 -4.00
C GLU B 542 -22.07 26.48 -3.65
N ASN B 543 -21.86 27.74 -4.08
CA ASN B 543 -20.54 28.38 -3.93
C ASN B 543 -20.29 29.05 -2.55
N ALA B 544 -21.17 28.80 -1.58
CA ALA B 544 -21.04 29.28 -0.20
C ALA B 544 -19.76 28.66 0.50
N THR B 545 -19.26 27.55 -0.05
CA THR B 545 -18.10 26.76 0.40
C THR B 545 -16.76 27.15 -0.27
N PHE B 546 -16.77 28.12 -1.21
CA PHE B 546 -15.59 28.50 -2.00
C PHE B 546 -14.38 28.81 -1.14
N ARG B 547 -13.24 28.18 -1.49
CA ARG B 547 -11.89 28.32 -0.90
C ARG B 547 -11.76 27.70 0.51
N ARG B 548 -12.84 27.08 1.04
CA ARG B 548 -12.85 26.45 2.37
C ARG B 548 -13.66 25.12 2.39
N LEU B 549 -13.44 24.23 1.41
CA LEU B 549 -14.17 22.97 1.24
C LEU B 549 -14.27 22.17 2.54
N GLY B 550 -15.48 21.73 2.88
CA GLY B 550 -15.73 20.98 4.11
C GLY B 550 -16.16 21.77 5.31
N ILE B 551 -15.77 23.07 5.43
CA ILE B 551 -16.04 23.91 6.61
C ILE B 551 -17.54 24.23 6.82
N GLU B 552 -18.19 24.86 5.84
CA GLU B 552 -19.60 25.24 5.98
C GLU B 552 -20.48 23.99 5.92
N GLU B 553 -19.99 22.94 5.24
CA GLU B 553 -20.60 21.62 5.09
C GLU B 553 -20.69 20.94 6.46
N GLY B 554 -19.59 21.00 7.21
CA GLY B 554 -19.53 20.45 8.56
C GLY B 554 -20.48 21.16 9.50
N LYS B 555 -20.49 22.50 9.45
CA LYS B 555 -21.35 23.37 10.26
C LYS B 555 -22.81 22.99 10.05
N ASP B 556 -23.21 22.74 8.78
CA ASP B 556 -24.56 22.32 8.40
C ASP B 556 -24.87 20.87 8.88
N GLN B 557 -23.88 19.95 8.81
CA GLN B 557 -24.04 18.57 9.30
C GLN B 557 -24.23 18.56 10.82
N VAL B 558 -23.59 19.51 11.52
CA VAL B 558 -23.71 19.66 12.98
C VAL B 558 -25.12 20.22 13.34
N LYS B 559 -25.70 21.07 12.47
CA LYS B 559 -27.07 21.57 12.66
C LYS B 559 -28.04 20.40 12.53
N GLY B 560 -27.71 19.44 11.66
CA GLY B 560 -28.49 18.21 11.49
C GLY B 560 -28.45 17.35 12.74
N VAL B 561 -27.28 17.26 13.38
CA VAL B 561 -27.06 16.52 14.62
C VAL B 561 -27.80 17.21 15.78
N GLU B 562 -27.77 18.57 15.85
CA GLU B 562 -28.49 19.36 16.88
C GLU B 562 -30.02 19.12 16.78
N PHE B 563 -30.50 18.84 15.58
CA PHE B 563 -31.90 18.49 15.31
C PHE B 563 -32.17 17.09 15.92
N LEU B 564 -31.33 16.08 15.58
CA LEU B 564 -31.42 14.69 16.08
C LEU B 564 -31.41 14.65 17.62
N LYS B 565 -30.51 15.46 18.24
CA LYS B 565 -30.35 15.54 19.69
C LYS B 565 -31.60 16.11 20.35
N SER B 566 -32.43 16.83 19.59
CA SER B 566 -33.69 17.42 20.07
C SER B 566 -34.84 16.37 20.07
N LEU B 567 -34.59 15.16 19.50
CA LEU B 567 -35.55 14.05 19.44
C LEU B 567 -35.32 13.15 20.65
N PRO B 568 -36.38 12.87 21.46
CA PRO B 568 -36.16 12.11 22.71
C PRO B 568 -35.78 10.63 22.53
N TYR B 569 -36.01 10.04 21.33
CA TYR B 569 -35.66 8.64 21.03
C TYR B 569 -34.25 8.48 20.47
N VAL B 570 -33.51 9.57 20.39
CA VAL B 570 -32.13 9.53 19.91
C VAL B 570 -31.20 9.44 21.14
N ASP B 571 -30.30 8.45 21.13
CA ASP B 571 -29.22 8.34 22.12
C ASP B 571 -28.09 9.24 21.62
N SER B 572 -28.01 10.46 22.19
CA SER B 572 -27.02 11.51 21.86
C SER B 572 -25.57 11.08 22.03
N GLU B 573 -25.32 10.01 22.81
CA GLU B 573 -23.97 9.51 23.09
C GLU B 573 -23.53 8.38 22.10
N ARG B 574 -24.40 8.07 21.11
CA ARG B 574 -24.23 7.05 20.06
C ARG B 574 -24.52 7.60 18.65
N ILE B 575 -23.67 8.57 18.18
CA ILE B 575 -23.77 9.16 16.86
C ILE B 575 -22.52 8.77 16.09
N GLY B 576 -22.77 8.07 14.97
CA GLY B 576 -21.76 7.58 14.05
C GLY B 576 -21.91 8.30 12.73
N VAL B 577 -20.94 8.12 11.85
CA VAL B 577 -20.95 8.82 10.57
C VAL B 577 -20.22 7.96 9.50
N HIS B 578 -20.74 7.99 8.27
CA HIS B 578 -20.16 7.23 7.17
C HIS B 578 -20.35 8.00 5.86
N GLY B 579 -19.34 7.95 5.01
CA GLY B 579 -19.35 8.56 3.68
C GLY B 579 -18.23 8.02 2.82
N TRP B 580 -18.31 8.23 1.50
CA TRP B 580 -17.28 7.83 0.52
C TRP B 580 -16.85 9.01 -0.32
N SER B 581 -15.54 9.12 -0.68
CA SER B 581 -14.99 10.17 -1.60
C SER B 581 -14.98 11.55 -0.88
N PHE B 582 -15.82 12.55 -1.31
CA PHE B 582 -16.02 13.80 -0.57
C PHE B 582 -16.60 13.46 0.82
N GLY B 583 -17.44 12.41 0.84
CA GLY B 583 -18.06 11.90 2.04
C GLY B 583 -17.05 11.35 3.03
N GLY B 584 -15.97 10.78 2.48
CA GLY B 584 -14.84 10.26 3.25
C GLY B 584 -14.10 11.38 3.95
N HIS B 585 -13.95 12.50 3.24
CA HIS B 585 -13.32 13.73 3.77
C HIS B 585 -14.18 14.27 4.90
N THR B 587 -16.42 12.59 6.71
CA THR B 587 -16.45 11.66 7.85
C THR B 587 -15.24 11.95 8.72
N THR B 588 -14.03 12.03 8.11
CA THR B 588 -12.78 12.29 8.83
C THR B 588 -12.84 13.65 9.48
N ALA B 589 -13.19 14.72 8.72
CA ALA B 589 -13.30 16.12 9.22
C ALA B 589 -14.27 16.24 10.41
N LEU B 590 -15.45 15.61 10.34
CA LEU B 590 -16.43 15.64 11.44
C LEU B 590 -15.87 14.98 12.73
N LEU B 592 -12.64 14.79 13.51
CA LEU B 592 -11.53 15.63 13.96
C LEU B 592 -11.93 17.04 14.46
N ARG B 593 -12.98 17.67 13.86
CA ARG B 593 -13.42 19.03 14.23
C ARG B 593 -14.49 19.02 15.32
N TYR B 594 -15.24 17.91 15.44
CA TYR B 594 -16.30 17.75 16.45
C TYR B 594 -16.09 16.43 17.18
N PRO B 595 -14.95 16.26 17.91
CA PRO B 595 -14.65 14.96 18.53
C PRO B 595 -15.56 14.59 19.70
N GLU B 596 -16.31 15.56 20.21
CA GLU B 596 -17.27 15.36 21.29
C GLU B 596 -18.64 14.98 20.75
N ILE B 597 -18.84 15.04 19.41
CA ILE B 597 -20.14 14.72 18.80
C ILE B 597 -20.17 13.31 18.18
N PHE B 598 -19.27 13.03 17.23
CA PHE B 598 -19.19 11.79 16.44
C PHE B 598 -18.30 10.78 17.13
N LYS B 599 -18.84 9.59 17.42
CA LYS B 599 -18.18 8.57 18.20
C LYS B 599 -17.45 7.53 17.38
N VAL B 600 -18.08 7.12 16.28
CA VAL B 600 -17.56 6.10 15.37
C VAL B 600 -17.72 6.65 13.98
N GLY B 601 -16.72 6.45 13.14
CA GLY B 601 -16.79 6.87 11.75
C GLY B 601 -16.15 5.89 10.80
N VAL B 602 -16.71 5.76 9.59
CA VAL B 602 -16.14 4.93 8.54
C VAL B 602 -16.02 5.82 7.29
N ALA B 603 -14.79 6.05 6.84
CA ALA B 603 -14.46 6.88 5.69
C ALA B 603 -13.88 6.05 4.57
N GLY B 604 -14.51 6.09 3.42
CA GLY B 604 -14.02 5.38 2.26
C GLY B 604 -13.45 6.31 1.21
N GLY B 605 -12.35 5.87 0.56
CA GLY B 605 -11.61 6.58 -0.49
C GLY B 605 -11.60 8.07 -0.28
N PRO B 606 -11.14 8.57 0.89
CA PRO B 606 -11.31 10.00 1.14
C PRO B 606 -10.26 10.91 0.52
N VAL B 607 -10.62 12.20 0.47
CA VAL B 607 -9.68 13.27 0.20
C VAL B 607 -9.15 13.64 1.60
N ILE B 608 -7.83 13.67 1.81
CA ILE B 608 -7.29 14.04 3.12
C ILE B 608 -6.67 15.44 3.01
N ASP B 609 -5.84 15.63 1.97
CA ASP B 609 -5.17 16.87 1.65
C ASP B 609 -5.52 17.21 0.21
N TRP B 610 -6.11 18.41 0.01
CA TRP B 610 -6.55 18.92 -1.30
C TRP B 610 -5.36 19.13 -2.26
N GLY B 611 -4.14 19.18 -1.73
CA GLY B 611 -2.91 19.27 -2.49
C GLY B 611 -2.57 17.96 -3.22
N TYR B 612 -3.26 16.87 -2.87
CA TYR B 612 -3.08 15.61 -3.58
C TYR B 612 -4.18 15.42 -4.60
N TYR B 613 -5.19 16.32 -4.59
CA TYR B 613 -6.33 16.18 -5.48
C TYR B 613 -6.06 16.84 -6.84
N GLU B 614 -6.76 16.39 -7.90
CA GLU B 614 -6.64 16.85 -9.29
C GLU B 614 -6.90 18.35 -9.43
N ILE B 615 -6.19 18.97 -10.40
CA ILE B 615 -6.19 20.39 -10.74
C ILE B 615 -7.58 20.88 -11.12
N TYR B 617 -10.97 19.81 -10.83
CA TYR B 617 -11.98 19.89 -9.78
C TYR B 617 -11.47 20.73 -8.56
N GLY B 618 -10.25 20.45 -8.12
CA GLY B 618 -9.67 21.08 -6.96
C GLY B 618 -9.55 22.58 -7.02
N GLU B 619 -8.92 23.10 -8.09
CA GLU B 619 -8.68 24.54 -8.26
C GLU B 619 -9.94 25.31 -8.53
N ARG B 620 -11.02 24.64 -8.93
CA ARG B 620 -12.29 25.34 -9.11
C ARG B 620 -12.76 25.85 -7.75
N TYR B 621 -12.83 24.98 -6.73
CA TYR B 621 -13.37 25.37 -5.42
C TYR B 621 -12.33 25.83 -4.43
N ASP B 623 -8.98 27.13 -5.41
CA ASP B 623 -7.96 27.94 -6.09
C ASP B 623 -6.62 27.14 -5.98
N THR B 624 -5.43 27.76 -6.04
CA THR B 624 -4.17 27.01 -5.95
C THR B 624 -3.60 27.01 -4.54
N PRO B 625 -2.71 26.05 -4.15
CA PRO B 625 -2.06 26.13 -2.82
C PRO B 625 -1.28 27.44 -2.60
N GLU B 626 -0.78 28.05 -3.69
CA GLU B 626 -0.03 29.30 -3.70
C GLU B 626 -1.02 30.51 -3.54
N SER B 627 -2.21 30.43 -4.16
CA SER B 627 -3.26 31.48 -4.08
C SER B 627 -4.12 31.41 -2.79
N ASN B 628 -4.27 30.20 -2.21
CA ASN B 628 -5.10 29.95 -1.00
C ASN B 628 -4.30 29.11 0.02
N PRO B 629 -3.19 29.65 0.58
CA PRO B 629 -2.42 28.84 1.54
C PRO B 629 -3.21 28.54 2.81
N GLU B 630 -4.08 29.48 3.28
CA GLU B 630 -4.89 29.32 4.50
C GLU B 630 -5.96 28.27 4.35
N GLY B 631 -6.60 28.25 3.19
CA GLY B 631 -7.66 27.30 2.87
C GLY B 631 -7.12 25.89 2.83
N TYR B 632 -5.95 25.72 2.19
CA TYR B 632 -5.32 24.41 2.07
C TYR B 632 -4.81 23.91 3.41
N LYS B 633 -4.30 24.80 4.30
CA LYS B 633 -3.81 24.43 5.62
C LYS B 633 -4.98 23.92 6.50
N GLU B 634 -6.06 24.74 6.59
CA GLU B 634 -7.30 24.51 7.34
C GLU B 634 -8.02 23.21 6.93
N CYS B 635 -8.03 22.90 5.61
CA CYS B 635 -8.73 21.75 5.04
C CYS B 635 -7.80 20.53 4.83
N ASN B 636 -6.53 20.61 5.28
CA ASN B 636 -5.58 19.51 5.26
C ASN B 636 -5.75 18.75 6.58
N LEU B 637 -6.44 17.60 6.51
CA LEU B 637 -6.83 16.79 7.68
C LEU B 637 -5.66 16.17 8.39
N LYS B 638 -4.45 16.14 7.77
CA LYS B 638 -3.23 15.67 8.43
C LYS B 638 -2.90 16.63 9.60
N ASN B 639 -3.28 17.92 9.46
CA ASN B 639 -3.02 18.94 10.48
C ASN B 639 -3.83 18.76 11.74
N LEU B 640 -4.93 17.99 11.66
CA LEU B 640 -5.83 17.75 12.77
C LEU B 640 -5.72 16.31 13.33
N ALA B 641 -4.76 15.50 12.82
CA ALA B 641 -4.52 14.10 13.22
C ALA B 641 -4.53 13.88 14.75
N ASP B 642 -4.02 14.84 15.54
CA ASP B 642 -3.91 14.74 17.01
C ASP B 642 -5.27 14.86 17.72
N GLN B 643 -6.35 15.23 16.98
CA GLN B 643 -7.70 15.41 17.55
C GLN B 643 -8.53 14.15 17.60
N LEU B 644 -8.04 13.03 17.04
CA LEU B 644 -8.82 11.79 17.01
C LEU B 644 -8.93 11.15 18.42
N LYS B 645 -10.17 11.07 18.92
CA LYS B 645 -10.63 10.55 20.21
C LYS B 645 -11.41 9.24 20.02
N GLY B 646 -12.17 9.16 18.92
CA GLY B 646 -13.08 8.05 18.64
C GLY B 646 -12.51 7.01 17.71
N HIS B 647 -13.39 6.07 17.31
CA HIS B 647 -13.08 4.97 16.42
C HIS B 647 -13.28 5.38 14.97
N LEU B 648 -12.18 5.51 14.21
CA LEU B 648 -12.25 5.87 12.81
C LEU B 648 -11.59 4.80 11.94
N LEU B 649 -12.38 4.24 11.01
CA LEU B 649 -11.91 3.26 10.03
C LEU B 649 -11.82 3.94 8.67
N ILE B 650 -10.63 3.88 8.06
CA ILE B 650 -10.37 4.40 6.74
C ILE B 650 -10.21 3.25 5.78
N ILE B 651 -11.09 3.16 4.79
CA ILE B 651 -11.04 2.17 3.72
C ILE B 651 -10.57 2.86 2.45
N HIS B 652 -9.55 2.32 1.80
CA HIS B 652 -9.03 2.84 0.55
C HIS B 652 -8.77 1.67 -0.42
N ASP B 653 -9.00 1.88 -1.71
CA ASP B 653 -8.81 0.88 -2.76
C ASP B 653 -7.44 1.09 -3.41
N ASP B 654 -6.63 0.00 -3.59
CA ASP B 654 -5.24 0.10 -4.06
C ASP B 654 -5.09 0.62 -5.51
N HIS B 655 -6.16 0.58 -6.33
CA HIS B 655 -6.08 1.09 -7.71
C HIS B 655 -6.98 2.31 -7.90
N ASP B 656 -7.17 3.05 -6.81
CA ASP B 656 -7.94 4.28 -6.82
C ASP B 656 -7.11 5.40 -7.52
N ASP B 657 -7.58 5.85 -8.70
CA ASP B 657 -6.97 6.92 -9.49
C ASP B 657 -7.83 8.21 -9.49
N THR B 658 -8.80 8.30 -8.57
CA THR B 658 -9.62 9.48 -8.33
C THR B 658 -8.98 10.12 -7.11
N CYS B 659 -8.89 9.36 -5.98
CA CYS B 659 -8.19 9.74 -4.75
C CYS B 659 -7.02 8.84 -4.64
N VAL B 660 -5.82 9.31 -4.96
CA VAL B 660 -4.67 8.43 -4.89
C VAL B 660 -4.50 7.82 -3.47
N PRO B 661 -4.01 6.57 -3.36
CA PRO B 661 -3.87 5.94 -2.02
C PRO B 661 -2.97 6.73 -1.06
N GLN B 662 -2.10 7.64 -1.59
CA GLN B 662 -1.26 8.55 -0.82
C GLN B 662 -2.05 9.32 0.28
N HIS B 663 -3.32 9.75 -0.01
CA HIS B 663 -4.23 10.43 0.94
C HIS B 663 -4.32 9.71 2.30
N THR B 664 -4.74 8.45 2.28
CA THR B 664 -4.94 7.62 3.47
C THR B 664 -3.61 7.22 4.12
N LEU B 665 -2.60 6.80 3.35
CA LEU B 665 -1.35 6.41 3.97
C LEU B 665 -0.63 7.62 4.59
N SER B 666 -0.76 8.83 3.98
CA SER B 666 -0.15 10.04 4.56
C SER B 666 -0.90 10.45 5.83
N PHE B 667 -2.22 10.11 5.94
CA PHE B 667 -3.01 10.36 7.15
C PHE B 667 -2.59 9.36 8.26
N LYS B 669 0.39 8.00 8.66
CA LYS B 669 1.67 8.47 9.15
C LYS B 669 1.50 9.62 10.14
N ALA B 670 0.61 10.57 9.82
CA ALA B 670 0.33 11.71 10.69
C ALA B 670 -0.25 11.28 12.03
N CYS B 671 -1.10 10.24 12.07
CA CYS B 671 -1.69 9.73 13.31
C CYS B 671 -0.65 8.98 14.11
N VAL B 672 0.24 8.22 13.44
CA VAL B 672 1.30 7.48 14.14
C VAL B 672 2.14 8.51 14.91
N ASP B 673 2.58 9.58 14.23
CA ASP B 673 3.37 10.68 14.76
C ASP B 673 2.68 11.41 15.92
N ALA B 674 1.36 11.63 15.80
CA ALA B 674 0.53 12.35 16.79
C ALA B 674 0.04 11.43 17.92
N ARG B 675 0.32 10.12 17.80
CA ARG B 675 -0.07 9.03 18.71
C ARG B 675 -1.59 8.91 18.80
N THR B 676 -2.25 8.89 17.65
CA THR B 676 -3.70 8.63 17.56
C THR B 676 -3.86 7.28 16.81
N TYR B 677 -4.97 6.60 17.06
CA TYR B 677 -5.12 5.22 16.59
C TYR B 677 -6.32 4.98 15.65
N PRO B 678 -6.24 5.44 14.40
CA PRO B 678 -7.28 5.08 13.43
C PRO B 678 -7.06 3.64 12.93
N ASP B 679 -8.10 3.03 12.34
CA ASP B 679 -8.01 1.71 11.72
C ASP B 679 -8.03 1.90 10.20
N LEU B 680 -7.48 0.92 9.49
CA LEU B 680 -7.35 0.96 8.04
C LEU B 680 -7.76 -0.35 7.37
N PHE B 681 -8.17 -0.28 6.10
CA PHE B 681 -8.43 -1.42 5.24
C PHE B 681 -8.17 -1.03 3.78
N ILE B 682 -7.49 -1.94 3.05
CA ILE B 682 -7.20 -1.74 1.63
C ILE B 682 -7.90 -2.84 0.82
N TYR B 683 -8.68 -2.47 -0.18
CA TYR B 683 -9.26 -3.43 -1.11
C TYR B 683 -8.34 -3.49 -2.31
N PRO B 684 -7.55 -4.57 -2.50
CA PRO B 684 -6.65 -4.61 -3.65
C PRO B 684 -7.44 -4.83 -4.93
N CYS B 685 -6.95 -4.30 -6.07
CA CYS B 685 -7.55 -4.46 -7.42
C CYS B 685 -8.94 -3.83 -7.55
N HIS B 686 -9.18 -2.74 -6.86
CA HIS B 686 -10.43 -2.03 -6.98
C HIS B 686 -10.11 -0.60 -7.30
N LYS B 687 -10.96 0.06 -8.11
CA LYS B 687 -10.78 1.46 -8.50
C LYS B 687 -11.38 2.33 -7.40
N HIS B 688 -11.74 3.60 -7.62
CA HIS B 688 -12.27 4.48 -6.55
C HIS B 688 -13.37 3.82 -5.67
N ASN B 689 -14.32 3.11 -6.30
CA ASN B 689 -15.37 2.36 -5.61
C ASN B 689 -15.21 0.85 -5.80
N VAL B 690 -15.56 0.09 -4.75
CA VAL B 690 -15.58 -1.38 -4.78
C VAL B 690 -16.81 -1.77 -5.58
N ALA B 691 -16.62 -2.45 -6.72
CA ALA B 691 -17.70 -2.90 -7.60
C ALA B 691 -17.81 -4.44 -7.62
N GLY B 692 -18.97 -4.99 -8.01
CA GLY B 692 -19.15 -6.43 -8.08
C GLY B 692 -19.37 -7.08 -6.71
N ARG B 693 -19.22 -8.43 -6.64
CA ARG B 693 -19.49 -9.22 -5.43
C ARG B 693 -18.76 -8.71 -4.17
N ASP B 694 -17.55 -8.11 -4.32
CA ASP B 694 -16.76 -7.58 -3.20
C ASP B 694 -17.41 -6.37 -2.54
N ARG B 695 -18.41 -5.74 -3.18
CA ARG B 695 -19.13 -4.61 -2.59
C ARG B 695 -19.96 -5.05 -1.40
N VAL B 696 -20.36 -6.35 -1.36
CA VAL B 696 -21.09 -7.00 -0.27
C VAL B 696 -20.12 -7.16 0.90
N HIS B 697 -18.86 -7.63 0.60
CA HIS B 697 -17.80 -7.79 1.60
C HIS B 697 -17.56 -6.43 2.26
N LEU B 698 -17.48 -5.36 1.44
CA LEU B 698 -17.30 -3.99 1.92
C LEU B 698 -18.37 -3.58 2.93
N HIS B 699 -19.66 -3.86 2.64
CA HIS B 699 -20.75 -3.45 3.52
C HIS B 699 -20.89 -4.31 4.76
N GLU B 700 -20.39 -5.53 4.74
CA GLU B 700 -20.34 -6.39 5.92
C GLU B 700 -19.25 -5.84 6.86
N LYS B 701 -18.09 -5.44 6.32
CA LYS B 701 -16.99 -4.87 7.06
C LYS B 701 -17.44 -3.52 7.73
N ILE B 702 -18.16 -2.67 7.00
CA ILE B 702 -18.69 -1.39 7.52
C ILE B 702 -19.73 -1.67 8.65
N THR B 703 -20.70 -2.58 8.40
CA THR B 703 -21.69 -2.97 9.40
C THR B 703 -20.99 -3.43 10.68
N ARG B 704 -20.01 -4.37 10.56
CA ARG B 704 -19.23 -4.95 11.66
C ARG B 704 -18.53 -3.93 12.50
N TYR B 705 -17.95 -2.90 11.86
CA TYR B 705 -17.27 -1.81 12.56
C TYR B 705 -18.23 -1.02 13.44
N PHE B 706 -19.44 -0.71 12.95
CA PHE B 706 -20.44 0.03 13.71
C PHE B 706 -21.05 -0.82 14.83
N GLU B 707 -21.27 -2.12 14.60
CA GLU B 707 -21.81 -3.04 15.62
C GLU B 707 -20.83 -3.22 16.78
N GLN B 708 -19.53 -3.27 16.48
CA GLN B 708 -18.54 -3.44 17.53
C GLN B 708 -18.29 -2.15 18.33
N ASN B 709 -18.31 -0.97 17.69
CA ASN B 709 -17.90 0.26 18.36
C ASN B 709 -19.01 1.31 18.67
N LEU B 710 -20.21 1.17 18.11
CA LEU B 710 -21.27 2.15 18.38
C LEU B 710 -22.33 1.56 19.30
#